data_9E8A
#
_entry.id   9E8A
#
_cell.length_a   1.00
_cell.length_b   1.00
_cell.length_c   1.00
_cell.angle_alpha   90.00
_cell.angle_beta   90.00
_cell.angle_gamma   90.00
#
_symmetry.space_group_name_H-M   'P 1'
#
loop_
_entity.id
_entity.type
_entity.pdbx_description
1 polymer 'Integrin alpha-IIb'
2 polymer 'Integrin beta-3'
3 polymer GLY-ARG-GLY-ASP
4 branched 2-acetamido-2-deoxy-beta-D-glucopyranose-(1-4)-2-acetamido-2-deoxy-beta-D-glucopyranose
5 branched beta-D-mannopyranose-(1-4)-2-acetamido-2-deoxy-beta-D-glucopyranose-(1-4)-2-acetamido-2-deoxy-beta-D-glucopyranose
6 branched 2-acetamido-2-deoxy-beta-D-glucopyranose-(1-4)-2-acetamido-2-deoxy-beta-D-glucopyranose-(1-4)-beta-D-mannopyranose-(1-6)-beta-D-mannopyranose
7 non-polymer 'CALCIUM ION'
8 non-polymer 2-acetamido-2-deoxy-beta-D-glucopyranose
9 non-polymer 'MAGNESIUM ION'
#
loop_
_entity_poly.entity_id
_entity_poly.type
_entity_poly.pdbx_seq_one_letter_code
_entity_poly.pdbx_strand_id
1 'polypeptide(L)'
;MARALCPLQALWLLEWVLLLLGPCAAPPAWALNLDPVQLTFYAGPNGSQFGFSLDFHKDSHGRVAIVVGAPRTLGPSQEE
TGGVFLCPWRAEGGQCPSLLFDLRDETRNVGSQTLQTFKARQGLGASVVSWSDVIVACAPWQHWNVLEKTEEAEKTPVGS
CFLAQPESGRRAEYSPCRGNTLSRIYVENDFSWDKRYCEAGFSSVVTQAGELVLGAPGGYYFLGLLAQAPVADIFSSYRP
GILLWHVSSQSLSFDSSNPEYFDGYWGYSVAVGEFDGDLNTTEYVVGAPTWSWTLGAVEILDSYYQRLHRLRGEQMASYF
GHSVAVTDVNGDGRHDLLVGAPLYMESRADRKLAEVGRVYLFLQPRGPHALGAPSLLLTGTQLYGRFGSAIAPLGDLDRD
GYNDIAVAAPYGGPSGRGQVLVFLGQSEGLRSRPSQVLDSPFPTGSAFGFSLRGAVDIDDNGYPDLIVGAYGANQVAVYR
AQPVVKASVQLLVQDSLNPAVKSCVLPQTKTPVSCFNIQMCVGATGHNIPQKLSLNAELQLDRQKPRQGRRVLLLGSQQA
GTTLNLDLGGKHSPICHTTMAFLRDEADFRDKLSPIVLSLNVSLPPTEAGMAPAVVLHGDTHVQEQTRIVLDCGEDDVCV
PQLQLTASVTGSPLLVGADNVLELQMDAANEGEGAYEAELAVHLPQGAHYMRALSNVEGFERLICNQKKENETRVVLCEL
GNPMKKNAQIGIAMLVSVGNLEEAGESVSFQLQIRSKNSQNPNSKIVLLDVPVRAEAQVELRGNSFPASLVVAAEEGERE
QNSLDSWGPKVEHTYELHNNGPGTVNGLHLSIHLPGQSQPSDLLYILDIQPQGGLQCFPQPPVNPLKVDWGLPIPSPSPI
HPAHHKRDRRQIFLPEPEQPSRLQDPVLVSCDSAPCTVVQCDLQEMARGQRAMVTVLAFLWLPSLYQRPLDQFVLQSHAW
FNVSSLPYAVPPLSLPRGEAQVWTQLLRALEERAIPIWWVLVGVLGGLLLLTILVLAMWKVGFFKRNRPPLEEDDEEGE
;
A
2 'polypeptide(L)'
;MRARPRPRPLWATVLALGALAGVGVGGPNICTTRGVSSCQQCLAVSPMCAWCSDEALPLGSPRCDLKENLLKDNCAPESI
EFPVSEARVLEDRPLSDKGSGDSSQVTQVSPQRIALRLRPDDSKNFSIQVRQVEDYPVDIYYLMDLSYSMKDDLWSIQNL
GTKLATQMRKLTSNLRIGFGAFVDKPVSPYMYISPPEALENPCYDMKTTCLPMFGYKHVLTLTDQVTRFNEEVKKQSVSR
NRDAPEGGFDAIMQATVCDEKIGWRNDASHLLVFTTDAKTHIALDGRLAGIVQPNDGQCHVGSDNHYSASTTMDYPSLGL
MTEKLSQKNINLIFAVTENVVNLYQNYSELIPGTTVGVLSMDSSNVLQLIVDAYGKIRSKVELEVRDLPEELSLSFNATC
LNNEVIPGLKSCMGLKIGDTVSFSIEAKVRGCPQEKEKSFTIKPVGFKDSLIVQVTFDCDCACQAQAEPNSHRCNNGNGT
FECGVCRCGPGWLGSQCECSEEDYRPSQQDECSPREGQPVCSQRGECLCGQCVCHSSDFGKITGKYCECDDFSCVRYKGE
MCSGHGQCSCGDCLCDSDWTGYYCNCTTRTDTCMSSNGLLCSGRGKCECGSCVCIQPGSYGDTCEKCPTCPDACTFKKEC
VECKKFDRGALHDENTCNRYCRDEIESVKELKDTGKDAVNCTYKNEDDCVVRFQYYEDSSGKSILYVVEEPECPKGPDIL
VVLLSVMGAILLIGLAALLIWKLLITIHDRKEFAKFEEERARAKWDTANNPLYKEATSTFTNITYRGT
;
B
3 'polypeptide(L)' GRGD C
#
# COMPACT_ATOMS: atom_id res chain seq x y z
N LEU A 32 -14.19 20.42 5.96
CA LEU A 32 -15.36 20.77 5.16
C LEU A 32 -15.70 22.24 5.27
N ASN A 33 -15.98 22.70 6.49
CA ASN A 33 -16.40 24.07 6.74
C ASN A 33 -15.29 24.95 7.27
N LEU A 34 -14.05 24.46 7.31
CA LEU A 34 -12.93 25.32 7.66
C LEU A 34 -12.72 26.37 6.58
N ASP A 35 -12.49 27.62 7.01
CA ASP A 35 -12.35 28.72 6.07
C ASP A 35 -10.88 28.84 5.68
N PRO A 36 -10.50 28.53 4.45
CA PRO A 36 -9.10 28.63 4.03
C PRO A 36 -8.69 29.98 3.46
N VAL A 37 -9.52 31.01 3.57
CA VAL A 37 -9.22 32.33 3.03
C VAL A 37 -8.89 33.32 4.14
N GLN A 38 -9.75 33.41 5.15
CA GLN A 38 -9.53 34.31 6.28
C GLN A 38 -8.74 33.55 7.34
N LEU A 39 -7.42 33.58 7.21
CA LEU A 39 -6.52 32.93 8.16
C LEU A 39 -5.92 33.96 9.10
N THR A 40 -5.76 33.57 10.35
CA THR A 40 -5.07 34.39 11.34
C THR A 40 -3.66 33.84 11.54
N PHE A 41 -2.67 34.70 11.39
CA PHE A 41 -1.27 34.29 11.47
C PHE A 41 -0.64 34.87 12.73
N TYR A 42 -0.10 34.00 13.57
CA TYR A 42 0.69 34.39 14.72
C TYR A 42 2.16 34.13 14.42
N ALA A 43 2.99 35.14 14.62
CA ALA A 43 4.41 35.06 14.29
C ALA A 43 5.24 35.12 15.56
N GLY A 44 6.32 34.35 15.57
CA GLY A 44 7.25 34.35 16.67
C GLY A 44 8.60 34.89 16.25
N PRO A 45 9.56 34.88 17.16
CA PRO A 45 10.91 35.36 16.81
C PRO A 45 11.50 34.53 15.67
N ASN A 46 12.25 35.21 14.81
CA ASN A 46 12.80 34.55 13.64
C ASN A 46 13.80 33.48 14.05
N GLY A 47 13.62 32.27 13.52
CA GLY A 47 14.49 31.17 13.82
C GLY A 47 14.28 30.50 15.16
N SER A 48 13.17 30.79 15.84
CA SER A 48 12.90 30.22 17.15
C SER A 48 12.03 28.98 17.09
N GLN A 49 11.65 28.53 15.89
CA GLN A 49 10.75 27.39 15.74
C GLN A 49 9.43 27.61 16.45
N PHE A 50 8.97 28.87 16.45
CA PHE A 50 7.67 29.22 17.01
C PHE A 50 6.57 28.44 16.30
N GLY A 51 5.91 27.55 17.03
CA GLY A 51 4.92 26.67 16.44
C GLY A 51 5.27 25.20 16.46
N PHE A 52 6.38 24.83 17.10
CA PHE A 52 6.75 23.43 17.18
C PHE A 52 5.69 22.60 17.90
N SER A 53 4.98 23.21 18.85
CA SER A 53 3.89 22.55 19.55
C SER A 53 2.97 23.62 20.09
N LEU A 54 1.67 23.33 20.10
CA LEU A 54 0.68 24.32 20.51
C LEU A 54 -0.53 23.63 21.10
N ASP A 55 -1.30 24.40 21.86
CA ASP A 55 -2.52 23.90 22.48
C ASP A 55 -3.40 25.08 22.83
N PHE A 56 -4.69 24.80 22.99
CA PHE A 56 -5.65 25.83 23.40
C PHE A 56 -5.65 25.96 24.91
N HIS A 57 -5.67 27.20 25.39
CA HIS A 57 -5.71 27.49 26.82
C HIS A 57 -6.92 28.34 27.10
N LYS A 58 -7.81 27.86 27.97
CA LYS A 58 -9.01 28.57 28.37
C LYS A 58 -8.81 29.11 29.78
N ASP A 59 -8.73 30.43 29.91
CA ASP A 59 -8.48 31.05 31.20
C ASP A 59 -9.74 31.00 32.07
N SER A 60 -9.65 31.62 33.24
CA SER A 60 -10.78 31.61 34.17
C SER A 60 -12.00 32.30 33.58
N HIS A 61 -11.79 33.43 32.90
CA HIS A 61 -12.90 34.19 32.32
C HIS A 61 -13.60 33.44 31.19
N GLY A 62 -13.00 32.38 30.67
CA GLY A 62 -13.58 31.62 29.58
C GLY A 62 -12.98 31.92 28.23
N ARG A 63 -12.28 33.04 28.07
CA ARG A 63 -11.64 33.36 26.81
C ARG A 63 -10.59 32.32 26.47
N VAL A 64 -10.52 31.95 25.19
CA VAL A 64 -9.60 30.92 24.73
C VAL A 64 -8.38 31.60 24.13
N ALA A 65 -7.20 31.25 24.64
CA ALA A 65 -5.93 31.71 24.12
C ALA A 65 -5.15 30.52 23.60
N ILE A 66 -4.14 30.81 22.78
CA ILE A 66 -3.34 29.79 22.14
C ILE A 66 -1.97 29.75 22.80
N VAL A 67 -1.57 28.57 23.26
CA VAL A 67 -0.25 28.35 23.84
C VAL A 67 0.65 27.79 22.75
N VAL A 68 1.72 28.48 22.44
CA VAL A 68 2.64 28.10 21.37
C VAL A 68 4.02 27.90 21.96
N GLY A 69 4.64 26.77 21.64
CA GLY A 69 5.99 26.47 22.09
C GLY A 69 7.00 26.83 21.00
N ALA A 70 8.11 27.42 21.43
CA ALA A 70 9.20 27.81 20.54
C ALA A 70 10.49 27.21 21.11
N PRO A 71 10.80 25.96 20.78
CA PRO A 71 11.90 25.26 21.46
C PRO A 71 13.29 25.79 21.14
N ARG A 72 13.42 26.85 20.32
CA ARG A 72 14.74 27.40 20.03
C ARG A 72 14.80 28.90 20.28
N THR A 73 13.88 29.45 21.06
CA THR A 73 13.94 30.86 21.39
C THR A 73 15.18 31.16 22.19
N LEU A 74 15.86 32.25 21.84
CA LEU A 74 17.08 32.62 22.55
C LEU A 74 16.76 33.05 23.97
N GLY A 75 17.62 32.63 24.90
CA GLY A 75 17.46 33.00 26.29
C GLY A 75 18.20 34.28 26.61
N PRO A 76 18.29 34.60 27.90
CA PRO A 76 19.01 35.83 28.30
C PRO A 76 20.47 35.82 27.91
N SER A 77 21.12 34.66 27.90
CA SER A 77 22.53 34.54 27.56
C SER A 77 22.76 34.33 26.06
N GLN A 78 21.79 34.68 25.23
CA GLN A 78 21.91 34.49 23.78
C GLN A 78 22.13 33.02 23.43
N GLU A 79 21.43 32.14 24.15
CA GLU A 79 21.50 30.70 23.91
C GLU A 79 20.10 30.18 23.64
N GLU A 80 20.03 29.09 22.87
CA GLU A 80 18.75 28.55 22.42
C GLU A 80 18.12 27.71 23.54
N THR A 81 17.69 28.41 24.59
CA THR A 81 17.03 27.73 25.70
C THR A 81 15.61 27.33 25.33
N GLY A 82 14.89 28.19 24.63
CA GLY A 82 13.50 27.96 24.29
C GLY A 82 12.56 28.82 25.11
N GLY A 83 11.31 28.84 24.67
CA GLY A 83 10.31 29.65 25.34
C GLY A 83 8.91 29.23 24.97
N VAL A 84 7.95 29.80 25.69
CA VAL A 84 6.54 29.54 25.47
C VAL A 84 5.81 30.87 25.33
N PHE A 85 4.97 30.99 24.31
CA PHE A 85 4.21 32.19 24.04
C PHE A 85 2.73 31.92 24.24
N LEU A 86 2.05 32.82 24.93
CA LEU A 86 0.61 32.70 25.19
C LEU A 86 -0.10 33.72 24.31
N CYS A 87 -0.62 33.27 23.18
CA CYS A 87 -1.22 34.16 22.20
C CYS A 87 -2.69 34.38 22.51
N PRO A 88 -3.13 35.59 22.83
CA PRO A 88 -4.56 35.85 22.96
C PRO A 88 -5.24 35.79 21.61
N TRP A 89 -6.53 35.47 21.61
CA TRP A 89 -7.29 35.35 20.38
C TRP A 89 -7.57 36.74 19.81
N ARG A 90 -6.95 37.05 18.67
CA ARG A 90 -7.24 38.26 17.92
C ARG A 90 -7.53 37.87 16.47
N ALA A 91 -8.45 38.59 15.85
CA ALA A 91 -8.83 38.27 14.47
C ALA A 91 -7.65 38.41 13.53
N GLU A 92 -6.85 39.45 13.71
CA GLU A 92 -5.70 39.70 12.84
C GLU A 92 -4.42 39.04 13.32
N GLY A 93 -4.43 38.38 14.48
CA GLY A 93 -3.23 37.73 14.95
C GLY A 93 -2.11 38.72 15.25
N GLY A 94 -0.89 38.31 14.94
CA GLY A 94 0.28 39.13 15.13
C GLY A 94 1.26 38.51 16.11
N GLN A 95 1.93 39.37 16.87
CA GLN A 95 2.88 38.92 17.87
C GLN A 95 2.16 38.48 19.14
N CYS A 96 2.89 37.76 19.99
CA CYS A 96 2.34 37.28 21.25
C CYS A 96 3.29 37.61 22.40
N PRO A 97 2.76 37.76 23.60
CA PRO A 97 3.63 37.93 24.77
C PRO A 97 4.11 36.59 25.29
N SER A 98 5.41 36.52 25.56
CA SER A 98 6.02 35.28 26.03
C SER A 98 5.59 34.97 27.45
N LEU A 99 5.58 33.68 27.78
CA LEU A 99 5.29 33.22 29.13
C LEU A 99 6.62 32.94 29.84
N LEU A 100 6.96 33.79 30.80
CA LEU A 100 8.29 33.76 31.38
C LEU A 100 8.49 32.50 32.22
N PHE A 101 9.61 31.81 31.99
CA PHE A 101 10.04 30.69 32.80
C PHE A 101 11.49 30.93 33.21
N ASP A 102 11.89 30.29 34.31
CA ASP A 102 13.27 30.38 34.75
C ASP A 102 14.18 29.71 33.73
N LEU A 103 15.24 30.40 33.33
CA LEU A 103 16.13 29.92 32.28
C LEU A 103 17.60 29.99 32.70
N ARG A 104 17.88 30.08 33.99
CA ARG A 104 19.23 30.15 34.49
C ARG A 104 19.67 28.78 35.00
N ASP A 105 20.86 28.34 34.60
CA ASP A 105 21.38 27.07 35.07
C ASP A 105 21.50 27.08 36.59
N GLU A 106 21.02 26.02 37.22
CA GLU A 106 20.99 25.92 38.67
C GLU A 106 22.10 25.00 39.17
N THR A 107 22.41 25.13 40.45
CA THR A 107 23.47 24.33 41.06
C THR A 107 23.31 24.39 42.57
N ARG A 108 23.25 23.23 43.22
CA ARG A 108 23.15 23.17 44.67
CA ARG A 108 23.12 23.14 44.67
C ARG A 108 24.09 22.08 45.19
N ASN A 109 24.49 22.25 46.44
CA ASN A 109 25.40 21.31 47.11
C ASN A 109 24.62 20.60 48.21
N VAL A 110 24.19 19.38 47.92
CA VAL A 110 23.49 18.54 48.89
C VAL A 110 24.49 17.54 49.44
N GLY A 111 24.88 17.72 50.69
CA GLY A 111 25.88 16.84 51.28
C GLY A 111 27.18 16.93 50.51
N SER A 112 27.67 15.80 50.03
CA SER A 112 28.91 15.73 49.28
C SER A 112 28.70 15.84 47.77
N GLN A 113 27.45 15.92 47.32
CA GLN A 113 27.15 15.97 45.90
C GLN A 113 26.86 17.41 45.45
N THR A 114 27.00 17.63 44.15
CA THR A 114 26.78 18.94 43.54
C THR A 114 25.80 18.77 42.38
N LEU A 115 24.51 18.85 42.69
CA LEU A 115 23.50 18.74 41.65
C LEU A 115 23.60 19.91 40.68
N GLN A 116 23.48 19.63 39.40
CA GLN A 116 23.61 20.64 38.36
C GLN A 116 22.49 20.50 37.35
N THR A 117 22.07 21.64 36.81
CA THR A 117 21.07 21.69 35.75
C THR A 117 21.59 22.56 34.63
N PHE A 118 21.52 22.06 33.40
CA PHE A 118 21.98 22.78 32.21
C PHE A 118 20.80 22.99 31.29
N LYS A 119 20.47 24.24 31.02
CA LYS A 119 19.31 24.58 30.22
C LYS A 119 19.65 25.08 28.82
N ALA A 120 20.94 25.08 28.46
CA ALA A 120 21.31 25.50 27.12
C ALA A 120 20.84 24.46 26.11
N ARG A 121 20.12 24.91 25.09
CA ARG A 121 19.56 24.03 24.07
C ARG A 121 18.66 22.97 24.71
N GLN A 122 17.94 23.35 25.77
CA GLN A 122 17.02 22.44 26.44
C GLN A 122 15.75 22.20 25.65
N GLY A 123 15.47 23.02 24.63
CA GLY A 123 14.27 22.83 23.85
C GLY A 123 12.98 23.02 24.61
N LEU A 124 12.93 24.05 25.46
CA LEU A 124 11.70 24.34 26.18
C LEU A 124 10.59 24.70 25.20
N GLY A 125 9.37 24.24 25.50
CA GLY A 125 8.26 24.44 24.61
C GLY A 125 8.12 23.40 23.52
N ALA A 126 8.99 22.41 23.47
CA ALA A 126 8.87 21.34 22.49
C ALA A 126 7.61 20.50 22.70
N SER A 127 6.97 20.60 23.86
CA SER A 127 5.70 19.93 24.11
C SER A 127 4.93 20.78 25.12
N VAL A 128 3.85 21.40 24.67
CA VAL A 128 3.02 22.24 25.53
C VAL A 128 1.62 21.63 25.57
N VAL A 129 1.11 21.44 26.78
CA VAL A 129 -0.24 20.93 26.98
C VAL A 129 -0.92 21.77 28.04
N SER A 130 -2.17 22.13 27.80
CA SER A 130 -2.95 22.96 28.71
C SER A 130 -4.04 22.11 29.35
N TRP A 131 -4.17 22.23 30.67
CA TRP A 131 -5.24 21.56 31.40
C TRP A 131 -5.78 22.53 32.44
N SER A 132 -7.07 22.82 32.37
CA SER A 132 -7.73 23.72 33.32
C SER A 132 -7.04 25.07 33.25
N ASP A 133 -6.44 25.57 34.34
CA ASP A 133 -5.73 26.84 34.33
C ASP A 133 -4.22 26.66 34.40
N VAL A 134 -3.72 25.48 34.02
CA VAL A 134 -2.32 25.15 34.11
C VAL A 134 -1.78 24.92 32.71
N ILE A 135 -0.65 25.56 32.40
CA ILE A 135 0.06 25.37 31.14
C ILE A 135 1.31 24.56 31.44
N VAL A 136 1.48 23.45 30.73
CA VAL A 136 2.55 22.50 30.98
C VAL A 136 3.45 22.50 29.75
N ALA A 137 4.61 23.15 29.84
CA ALA A 137 5.58 23.17 28.78
C ALA A 137 6.83 22.42 29.22
N CYS A 138 7.22 21.42 28.44
CA CYS A 138 8.34 20.56 28.79
C CYS A 138 9.59 20.94 28.00
N ALA A 139 10.74 20.58 28.55
CA ALA A 139 12.04 20.79 27.91
C ALA A 139 12.70 19.42 27.78
N PRO A 140 12.49 18.72 26.66
CA PRO A 140 12.94 17.33 26.58
C PRO A 140 14.44 17.15 26.72
N TRP A 141 15.25 18.09 26.27
CA TRP A 141 16.69 17.89 26.16
C TRP A 141 17.48 18.69 27.19
N GLN A 142 16.84 19.08 28.27
CA GLN A 142 17.56 19.69 29.39
C GLN A 142 18.47 18.66 30.03
N HIS A 143 19.68 19.08 30.38
CA HIS A 143 20.70 18.18 30.88
C HIS A 143 20.81 18.24 32.40
N TRP A 144 21.16 17.10 32.99
CA TRP A 144 21.30 16.94 34.42
C TRP A 144 22.61 16.24 34.73
N ASN A 145 23.28 16.66 35.80
CA ASN A 145 24.56 16.09 36.16
C ASN A 145 24.74 16.17 37.67
N VAL A 146 25.38 15.15 38.23
CA VAL A 146 25.66 15.08 39.66
C VAL A 146 27.15 14.83 39.84
N LEU A 147 27.79 15.63 40.68
CA LEU A 147 29.22 15.50 40.95
C LEU A 147 29.43 15.14 42.41
N GLU A 148 30.24 14.11 42.65
CA GLU A 148 30.59 13.68 44.00
C GLU A 148 32.03 13.22 43.98
N LYS A 149 32.92 14.01 44.56
CA LYS A 149 34.36 13.74 44.51
C LYS A 149 34.78 13.79 43.04
N THR A 150 35.64 12.88 42.58
CA THR A 150 35.99 12.83 41.16
C THR A 150 34.87 12.20 40.34
N GLU A 151 34.19 11.19 40.89
CA GLU A 151 33.13 10.52 40.16
C GLU A 151 31.98 11.47 39.90
N GLU A 152 31.33 11.31 38.75
CA GLU A 152 30.19 12.11 38.35
C GLU A 152 29.03 11.21 37.99
N ALA A 153 27.92 11.82 37.59
CA ALA A 153 26.72 11.10 37.22
C ALA A 153 26.52 11.01 35.72
N GLU A 154 27.51 11.39 34.92
CA GLU A 154 27.41 11.32 33.46
C GLU A 154 26.26 12.19 32.95
N LYS A 155 26.49 13.50 33.03
CA LYS A 155 25.56 14.52 32.54
C LYS A 155 24.89 14.11 31.24
N THR A 156 23.56 14.07 31.26
CA THR A 156 22.76 13.51 30.19
C THR A 156 21.43 14.24 30.11
N PRO A 157 20.71 14.11 29.00
CA PRO A 157 19.40 14.78 28.84
C PRO A 157 18.27 14.06 29.57
N VAL A 158 18.18 14.28 30.88
CA VAL A 158 17.09 13.71 31.65
C VAL A 158 15.76 14.32 31.22
N GLY A 159 15.77 15.60 30.87
CA GLY A 159 14.55 16.29 30.51
C GLY A 159 13.83 16.85 31.72
N SER A 160 12.97 17.84 31.46
CA SER A 160 12.21 18.48 32.51
C SER A 160 11.00 19.12 31.90
N CYS A 161 9.99 19.37 32.73
CA CYS A 161 8.76 20.02 32.30
C CYS A 161 8.42 21.13 33.27
N PHE A 162 8.08 22.30 32.73
CA PHE A 162 7.77 23.48 33.53
C PHE A 162 6.26 23.67 33.56
N LEU A 163 5.70 23.83 34.75
CA LEU A 163 4.29 24.10 34.92
C LEU A 163 4.08 25.54 35.33
N ALA A 164 3.03 26.15 34.79
CA ALA A 164 2.76 27.55 35.06
C ALA A 164 1.26 27.79 35.07
N GLN A 165 0.81 28.66 35.97
CA GLN A 165 -0.56 29.16 35.97
C GLN A 165 -0.52 30.62 35.58
N PRO A 166 -0.85 30.96 34.34
CA PRO A 166 -0.66 32.35 33.87
C PRO A 166 -1.44 33.37 34.68
N GLU A 167 -2.60 33.01 35.22
CA GLU A 167 -3.41 33.96 35.97
C GLU A 167 -2.78 34.27 37.32
N SER A 168 -2.60 33.25 38.16
CA SER A 168 -2.06 33.46 39.49
C SER A 168 -0.56 33.70 39.48
N GLY A 169 0.13 33.36 38.39
CA GLY A 169 1.57 33.52 38.34
C GLY A 169 2.36 32.39 38.97
N ARG A 170 1.69 31.33 39.41
CA ARG A 170 2.37 30.20 40.02
C ARG A 170 3.30 29.54 39.01
N ARG A 171 4.44 29.06 39.51
CA ARG A 171 5.40 28.33 38.70
C ARG A 171 5.79 27.06 39.43
N ALA A 172 5.98 25.98 38.66
CA ALA A 172 6.41 24.71 39.23
C ALA A 172 7.19 23.96 38.16
N GLU A 173 7.96 22.98 38.61
CA GLU A 173 8.79 22.18 37.73
C GLU A 173 8.61 20.71 38.09
N TYR A 174 8.89 19.84 37.12
CA TYR A 174 8.72 18.40 37.31
C TYR A 174 9.73 17.69 36.43
N SER A 175 10.74 17.09 37.05
CA SER A 175 11.78 16.33 36.36
C SER A 175 11.87 14.97 37.01
N PRO A 176 10.97 14.05 36.65
CA PRO A 176 10.91 12.76 37.36
C PRO A 176 12.15 11.90 37.21
N CYS A 177 12.96 12.12 36.18
CA CYS A 177 14.09 11.24 35.90
C CYS A 177 15.40 11.75 36.46
N ARG A 178 15.39 12.84 37.22
CA ARG A 178 16.60 13.29 37.89
C ARG A 178 17.02 12.28 38.95
N GLY A 179 18.33 12.03 39.02
CA GLY A 179 18.85 11.08 39.98
C GLY A 179 20.18 11.55 40.53
N ASN A 180 20.64 10.86 41.58
CA ASN A 180 21.91 11.16 42.22
C ASN A 180 22.79 9.93 42.31
N THR A 181 22.63 8.99 41.38
CA THR A 181 23.42 7.78 41.35
C THR A 181 24.61 7.97 40.42
N LEU A 182 25.80 7.63 40.89
CA LEU A 182 27.00 7.83 40.11
C LEU A 182 27.07 6.83 38.95
N SER A 183 27.84 7.21 37.92
CA SER A 183 27.90 6.39 36.72
C SER A 183 28.50 5.02 37.00
N ARG A 184 29.34 4.92 38.02
CA ARG A 184 29.96 3.63 38.34
C ARG A 184 28.92 2.61 38.79
N ILE A 185 27.92 3.05 39.54
CA ILE A 185 26.91 2.13 40.04
C ILE A 185 26.09 1.54 38.91
N TYR A 186 25.81 2.33 37.88
CA TYR A 186 25.03 1.83 36.75
C TYR A 186 25.77 0.73 36.01
N VAL A 187 27.09 0.86 35.88
CA VAL A 187 27.88 -0.14 35.16
C VAL A 187 27.79 -1.49 35.86
N GLU A 188 27.89 -1.49 37.19
CA GLU A 188 27.84 -2.74 37.94
C GLU A 188 26.45 -3.35 37.97
N ASN A 189 25.43 -2.55 37.67
CA ASN A 189 24.04 -3.05 37.73
C ASN A 189 23.53 -3.27 36.30
N ASP A 190 24.44 -3.33 35.34
CA ASP A 190 24.05 -3.53 33.93
C ASP A 190 23.01 -2.47 33.54
N PHE A 191 23.30 -1.21 33.82
CA PHE A 191 22.40 -0.10 33.40
C PHE A 191 20.95 -0.51 33.68
N SER A 192 20.66 -0.91 34.91
CA SER A 192 19.26 -1.25 35.27
C SER A 192 18.58 -0.02 35.85
N TRP A 193 17.33 0.24 35.46
CA TRP A 193 16.64 1.43 35.92
C TRP A 193 17.44 2.69 35.62
N ASP A 194 18.11 2.70 34.47
CA ASP A 194 18.91 3.85 34.06
C ASP A 194 17.99 4.88 33.42
N LYS A 195 17.71 5.96 34.13
CA LYS A 195 16.82 7.00 33.65
C LYS A 195 17.57 8.28 33.31
N ARG A 196 18.88 8.19 33.06
CA ARG A 196 19.66 9.39 32.86
C ARG A 196 19.39 10.06 31.51
N TYR A 197 18.73 9.37 30.58
CA TYR A 197 18.45 9.91 29.26
C TYR A 197 16.98 9.78 28.92
N CYS A 198 16.10 10.03 29.89
CA CYS A 198 14.66 9.90 29.64
C CYS A 198 14.20 10.88 28.57
N GLU A 199 14.66 12.12 28.64
CA GLU A 199 14.06 13.20 27.87
C GLU A 199 12.59 13.33 28.21
N ALA A 200 12.29 13.36 29.51
CA ALA A 200 10.92 13.47 29.97
C ALA A 200 10.31 14.77 29.45
N GLY A 201 9.02 14.69 29.11
CA GLY A 201 8.38 15.78 28.41
C GLY A 201 8.51 15.75 26.91
N PHE A 202 9.10 14.68 26.36
CA PHE A 202 9.16 14.53 24.91
C PHE A 202 7.76 14.52 24.31
N SER A 203 6.84 13.80 24.94
CA SER A 203 5.43 13.82 24.60
C SER A 203 4.66 13.86 25.90
N SER A 204 3.70 14.78 26.01
CA SER A 204 2.98 14.99 27.25
C SER A 204 1.48 15.02 26.98
N VAL A 205 0.72 14.61 27.99
CA VAL A 205 -0.74 14.66 27.93
C VAL A 205 -1.25 14.66 29.36
N VAL A 206 -2.37 15.36 29.58
CA VAL A 206 -2.98 15.48 30.89
C VAL A 206 -4.35 14.83 30.84
N THR A 207 -4.59 13.88 31.73
CA THR A 207 -5.87 13.21 31.77
C THR A 207 -6.96 14.15 32.27
N GLN A 208 -8.21 13.76 32.03
CA GLN A 208 -9.32 14.60 32.45
C GLN A 208 -9.35 14.78 33.96
N ALA A 209 -8.94 13.77 34.71
CA ALA A 209 -8.87 13.88 36.16
C ALA A 209 -7.81 14.86 36.61
N GLY A 210 -6.83 15.17 35.75
CA GLY A 210 -5.82 16.15 36.09
C GLY A 210 -4.48 15.54 36.46
N GLU A 211 -4.09 14.48 35.79
CA GLU A 211 -2.83 13.80 36.04
C GLU A 211 -1.92 13.97 34.83
N LEU A 212 -0.76 14.57 35.06
CA LEU A 212 0.20 14.80 33.98
C LEU A 212 0.89 13.49 33.61
N VAL A 213 0.93 13.19 32.32
CA VAL A 213 1.58 11.98 31.80
C VAL A 213 2.66 12.45 30.84
N LEU A 214 3.90 12.07 31.11
CA LEU A 214 5.03 12.46 30.27
C LEU A 214 5.60 11.24 29.57
N GLY A 215 6.01 11.45 28.32
CA GLY A 215 6.66 10.42 27.52
C GLY A 215 8.17 10.63 27.53
N ALA A 216 8.89 9.56 27.82
CA ALA A 216 10.36 9.59 27.88
C ALA A 216 10.89 8.50 26.95
N PRO A 217 11.05 8.80 25.66
CA PRO A 217 11.51 7.77 24.72
C PRO A 217 12.89 7.22 25.04
N GLY A 218 13.73 7.97 25.74
CA GLY A 218 15.05 7.52 26.08
C GLY A 218 15.20 6.90 27.45
N GLY A 219 14.11 6.72 28.20
CA GLY A 219 14.23 6.18 29.53
C GLY A 219 14.64 4.72 29.52
N TYR A 220 15.29 4.30 30.60
CA TYR A 220 15.74 2.92 30.75
C TYR A 220 16.70 2.54 29.62
N TYR A 221 17.63 3.44 29.32
CA TYR A 221 18.62 3.25 28.27
C TYR A 221 17.94 3.11 26.91
N PHE A 222 17.15 4.14 26.58
CA PHE A 222 16.47 4.24 25.29
C PHE A 222 15.44 3.14 25.09
N LEU A 223 15.03 2.49 26.19
CA LEU A 223 13.98 1.49 26.10
C LEU A 223 12.60 2.12 26.00
N GLY A 224 12.40 3.28 26.63
CA GLY A 224 11.10 3.92 26.65
C GLY A 224 10.56 3.93 28.06
N LEU A 225 10.10 5.10 28.50
CA LEU A 225 9.62 5.28 29.85
C LEU A 225 8.41 6.21 29.84
N LEU A 226 7.55 6.04 30.83
CA LEU A 226 6.34 6.85 30.98
C LEU A 226 6.25 7.32 32.42
N ALA A 227 6.03 8.62 32.60
CA ALA A 227 5.96 9.22 33.93
C ALA A 227 4.61 9.90 34.10
N GLN A 228 3.97 9.65 35.24
CA GLN A 228 2.67 10.23 35.54
C GLN A 228 2.69 10.77 36.97
N ALA A 229 2.00 11.90 37.18
CA ALA A 229 1.93 12.51 38.49
C ALA A 229 0.82 13.54 38.49
N PRO A 230 -0.01 13.59 39.52
CA PRO A 230 -1.09 14.59 39.55
C PRO A 230 -0.53 16.00 39.51
N VAL A 231 -1.21 16.88 38.79
CA VAL A 231 -0.75 18.25 38.66
C VAL A 231 -0.78 18.97 39.99
N ALA A 232 -1.78 18.66 40.82
CA ALA A 232 -1.86 19.28 42.14
C ALA A 232 -0.65 18.90 43.00
N ASP A 233 -0.25 17.64 42.92
CA ASP A 233 0.88 17.17 43.76
C ASP A 233 2.20 17.76 43.26
N ILE A 234 2.31 18.00 41.95
CA ILE A 234 3.52 18.62 41.41
C ILE A 234 3.68 20.03 41.95
N PHE A 235 2.58 20.80 41.98
CA PHE A 235 2.65 22.15 42.52
C PHE A 235 2.90 22.14 44.02
N SER A 236 2.22 21.27 44.75
CA SER A 236 2.37 21.26 46.20
C SER A 236 3.78 20.83 46.63
N SER A 237 4.33 19.83 45.96
CA SER A 237 5.62 19.29 46.34
C SER A 237 6.80 20.06 45.78
N TYR A 238 6.58 20.97 44.84
CA TYR A 238 7.69 21.72 44.26
C TYR A 238 8.26 22.70 45.27
N ARG A 239 9.59 22.81 45.28
CA ARG A 239 10.27 23.73 46.17
C ARG A 239 11.38 24.44 45.42
N PRO A 240 11.34 25.76 45.31
CA PRO A 240 12.39 26.48 44.58
C PRO A 240 13.74 26.26 45.22
N GLY A 241 14.76 26.08 44.38
CA GLY A 241 16.10 25.83 44.84
C GLY A 241 16.41 24.39 45.17
N ILE A 242 15.43 23.50 45.12
CA ILE A 242 15.63 22.09 45.38
C ILE A 242 15.60 21.39 44.02
N LEU A 243 16.77 21.01 43.52
CA LEU A 243 16.86 20.46 42.17
C LEU A 243 16.37 19.02 42.10
N LEU A 244 16.55 18.24 43.16
CA LEU A 244 16.23 16.82 43.15
C LEU A 244 15.27 16.53 44.30
N TRP A 245 14.00 16.35 43.97
CA TRP A 245 12.97 15.97 44.93
C TRP A 245 12.14 14.84 44.34
N HIS A 246 11.27 14.27 45.17
CA HIS A 246 10.44 13.14 44.78
C HIS A 246 8.98 13.49 44.99
N VAL A 247 8.19 13.42 43.91
CA VAL A 247 6.75 13.60 44.04
C VAL A 247 6.14 12.35 44.65
N SER A 248 5.34 12.54 45.69
CA SER A 248 4.86 11.39 46.47
C SER A 248 3.98 10.47 45.63
N SER A 249 3.10 11.03 44.80
CA SER A 249 2.11 10.25 44.08
C SER A 249 2.52 9.90 42.66
N GLN A 250 3.75 10.20 42.26
CA GLN A 250 4.18 9.90 40.90
C GLN A 250 4.39 8.40 40.73
N SER A 251 4.14 7.92 39.51
CA SER A 251 4.37 6.52 39.16
C SER A 251 5.02 6.46 37.79
N LEU A 252 6.09 5.69 37.67
CA LEU A 252 6.83 5.56 36.42
C LEU A 252 6.63 4.17 35.84
N SER A 253 6.90 4.07 34.54
CA SER A 253 6.78 2.79 33.84
C SER A 253 7.85 1.83 34.34
N PHE A 254 7.82 0.61 33.81
CA PHE A 254 8.69 -0.47 34.26
C PHE A 254 9.72 -0.81 33.20
N ASP A 255 10.94 -1.11 33.64
CA ASP A 255 11.97 -1.56 32.73
C ASP A 255 11.73 -3.01 32.31
N SER A 256 12.21 -3.35 31.12
CA SER A 256 12.01 -4.68 30.57
C SER A 256 13.32 -5.22 30.03
N SER A 257 13.49 -6.53 30.12
CA SER A 257 14.63 -7.23 29.56
C SER A 257 14.31 -7.88 28.21
N ASN A 258 13.09 -7.72 27.73
CA ASN A 258 12.71 -8.30 26.44
C ASN A 258 13.45 -7.59 25.32
N PRO A 259 14.16 -8.31 24.46
CA PRO A 259 14.91 -7.64 23.39
C PRO A 259 14.03 -6.87 22.41
N GLU A 260 12.75 -7.20 22.33
CA GLU A 260 11.86 -6.46 21.42
C GLU A 260 11.76 -5.01 21.82
N TYR A 261 11.68 -4.72 23.12
CA TYR A 261 11.53 -3.36 23.60
C TYR A 261 12.81 -2.55 23.48
N PHE A 262 13.94 -3.18 23.16
CA PHE A 262 15.21 -2.45 23.12
C PHE A 262 15.17 -1.38 22.04
N ASP A 263 15.54 -0.16 22.43
CA ASP A 263 15.60 0.98 21.50
C ASP A 263 14.25 1.24 20.84
N GLY A 264 13.16 0.94 21.55
CA GLY A 264 11.84 1.13 21.00
C GLY A 264 11.29 2.52 21.10
N TYR A 265 11.93 3.39 21.89
CA TYR A 265 11.45 4.76 22.11
C TYR A 265 10.02 4.75 22.61
N TRP A 266 9.72 3.79 23.50
CA TRP A 266 8.39 3.68 24.09
C TRP A 266 8.04 4.96 24.81
N GLY A 267 7.05 5.67 24.29
CA GLY A 267 6.71 6.99 24.78
C GLY A 267 7.00 8.12 23.82
N TYR A 268 7.36 7.81 22.58
CA TYR A 268 7.58 8.84 21.57
C TYR A 268 6.35 9.72 21.42
N SER A 269 5.17 9.11 21.42
CA SER A 269 3.90 9.83 21.45
C SER A 269 2.99 9.13 22.44
N VAL A 270 2.15 9.92 23.12
CA VAL A 270 1.29 9.41 24.18
C VAL A 270 -0.09 10.04 24.04
N ALA A 271 -1.12 9.25 24.32
CA ALA A 271 -2.49 9.74 24.32
C ALA A 271 -3.28 8.97 25.37
N VAL A 272 -4.39 9.57 25.80
CA VAL A 272 -5.22 8.97 26.85
C VAL A 272 -6.61 8.75 26.29
N GLY A 273 -7.32 7.79 26.88
CA GLY A 273 -8.66 7.48 26.44
C GLY A 273 -9.25 6.38 27.29
N GLU A 274 -10.43 5.93 26.86
CA GLU A 274 -11.14 4.84 27.53
C GLU A 274 -11.16 3.63 26.60
N PHE A 275 -10.56 2.53 27.05
CA PHE A 275 -10.46 1.35 26.21
C PHE A 275 -10.73 0.05 26.97
N ASP A 276 -11.33 0.12 28.16
CA ASP A 276 -11.60 -1.09 28.93
C ASP A 276 -13.04 -1.16 29.44
N GLY A 277 -13.91 -0.22 29.07
CA GLY A 277 -15.29 -0.26 29.48
C GLY A 277 -15.56 0.20 30.90
N ASP A 278 -14.54 0.66 31.62
CA ASP A 278 -14.70 1.16 32.98
C ASP A 278 -14.41 2.66 32.98
N LEU A 279 -15.46 3.46 33.11
CA LEU A 279 -15.29 4.91 33.12
C LEU A 279 -14.47 5.39 34.31
N ASN A 280 -14.43 4.61 35.39
CA ASN A 280 -13.65 5.00 36.56
C ASN A 280 -12.17 5.08 36.24
N THR A 281 -11.66 4.14 35.46
CA THR A 281 -10.24 4.07 35.16
C THR A 281 -9.92 4.77 33.85
N THR A 282 -8.70 5.28 33.75
CA THR A 282 -8.20 5.91 32.54
C THR A 282 -7.07 5.07 31.96
N GLU A 283 -7.07 4.94 30.64
CA GLU A 283 -6.10 4.12 29.94
C GLU A 283 -5.19 4.99 29.08
N TYR A 284 -3.94 4.57 28.97
CA TYR A 284 -2.92 5.32 28.23
C TYR A 284 -2.64 4.65 26.90
N VAL A 285 -2.43 5.46 25.87
CA VAL A 285 -2.02 4.99 24.56
C VAL A 285 -0.61 5.50 24.32
N VAL A 286 0.35 4.58 24.23
CA VAL A 286 1.76 4.93 24.11
C VAL A 286 2.28 4.38 22.79
N GLY A 287 2.97 5.23 22.04
CA GLY A 287 3.57 4.83 20.77
C GLY A 287 5.03 4.50 20.94
N ALA A 288 5.46 3.43 20.26
CA ALA A 288 6.85 2.98 20.26
C ALA A 288 7.28 2.85 18.81
N PRO A 289 7.69 3.95 18.17
CA PRO A 289 7.90 3.93 16.72
C PRO A 289 8.99 2.98 16.26
N THR A 290 9.92 2.58 17.13
CA THR A 290 11.00 1.69 16.75
C THR A 290 10.96 0.38 17.54
N TRP A 291 9.78 -0.01 18.00
CA TRP A 291 9.64 -1.22 18.79
C TRP A 291 9.90 -2.45 17.91
N SER A 292 10.58 -3.44 18.50
CA SER A 292 10.86 -4.71 17.82
C SER A 292 11.66 -4.51 16.54
N TRP A 293 12.84 -3.92 16.70
CA TRP A 293 13.77 -3.71 15.59
C TRP A 293 13.12 -2.83 14.51
N THR A 294 12.74 -1.61 14.93
CA THR A 294 12.18 -0.61 14.04
C THR A 294 10.91 -1.09 13.33
N LEU A 295 10.14 -1.95 13.99
CA LEU A 295 8.85 -2.35 13.45
C LEU A 295 7.74 -1.38 13.85
N GLY A 296 7.82 -0.82 15.03
CA GLY A 296 6.79 0.08 15.52
C GLY A 296 5.69 -0.66 16.24
N ALA A 297 5.05 0.05 17.17
CA ALA A 297 3.94 -0.54 17.92
C ALA A 297 3.29 0.53 18.76
N VAL A 298 2.00 0.38 18.99
CA VAL A 298 1.23 1.23 19.88
C VAL A 298 0.60 0.34 20.94
N GLU A 299 0.83 0.67 22.20
CA GLU A 299 0.34 -0.14 23.32
C GLU A 299 -0.74 0.62 24.07
N ILE A 300 -1.80 -0.08 24.46
CA ILE A 300 -2.86 0.47 25.29
C ILE A 300 -2.73 -0.19 26.66
N LEU A 301 -2.40 0.61 27.67
CA LEU A 301 -2.17 0.11 29.01
C LEU A 301 -2.96 0.92 30.02
N ASP A 302 -3.34 0.28 31.11
CA ASP A 302 -4.12 0.94 32.15
C ASP A 302 -3.23 1.89 32.95
N SER A 303 -3.81 2.48 33.99
CA SER A 303 -3.09 3.48 34.79
C SER A 303 -1.90 2.89 35.52
N TYR A 304 -1.84 1.57 35.67
CA TYR A 304 -0.72 0.91 36.32
C TYR A 304 0.31 0.39 35.34
N TYR A 305 0.19 0.76 34.06
CA TYR A 305 1.13 0.39 33.02
C TYR A 305 1.09 -1.09 32.68
N GLN A 306 0.08 -1.81 33.15
CA GLN A 306 -0.14 -3.18 32.72
C GLN A 306 -0.74 -3.18 31.33
N ARG A 307 0.00 -3.72 30.37
CA ARG A 307 -0.43 -3.67 28.98
C ARG A 307 -1.76 -4.37 28.78
N LEU A 308 -2.67 -3.71 28.08
CA LEU A 308 -3.96 -4.27 27.73
C LEU A 308 -4.02 -4.80 26.31
N HIS A 309 -3.40 -4.09 25.36
CA HIS A 309 -3.40 -4.51 23.97
C HIS A 309 -2.24 -3.84 23.26
N ARG A 310 -1.63 -4.55 22.32
CA ARG A 310 -0.53 -4.01 21.52
C ARG A 310 -0.90 -4.09 20.04
N LEU A 311 -0.59 -3.03 19.31
CA LEU A 311 -0.86 -2.95 17.88
C LEU A 311 0.48 -2.88 17.16
N ARG A 312 0.89 -4.00 16.57
CA ARG A 312 2.18 -4.06 15.90
C ARG A 312 2.16 -3.25 14.61
N GLY A 313 3.31 -2.67 14.28
CA GLY A 313 3.42 -1.94 13.04
C GLY A 313 3.31 -2.86 11.83
N GLU A 314 3.00 -2.26 10.68
CA GLU A 314 2.77 -3.02 9.47
C GLU A 314 4.05 -3.18 8.63
N GLN A 315 4.86 -2.12 8.58
CA GLN A 315 6.09 -2.14 7.77
C GLN A 315 7.25 -1.61 8.62
N MET A 316 8.44 -2.15 8.43
CA MET A 316 9.60 -1.73 9.27
C MET A 316 10.02 -0.30 8.90
N ALA A 317 10.57 0.44 9.85
CA ALA A 317 11.07 1.82 9.59
C ALA A 317 9.94 2.76 9.17
N SER A 318 8.69 2.28 9.12
CA SER A 318 7.61 3.20 8.81
C SER A 318 7.32 4.16 9.95
N TYR A 319 7.91 3.97 11.12
CA TYR A 319 7.65 4.78 12.30
C TYR A 319 6.18 4.73 12.68
N PHE A 320 5.61 3.53 12.65
CA PHE A 320 4.28 3.30 13.18
C PHE A 320 4.24 3.70 14.65
N GLY A 321 3.23 4.45 15.03
CA GLY A 321 3.14 4.99 16.37
C GLY A 321 3.82 6.32 16.57
N HIS A 322 4.25 6.99 15.50
CA HIS A 322 4.86 8.30 15.64
C HIS A 322 3.88 9.28 16.27
N SER A 323 2.63 9.27 15.83
CA SER A 323 1.58 10.10 16.39
C SER A 323 0.36 9.24 16.62
N VAL A 324 -0.27 9.40 17.79
CA VAL A 324 -1.45 8.63 18.16
C VAL A 324 -2.51 9.60 18.65
N ALA A 325 -3.74 9.41 18.19
CA ALA A 325 -4.87 10.24 18.61
C ALA A 325 -6.02 9.33 19.00
N VAL A 326 -6.78 9.74 20.00
CA VAL A 326 -7.91 8.98 20.52
C VAL A 326 -9.16 9.82 20.37
N THR A 327 -10.13 9.32 19.62
CA THR A 327 -11.38 10.04 19.42
C THR A 327 -12.44 9.05 18.96
N ASP A 328 -13.69 9.46 19.07
CA ASP A 328 -14.84 8.63 18.68
C ASP A 328 -15.30 9.09 17.30
N VAL A 329 -14.86 8.38 16.26
CA VAL A 329 -15.09 8.84 14.89
C VAL A 329 -16.32 8.22 14.25
N ASN A 330 -17.04 7.35 14.94
CA ASN A 330 -18.24 6.73 14.39
C ASN A 330 -19.46 6.89 15.30
N GLY A 331 -19.40 7.76 16.29
CA GLY A 331 -20.56 8.04 17.12
C GLY A 331 -21.10 6.85 17.88
N ASP A 332 -20.27 5.85 18.13
CA ASP A 332 -20.70 4.66 18.86
C ASP A 332 -20.59 4.83 20.37
N GLY A 333 -20.03 5.94 20.84
CA GLY A 333 -19.81 6.14 22.26
C GLY A 333 -18.54 5.53 22.80
N ARG A 334 -17.76 4.85 21.96
CA ARG A 334 -16.51 4.24 22.38
C ARG A 334 -15.36 4.88 21.61
N HIS A 335 -14.31 5.25 22.33
CA HIS A 335 -13.17 5.92 21.71
C HIS A 335 -12.52 5.03 20.66
N ASP A 336 -12.07 5.65 19.58
CA ASP A 336 -11.39 4.96 18.50
C ASP A 336 -9.95 5.45 18.42
N LEU A 337 -9.04 4.52 18.13
CA LEU A 337 -7.62 4.82 18.12
C LEU A 337 -7.14 5.11 16.70
N LEU A 338 -6.34 6.16 16.56
CA LEU A 338 -5.74 6.55 15.30
C LEU A 338 -4.23 6.58 15.45
N VAL A 339 -3.53 5.89 14.57
CA VAL A 339 -2.08 5.76 14.62
C VAL A 339 -1.49 6.27 13.32
N GLY A 340 -0.37 6.97 13.42
CA GLY A 340 0.28 7.50 12.25
C GLY A 340 1.61 6.84 11.94
N ALA A 341 1.87 6.62 10.65
CA ALA A 341 3.12 6.05 10.16
C ALA A 341 3.68 6.98 9.10
N PRO A 342 4.39 8.04 9.51
CA PRO A 342 4.81 9.06 8.54
C PRO A 342 5.67 8.53 7.42
N LEU A 343 6.49 7.51 7.67
CA LEU A 343 7.47 7.04 6.71
C LEU A 343 7.04 5.75 6.03
N TYR A 344 5.74 5.45 6.02
CA TYR A 344 5.27 4.25 5.35
C TYR A 344 5.51 4.35 3.85
N MET A 345 5.97 3.24 3.26
CA MET A 345 6.22 3.16 1.83
C MET A 345 5.15 2.24 1.23
N GLU A 346 4.15 2.84 0.58
CA GLU A 346 3.10 2.06 -0.05
C GLU A 346 3.60 1.40 -1.33
N SER A 347 3.13 0.18 -1.58
CA SER A 347 3.51 -0.54 -2.79
C SER A 347 2.86 0.12 -4.01
N ARG A 348 3.66 0.83 -4.79
CA ARG A 348 3.14 1.50 -5.97
C ARG A 348 2.75 0.47 -7.03
N ALA A 349 1.94 0.91 -7.99
CA ALA A 349 1.43 0.01 -9.01
C ALA A 349 2.55 -0.61 -9.84
N ASP A 350 3.67 0.09 -9.98
CA ASP A 350 4.81 -0.40 -10.75
C ASP A 350 5.74 -1.29 -9.93
N ARG A 351 5.24 -1.88 -8.83
CA ARG A 351 6.05 -2.73 -7.97
C ARG A 351 7.19 -1.95 -7.32
N LYS A 352 6.97 -0.67 -7.08
CA LYS A 352 7.96 0.21 -6.47
C LYS A 352 7.42 0.75 -5.16
N LEU A 353 8.32 0.94 -4.19
CA LEU A 353 7.93 1.45 -2.88
C LEU A 353 8.10 2.97 -2.85
N ALA A 354 7.03 3.66 -2.49
CA ALA A 354 7.01 5.11 -2.40
C ALA A 354 6.69 5.51 -0.97
N GLU A 355 7.53 6.35 -0.37
CA GLU A 355 7.33 6.81 1.00
C GLU A 355 6.31 7.92 1.01
N VAL A 356 5.11 7.63 1.53
CA VAL A 356 4.05 8.62 1.58
C VAL A 356 3.44 8.77 2.97
N GLY A 357 3.55 7.80 3.85
CA GLY A 357 2.92 7.86 5.15
C GLY A 357 1.51 7.28 5.13
N ARG A 358 1.07 6.85 6.30
CA ARG A 358 -0.23 6.20 6.42
C ARG A 358 -0.78 6.43 7.82
N VAL A 359 -2.11 6.49 7.91
CA VAL A 359 -2.81 6.64 9.17
C VAL A 359 -3.71 5.43 9.35
N TYR A 360 -3.64 4.81 10.54
CA TYR A 360 -4.40 3.62 10.85
C TYR A 360 -5.56 3.98 11.77
N LEU A 361 -6.74 3.46 11.47
CA LEU A 361 -7.92 3.66 12.29
C LEU A 361 -8.32 2.33 12.89
N PHE A 362 -8.45 2.29 14.22
CA PHE A 362 -8.83 1.08 14.95
C PHE A 362 -10.12 1.38 15.72
N LEU A 363 -11.25 1.12 15.10
CA LEU A 363 -12.52 1.28 15.79
C LEU A 363 -12.60 0.30 16.96
N GLN A 364 -13.00 0.81 18.11
CA GLN A 364 -13.09 -0.03 19.30
C GLN A 364 -14.36 -0.86 19.26
N PRO A 365 -14.27 -2.19 19.30
CA PRO A 365 -15.47 -3.03 19.24
C PRO A 365 -16.22 -3.00 20.57
N ARG A 366 -17.47 -3.45 20.50
CA ARG A 366 -18.32 -3.51 21.69
C ARG A 366 -17.77 -4.54 22.68
N GLY A 367 -18.06 -4.31 23.95
CA GLY A 367 -17.61 -5.19 25.00
C GLY A 367 -16.14 -5.04 25.29
N PRO A 368 -15.50 -6.12 25.76
CA PRO A 368 -14.06 -6.06 26.00
C PRO A 368 -13.29 -5.77 24.73
N HIS A 369 -12.19 -5.03 24.86
CA HIS A 369 -11.43 -4.62 23.69
C HIS A 369 -10.91 -5.83 22.93
N ALA A 370 -11.14 -5.83 21.62
CA ALA A 370 -10.65 -6.88 20.73
C ALA A 370 -10.13 -6.26 19.45
N LEU A 371 -9.38 -5.16 19.58
CA LEU A 371 -8.89 -4.43 18.42
C LEU A 371 -8.00 -5.31 17.56
N GLY A 372 -8.48 -5.68 16.38
CA GLY A 372 -7.70 -6.51 15.48
C GLY A 372 -7.02 -5.70 14.40
N ALA A 373 -7.26 -6.04 13.15
CA ALA A 373 -6.68 -5.29 12.05
C ALA A 373 -7.30 -3.90 11.99
N PRO A 374 -6.57 -2.93 11.43
CA PRO A 374 -7.13 -1.58 11.32
C PRO A 374 -8.40 -1.57 10.47
N SER A 375 -9.35 -0.73 10.88
CA SER A 375 -10.61 -0.62 10.15
C SER A 375 -10.51 0.26 8.91
N LEU A 376 -9.43 1.03 8.78
CA LEU A 376 -9.24 1.87 7.60
C LEU A 376 -7.77 2.15 7.45
N LEU A 377 -7.36 2.48 6.23
CA LEU A 377 -5.95 2.74 5.92
C LEU A 377 -5.89 3.98 5.03
N LEU A 378 -5.72 5.14 5.65
CA LEU A 378 -5.53 6.38 4.91
C LEU A 378 -4.07 6.51 4.53
N THR A 379 -3.80 6.67 3.24
CA THR A 379 -2.45 6.72 2.72
C THR A 379 -2.21 8.05 2.02
N GLY A 380 -1.06 8.66 2.29
CA GLY A 380 -0.72 9.90 1.63
C GLY A 380 -0.38 9.68 0.17
N THR A 381 -0.40 10.79 -0.59
CA THR A 381 -0.15 10.75 -2.02
C THR A 381 1.19 11.35 -2.40
N GLN A 382 1.52 12.53 -1.87
CA GLN A 382 2.78 13.17 -2.21
C GLN A 382 3.95 12.37 -1.66
N LEU A 383 4.96 12.18 -2.49
CA LEU A 383 6.15 11.47 -2.07
C LEU A 383 6.91 12.27 -1.02
N TYR A 384 7.36 11.60 0.03
CA TYR A 384 8.07 12.22 1.14
C TYR A 384 7.20 13.20 1.92
N GLY A 385 5.88 13.13 1.74
CA GLY A 385 5.00 14.07 2.41
C GLY A 385 4.85 13.84 3.89
N ARG A 386 5.20 12.65 4.37
CA ARG A 386 5.05 12.31 5.78
C ARG A 386 3.60 12.46 6.23
N PHE A 387 2.68 11.97 5.41
CA PHE A 387 1.28 11.92 5.79
C PHE A 387 1.12 11.12 7.08
N GLY A 388 0.30 11.62 7.98
CA GLY A 388 0.18 11.02 9.29
C GLY A 388 1.21 11.45 10.29
N SER A 389 2.02 12.47 9.95
CA SER A 389 3.01 12.97 10.90
C SER A 389 2.36 13.53 12.15
N ALA A 390 1.23 14.22 11.99
CA ALA A 390 0.47 14.73 13.12
C ALA A 390 -1.00 14.46 12.89
N ILE A 391 -1.67 13.92 13.90
CA ILE A 391 -3.10 13.64 13.86
C ILE A 391 -3.76 14.42 14.99
N ALA A 392 -4.77 15.21 14.64
CA ALA A 392 -5.44 16.08 15.60
C ALA A 392 -6.95 15.83 15.54
N PRO A 393 -7.57 15.32 16.60
CA PRO A 393 -9.03 15.27 16.63
C PRO A 393 -9.62 16.66 16.50
N LEU A 394 -10.70 16.76 15.74
CA LEU A 394 -11.34 18.04 15.48
C LEU A 394 -12.70 18.18 16.13
N GLY A 395 -13.12 17.21 16.94
CA GLY A 395 -14.47 17.27 17.44
C GLY A 395 -15.45 17.12 16.28
N ASP A 396 -16.64 17.67 16.47
CA ASP A 396 -17.65 17.67 15.43
C ASP A 396 -17.49 18.95 14.62
N LEU A 397 -16.65 18.88 13.58
CA LEU A 397 -16.33 20.07 12.80
C LEU A 397 -17.58 20.61 12.10
N ASP A 398 -18.39 19.74 11.52
CA ASP A 398 -19.61 20.15 10.83
C ASP A 398 -20.86 19.97 11.66
N ARG A 399 -20.73 19.48 12.90
CA ARG A 399 -21.88 19.28 13.78
C ARG A 399 -22.88 18.30 13.16
N ASP A 400 -22.37 17.29 12.47
CA ASP A 400 -23.21 16.28 11.85
C ASP A 400 -23.51 15.11 12.77
N GLY A 401 -22.94 15.08 13.97
CA GLY A 401 -23.14 13.99 14.90
C GLY A 401 -22.00 13.01 15.01
N TYR A 402 -21.00 13.10 14.13
CA TYR A 402 -19.84 12.22 14.16
C TYR A 402 -18.58 13.07 14.23
N ASN A 403 -17.67 12.71 15.13
CA ASN A 403 -16.44 13.46 15.29
C ASN A 403 -15.55 13.29 14.07
N ASP A 404 -14.71 14.30 13.82
CA ASP A 404 -13.85 14.34 12.66
C ASP A 404 -12.42 14.54 13.10
N ILE A 405 -11.48 14.22 12.20
CA ILE A 405 -10.05 14.36 12.48
C ILE A 405 -9.40 15.09 11.33
N ALA A 406 -8.23 15.66 11.60
CA ALA A 406 -7.43 16.35 10.60
C ALA A 406 -6.03 15.74 10.61
N VAL A 407 -5.69 15.04 9.54
CA VAL A 407 -4.37 14.43 9.39
C VAL A 407 -3.44 15.41 8.69
N ALA A 408 -2.19 15.43 9.11
CA ALA A 408 -1.23 16.42 8.65
C ALA A 408 -0.20 15.79 7.74
N ALA A 409 0.20 16.53 6.71
CA ALA A 409 1.27 16.14 5.78
C ALA A 409 2.25 17.30 5.73
N PRO A 410 3.21 17.36 6.66
CA PRO A 410 4.06 18.56 6.76
C PRO A 410 4.87 18.83 5.51
N TYR A 411 5.10 17.83 4.66
CA TYR A 411 5.83 18.04 3.41
C TYR A 411 5.05 17.51 2.22
N GLY A 412 3.73 17.38 2.35
CA GLY A 412 2.88 16.92 1.27
C GLY A 412 2.43 18.04 0.37
N GLY A 413 1.43 17.76 -0.44
CA GLY A 413 0.94 18.72 -1.40
C GLY A 413 1.70 18.64 -2.70
N PRO A 414 1.12 19.19 -3.78
CA PRO A 414 1.81 19.13 -5.08
C PRO A 414 3.17 19.80 -5.08
N SER A 415 3.32 20.89 -4.34
CA SER A 415 4.57 21.64 -4.31
C SER A 415 5.48 21.25 -3.15
N GLY A 416 5.08 20.28 -2.34
CA GLY A 416 5.92 19.87 -1.23
C GLY A 416 6.02 20.86 -0.10
N ARG A 417 5.09 21.80 0.00
CA ARG A 417 5.09 22.78 1.07
C ARG A 417 4.23 22.34 2.25
N GLY A 418 3.62 21.18 2.18
CA GLY A 418 2.83 20.68 3.29
C GLY A 418 1.36 21.04 3.16
N GLN A 419 0.52 20.17 3.70
CA GLN A 419 -0.93 20.41 3.68
C GLN A 419 -1.57 19.57 4.76
N VAL A 420 -2.76 19.98 5.16
CA VAL A 420 -3.54 19.30 6.20
C VAL A 420 -4.84 18.83 5.58
N LEU A 421 -5.16 17.55 5.76
CA LEU A 421 -6.36 16.94 5.21
C LEU A 421 -7.37 16.69 6.33
N VAL A 422 -8.63 16.97 6.03
CA VAL A 422 -9.72 16.83 6.99
C VAL A 422 -10.57 15.65 6.58
N PHE A 423 -10.75 14.70 7.50
CA PHE A 423 -11.56 13.52 7.27
C PHE A 423 -12.75 13.55 8.22
N LEU A 424 -13.95 13.36 7.67
CA LEU A 424 -15.17 13.43 8.45
C LEU A 424 -15.58 12.04 8.90
N GLY A 425 -15.91 11.90 10.17
CA GLY A 425 -16.38 10.63 10.67
C GLY A 425 -17.77 10.30 10.17
N GLN A 426 -18.08 9.00 10.17
CA GLN A 426 -19.36 8.52 9.68
C GLN A 426 -19.81 7.36 10.56
N SER A 427 -20.91 6.73 10.16
CA SER A 427 -21.49 5.67 10.97
C SER A 427 -20.63 4.42 11.03
N GLU A 428 -19.64 4.31 10.15
CA GLU A 428 -18.77 3.13 10.09
C GLU A 428 -17.31 3.53 9.98
N GLY A 429 -16.92 4.58 10.69
CA GLY A 429 -15.54 5.03 10.67
C GLY A 429 -15.38 6.37 10.00
N LEU A 430 -14.25 6.58 9.34
CA LEU A 430 -13.97 7.81 8.62
C LEU A 430 -14.25 7.64 7.14
N ARG A 431 -14.39 8.76 6.45
CA ARG A 431 -14.53 8.75 5.00
C ARG A 431 -13.16 8.79 4.36
N SER A 432 -12.93 7.89 3.40
CA SER A 432 -11.61 7.80 2.77
C SER A 432 -11.24 9.08 2.04
N ARG A 433 -12.21 9.70 1.38
CA ARG A 433 -11.95 10.95 0.68
C ARG A 433 -11.83 12.09 1.69
N PRO A 434 -10.74 12.85 1.68
CA PRO A 434 -10.64 14.01 2.57
C PRO A 434 -11.64 15.07 2.18
N SER A 435 -12.51 15.45 3.12
CA SER A 435 -13.55 16.42 2.82
C SER A 435 -12.96 17.79 2.48
N GLN A 436 -11.75 18.06 2.95
CA GLN A 436 -11.12 19.35 2.70
C GLN A 436 -9.61 19.17 2.77
N VAL A 437 -8.89 20.00 2.02
CA VAL A 437 -7.45 19.95 1.95
C VAL A 437 -6.91 21.37 2.12
N LEU A 438 -6.25 21.62 3.24
CA LEU A 438 -5.67 22.92 3.52
C LEU A 438 -4.21 22.92 3.08
N ASP A 439 -3.86 23.87 2.21
CA ASP A 439 -2.51 23.98 1.69
C ASP A 439 -1.72 25.01 2.49
N SER A 440 -0.42 24.83 2.52
CA SER A 440 0.44 25.66 3.34
C SER A 440 0.50 27.09 2.79
N PRO A 441 0.14 28.11 3.57
CA PRO A 441 0.31 29.49 3.14
C PRO A 441 1.70 30.05 3.33
N PHE A 442 2.65 29.24 3.77
CA PHE A 442 4.01 29.66 4.05
C PHE A 442 4.96 29.16 2.97
N PRO A 443 6.19 29.67 2.93
CA PRO A 443 7.15 29.22 1.92
C PRO A 443 7.52 27.75 2.06
N THR A 444 8.33 27.26 1.14
CA THR A 444 8.72 25.85 1.16
C THR A 444 9.55 25.54 2.39
N GLY A 445 9.46 24.29 2.85
CA GLY A 445 10.21 23.86 4.01
C GLY A 445 9.79 24.55 5.29
N SER A 446 8.51 24.87 5.43
CA SER A 446 8.00 25.48 6.64
C SER A 446 7.47 24.47 7.63
N ALA A 447 7.42 23.19 7.26
CA ALA A 447 6.88 22.14 8.14
C ALA A 447 5.44 22.43 8.54
N PHE A 448 4.67 22.96 7.58
CA PHE A 448 3.28 23.28 7.85
C PHE A 448 2.52 22.03 8.27
N GLY A 449 1.77 22.13 9.36
CA GLY A 449 1.03 20.99 9.85
C GLY A 449 1.81 20.03 10.72
N PHE A 450 3.05 20.37 11.07
CA PHE A 450 3.83 19.49 11.93
C PHE A 450 3.15 19.31 13.28
N SER A 451 2.51 20.35 13.78
CA SER A 451 1.74 20.28 15.01
C SER A 451 0.32 20.76 14.73
N LEU A 452 -0.66 20.01 15.19
CA LEU A 452 -2.06 20.32 14.97
C LEU A 452 -2.80 20.32 16.30
N ARG A 453 -3.91 21.05 16.34
CA ARG A 453 -4.75 21.08 17.53
C ARG A 453 -6.13 21.56 17.11
N GLY A 454 -7.17 20.89 17.63
CA GLY A 454 -8.53 21.26 17.32
C GLY A 454 -9.49 20.98 18.46
N ALA A 455 -10.78 20.88 18.15
CA ALA A 455 -11.82 20.54 19.12
C ALA A 455 -12.11 21.67 20.10
N VAL A 456 -11.63 22.88 19.82
CA VAL A 456 -11.88 24.03 20.67
C VAL A 456 -12.45 25.14 19.81
N ASP A 457 -13.56 25.74 20.25
CA ASP A 457 -14.20 26.85 19.54
C ASP A 457 -13.53 28.13 20.00
N ILE A 458 -12.48 28.53 19.29
CA ILE A 458 -11.70 29.69 19.71
C ILE A 458 -12.49 30.97 19.51
N ASP A 459 -13.17 31.11 18.37
CA ASP A 459 -13.92 32.33 18.08
C ASP A 459 -15.32 32.33 18.69
N ASP A 460 -15.75 31.21 19.26
CA ASP A 460 -17.06 31.11 19.91
C ASP A 460 -18.20 31.38 18.90
N ASN A 461 -18.25 30.54 17.87
CA ASN A 461 -19.34 30.57 16.91
C ASN A 461 -20.06 29.23 16.81
N GLY A 462 -19.84 28.33 17.76
CA GLY A 462 -20.51 27.05 17.79
C GLY A 462 -19.82 25.93 17.03
N TYR A 463 -18.72 26.22 16.33
CA TYR A 463 -18.03 25.22 15.54
C TYR A 463 -16.57 25.14 15.96
N PRO A 464 -16.05 23.95 16.24
CA PRO A 464 -14.65 23.83 16.63
C PRO A 464 -13.71 24.27 15.52
N ASP A 465 -12.60 24.88 15.92
CA ASP A 465 -11.63 25.44 14.99
C ASP A 465 -10.32 24.70 15.07
N LEU A 466 -9.46 24.94 14.07
CA LEU A 466 -8.20 24.24 13.95
C LEU A 466 -7.06 25.25 13.88
N ILE A 467 -5.97 24.95 14.60
CA ILE A 467 -4.76 25.75 14.57
C ILE A 467 -3.62 24.85 14.11
N VAL A 468 -2.88 25.32 13.10
CA VAL A 468 -1.81 24.55 12.49
C VAL A 468 -0.50 25.28 12.73
N GLY A 469 0.50 24.57 13.24
CA GLY A 469 1.80 25.14 13.52
C GLY A 469 2.80 24.81 12.43
N ALA A 470 3.61 25.81 12.07
CA ALA A 470 4.66 25.66 11.06
C ALA A 470 5.94 26.25 11.64
N TYR A 471 6.70 25.42 12.35
CA TYR A 471 7.92 25.91 12.99
C TYR A 471 8.97 26.34 11.97
N GLY A 472 8.89 25.84 10.74
CA GLY A 472 9.83 26.29 9.72
C GLY A 472 9.68 27.77 9.41
N ALA A 473 8.43 28.25 9.36
CA ALA A 473 8.15 29.66 9.12
C ALA A 473 8.00 30.46 10.42
N ASN A 474 8.10 29.80 11.57
CA ASN A 474 7.96 30.47 12.87
C ASN A 474 6.60 31.17 12.98
N GLN A 475 5.57 30.53 12.43
CA GLN A 475 4.23 31.10 12.44
C GLN A 475 3.22 30.00 12.75
N VAL A 476 2.07 30.42 13.28
CA VAL A 476 0.95 29.54 13.55
C VAL A 476 -0.26 30.09 12.81
N ALA A 477 -0.93 29.23 12.06
CA ALA A 477 -2.10 29.61 11.29
C ALA A 477 -3.35 29.09 11.98
N VAL A 478 -4.34 29.96 12.15
CA VAL A 478 -5.59 29.61 12.80
C VAL A 478 -6.68 29.55 11.73
N TYR A 479 -7.34 28.40 11.64
CA TYR A 479 -8.44 28.19 10.70
C TYR A 479 -9.74 28.16 11.49
N ARG A 480 -10.68 29.02 11.11
CA ARG A 480 -11.97 29.10 11.76
C ARG A 480 -13.01 28.32 10.96
N ALA A 481 -13.85 27.58 11.68
CA ALA A 481 -14.88 26.77 11.05
C ALA A 481 -16.12 27.61 10.78
N GLN A 482 -16.56 27.63 9.54
CA GLN A 482 -17.75 28.36 9.15
C GLN A 482 -19.01 27.54 9.40
N PRO A 483 -20.14 28.21 9.61
CA PRO A 483 -21.39 27.47 9.82
C PRO A 483 -21.76 26.65 8.59
N VAL A 484 -22.40 25.51 8.84
CA VAL A 484 -22.77 24.57 7.80
C VAL A 484 -24.29 24.55 7.68
N VAL A 485 -24.80 24.71 6.45
CA VAL A 485 -26.22 24.73 6.17
C VAL A 485 -26.61 23.38 5.57
N LYS A 486 -27.58 22.72 6.19
CA LYS A 486 -28.05 21.41 5.72
C LYS A 486 -29.25 21.62 4.81
N ALA A 487 -28.97 21.88 3.53
CA ALA A 487 -30.03 22.05 2.56
C ALA A 487 -30.77 20.74 2.33
N SER A 488 -32.09 20.83 2.19
CA SER A 488 -32.94 19.66 1.94
C SER A 488 -33.91 20.03 0.81
N VAL A 489 -33.67 19.51 -0.37
CA VAL A 489 -34.49 19.80 -1.55
C VAL A 489 -35.42 18.61 -1.80
N GLN A 490 -36.69 18.92 -2.02
CA GLN A 490 -37.69 17.90 -2.28
C GLN A 490 -38.54 18.36 -3.46
N LEU A 491 -38.59 17.54 -4.51
CA LEU A 491 -39.33 17.86 -5.73
C LEU A 491 -40.48 16.88 -5.87
N LEU A 492 -41.70 17.41 -5.98
CA LEU A 492 -42.90 16.60 -6.12
C LEU A 492 -43.55 16.89 -7.47
N VAL A 493 -43.92 15.82 -8.18
CA VAL A 493 -44.50 15.95 -9.51
C VAL A 493 -45.37 14.73 -9.76
N GLN A 494 -46.26 14.84 -10.75
CA GLN A 494 -47.15 13.75 -11.09
C GLN A 494 -46.36 12.55 -11.59
N ASP A 495 -47.06 11.43 -11.77
CA ASP A 495 -46.45 10.20 -12.26
C ASP A 495 -46.74 9.93 -13.72
N SER A 496 -47.79 10.52 -14.29
CA SER A 496 -48.12 10.33 -15.68
C SER A 496 -48.81 11.58 -16.21
N LEU A 497 -48.65 11.83 -17.50
CA LEU A 497 -49.25 12.98 -18.17
C LEU A 497 -50.15 12.49 -19.30
N ASN A 498 -51.37 13.02 -19.35
CA ASN A 498 -52.32 12.66 -20.40
C ASN A 498 -52.59 13.87 -21.26
N PRO A 499 -52.04 13.93 -22.48
CA PRO A 499 -52.21 15.14 -23.31
C PRO A 499 -53.66 15.44 -23.67
N ALA A 500 -54.54 14.46 -23.65
CA ALA A 500 -55.95 14.67 -24.00
C ALA A 500 -56.77 15.20 -22.83
N VAL A 501 -56.13 15.68 -21.77
CA VAL A 501 -56.84 16.19 -20.60
C VAL A 501 -56.52 17.66 -20.44
N LYS A 502 -56.33 18.36 -21.55
CA LYS A 502 -55.99 19.78 -21.55
C LYS A 502 -56.99 20.58 -20.72
N SER A 503 -56.50 21.18 -19.63
CA SER A 503 -57.32 21.97 -18.72
C SER A 503 -56.95 23.44 -18.74
N CYS A 504 -55.67 23.76 -18.50
CA CYS A 504 -55.24 25.15 -18.50
C CYS A 504 -55.18 25.69 -19.93
N VAL A 505 -55.06 27.02 -20.03
CA VAL A 505 -54.93 27.70 -21.30
C VAL A 505 -53.62 28.48 -21.30
N LEU A 506 -52.93 28.45 -22.43
CA LEU A 506 -51.66 29.16 -22.54
C LEU A 506 -51.90 30.65 -22.36
N PRO A 507 -51.15 31.33 -21.49
CA PRO A 507 -51.38 32.77 -21.27
C PRO A 507 -51.17 33.55 -22.56
N GLN A 508 -51.97 34.60 -22.72
CA GLN A 508 -52.06 35.46 -23.90
C GLN A 508 -52.85 34.76 -25.02
N THR A 509 -53.20 33.48 -24.86
CA THR A 509 -53.97 32.75 -25.86
C THR A 509 -55.01 31.90 -25.13
N LYS A 510 -55.73 31.08 -25.89
CA LYS A 510 -56.71 30.17 -25.30
C LYS A 510 -56.49 28.72 -25.73
N THR A 511 -55.38 28.44 -26.42
CA THR A 511 -55.08 27.08 -26.85
C THR A 511 -54.95 26.17 -25.63
N PRO A 512 -55.90 25.28 -25.40
CA PRO A 512 -55.80 24.40 -24.23
C PRO A 512 -54.57 23.52 -24.29
N VAL A 513 -53.95 23.33 -23.13
CA VAL A 513 -52.74 22.51 -23.02
C VAL A 513 -52.86 21.64 -21.78
N SER A 514 -52.02 20.60 -21.74
CA SER A 514 -51.97 19.69 -20.60
C SER A 514 -51.02 20.27 -19.56
N CYS A 515 -51.56 20.67 -18.42
CA CYS A 515 -50.81 21.31 -17.36
C CYS A 515 -50.73 20.41 -16.13
N PHE A 516 -49.54 20.32 -15.54
CA PHE A 516 -49.32 19.55 -14.33
C PHE A 516 -48.55 20.39 -13.33
N ASN A 517 -48.88 20.22 -12.06
CA ASN A 517 -48.25 21.01 -11.01
C ASN A 517 -46.89 20.43 -10.63
N ILE A 518 -45.93 21.33 -10.42
CA ILE A 518 -44.60 20.96 -9.95
C ILE A 518 -44.40 21.66 -8.61
N GLN A 519 -44.20 20.90 -7.56
CA GLN A 519 -43.95 21.44 -6.24
C GLN A 519 -42.49 21.22 -5.87
N MET A 520 -41.82 22.29 -5.46
CA MET A 520 -40.39 22.28 -5.17
C MET A 520 -40.17 22.86 -3.78
N CYS A 521 -40.07 21.99 -2.78
CA CYS A 521 -39.86 22.41 -1.40
C CYS A 521 -38.37 22.43 -1.09
N VAL A 522 -37.89 23.54 -0.55
CA VAL A 522 -36.49 23.71 -0.19
C VAL A 522 -36.42 24.11 1.27
N GLY A 523 -35.54 23.45 2.03
CA GLY A 523 -35.38 23.76 3.43
C GLY A 523 -33.94 23.73 3.88
N ALA A 524 -33.49 24.81 4.51
CA ALA A 524 -32.12 24.94 4.99
C ALA A 524 -32.13 25.03 6.51
N THR A 525 -31.37 24.16 7.16
CA THR A 525 -31.28 24.14 8.62
C THR A 525 -29.82 24.04 9.03
N GLY A 526 -29.54 24.51 10.23
CA GLY A 526 -28.18 24.47 10.76
C GLY A 526 -28.11 25.26 12.03
N HIS A 527 -26.96 25.13 12.70
CA HIS A 527 -26.71 25.81 13.95
C HIS A 527 -25.93 27.09 13.70
N ASN A 528 -26.43 28.21 14.23
CA ASN A 528 -25.77 29.49 14.14
C ASN A 528 -25.60 29.94 12.69
N ILE A 529 -26.54 29.56 11.83
CA ILE A 529 -26.54 30.03 10.44
C ILE A 529 -27.02 31.48 10.43
N PRO A 530 -26.67 32.27 9.42
CA PRO A 530 -27.11 33.66 9.39
C PRO A 530 -28.61 33.76 9.19
N GLN A 531 -29.16 34.89 9.62
CA GLN A 531 -30.57 35.19 9.45
C GLN A 531 -30.89 35.76 8.07
N LYS A 532 -29.88 35.97 7.23
CA LYS A 532 -30.05 36.50 5.88
C LYS A 532 -29.65 35.45 4.85
N LEU A 533 -30.06 34.21 5.07
CA LEU A 533 -29.68 33.11 4.19
C LEU A 533 -30.58 33.11 2.97
N SER A 534 -29.98 33.17 1.79
CA SER A 534 -30.68 33.10 0.52
C SER A 534 -30.15 31.92 -0.28
N LEU A 535 -31.05 31.27 -1.02
CA LEU A 535 -30.68 30.14 -1.87
C LEU A 535 -31.29 30.31 -3.24
N ASN A 536 -30.56 29.88 -4.27
CA ASN A 536 -31.03 29.90 -5.64
C ASN A 536 -31.42 28.48 -6.03
N ALA A 537 -32.71 28.25 -6.26
CA ALA A 537 -33.20 26.93 -6.66
C ALA A 537 -33.43 26.90 -8.17
N GLU A 538 -32.59 26.19 -8.92
CA GLU A 538 -32.70 26.13 -10.40
C GLU A 538 -33.58 24.94 -10.80
N LEU A 539 -34.67 25.19 -11.51
CA LEU A 539 -35.58 24.11 -11.96
C LEU A 539 -35.34 23.84 -13.45
N GLN A 540 -35.15 22.57 -13.84
CA GLN A 540 -34.99 22.21 -15.23
C GLN A 540 -36.02 21.13 -15.58
N LEU A 541 -36.77 21.35 -16.64
CA LEU A 541 -37.79 20.41 -17.09
C LEU A 541 -37.28 19.64 -18.30
N ASP A 542 -37.29 18.32 -18.21
CA ASP A 542 -36.79 17.45 -19.27
C ASP A 542 -35.32 17.77 -19.57
N ARG A 543 -34.50 17.72 -18.51
CA ARG A 543 -33.06 18.09 -18.65
C ARG A 543 -32.37 17.17 -19.67
N GLN A 544 -32.84 15.94 -19.83
CA GLN A 544 -32.15 15.02 -20.72
C GLN A 544 -32.06 15.56 -22.13
N LYS A 545 -33.19 16.00 -22.68
CA LYS A 545 -33.24 16.46 -24.05
C LYS A 545 -32.54 17.83 -24.18
N PRO A 546 -32.07 18.16 -25.38
CA PRO A 546 -31.53 19.51 -25.61
C PRO A 546 -32.58 20.59 -25.43
N ARG A 547 -32.20 21.86 -25.54
CA ARG A 547 -33.13 22.94 -25.28
C ARG A 547 -34.33 22.89 -26.21
N GLN A 548 -34.08 22.67 -27.50
CA GLN A 548 -35.18 22.49 -28.43
C GLN A 548 -35.86 21.14 -28.27
N GLY A 549 -35.19 20.19 -27.62
CA GLY A 549 -35.77 18.89 -27.36
C GLY A 549 -36.69 18.83 -26.17
N ARG A 550 -36.81 19.92 -25.41
CA ARG A 550 -37.71 19.94 -24.26
C ARG A 550 -39.15 19.74 -24.71
N ARG A 551 -39.86 18.87 -24.00
CA ARG A 551 -41.26 18.60 -24.29
C ARG A 551 -42.23 19.31 -23.34
N VAL A 552 -41.75 19.74 -22.17
CA VAL A 552 -42.58 20.38 -21.17
C VAL A 552 -42.04 21.77 -20.90
N LEU A 553 -42.94 22.75 -20.76
CA LEU A 553 -42.57 24.13 -20.55
C LEU A 553 -43.42 24.72 -19.44
N LEU A 554 -42.91 25.80 -18.84
CA LEU A 554 -43.62 26.49 -17.77
C LEU A 554 -44.60 27.49 -18.37
N LEU A 555 -45.80 27.57 -17.77
CA LEU A 555 -46.82 28.48 -18.29
C LEU A 555 -46.38 29.93 -18.18
N GLY A 556 -45.74 30.30 -17.07
CA GLY A 556 -45.41 31.69 -16.84
C GLY A 556 -44.47 32.26 -17.88
N SER A 557 -43.41 31.53 -18.22
CA SER A 557 -42.41 32.01 -19.15
C SER A 557 -42.35 31.22 -20.45
N GLN A 558 -43.13 30.15 -20.60
CA GLN A 558 -43.09 29.30 -21.78
C GLN A 558 -41.68 28.78 -22.05
N GLN A 559 -40.90 28.59 -20.99
CA GLN A 559 -39.52 28.16 -21.10
C GLN A 559 -39.28 27.03 -20.11
N ALA A 560 -38.33 26.16 -20.45
CA ALA A 560 -38.04 24.97 -19.64
C ALA A 560 -36.90 25.29 -18.69
N GLY A 561 -37.23 26.00 -17.60
CA GLY A 561 -36.25 26.31 -16.60
C GLY A 561 -36.43 27.66 -15.94
N THR A 562 -36.27 27.70 -14.61
CA THR A 562 -36.32 28.94 -13.85
C THR A 562 -35.37 28.84 -12.68
N THR A 563 -35.00 30.00 -12.13
CA THR A 563 -34.08 30.08 -11.01
C THR A 563 -34.71 30.93 -9.91
N LEU A 564 -35.51 30.29 -9.06
CA LEU A 564 -36.11 30.99 -7.93
C LEU A 564 -35.06 31.35 -6.90
N ASN A 565 -35.17 32.55 -6.35
CA ASN A 565 -34.29 33.01 -5.28
C ASN A 565 -35.05 32.87 -3.96
N LEU A 566 -34.66 31.88 -3.16
CA LEU A 566 -35.32 31.60 -1.89
C LEU A 566 -34.44 32.08 -0.75
N ASP A 567 -35.01 32.90 0.13
CA ASP A 567 -34.32 33.33 1.35
C ASP A 567 -34.93 32.59 2.53
N LEU A 568 -34.11 31.81 3.22
CA LEU A 568 -34.57 30.97 4.32
C LEU A 568 -34.06 31.44 5.67
N GLY A 569 -33.59 32.68 5.76
CA GLY A 569 -33.13 33.21 7.02
C GLY A 569 -34.22 33.24 8.08
N GLY A 570 -33.99 32.55 9.19
CA GLY A 570 -34.97 32.48 10.25
C GLY A 570 -36.11 31.52 10.02
N LYS A 571 -36.08 30.76 8.92
CA LYS A 571 -37.14 29.83 8.59
C LYS A 571 -36.74 28.44 9.08
N HIS A 572 -37.56 27.86 9.96
CA HIS A 572 -37.30 26.55 10.52
C HIS A 572 -38.02 25.43 9.79
N SER A 573 -38.74 25.73 8.72
CA SER A 573 -39.44 24.74 7.94
C SER A 573 -39.14 24.93 6.46
N PRO A 574 -39.25 23.86 5.67
CA PRO A 574 -38.97 23.98 4.23
C PRO A 574 -39.92 24.96 3.57
N ILE A 575 -39.40 25.69 2.59
CA ILE A 575 -40.18 26.63 1.80
C ILE A 575 -40.61 25.93 0.52
N CYS A 576 -41.92 25.85 0.30
CA CYS A 576 -42.48 25.14 -0.84
C CYS A 576 -43.01 26.15 -1.85
N HIS A 577 -42.67 25.95 -3.12
CA HIS A 577 -43.16 26.77 -4.21
C HIS A 577 -43.76 25.87 -5.27
N THR A 578 -44.81 26.34 -5.93
CA THR A 578 -45.52 25.57 -6.94
C THR A 578 -45.60 26.36 -8.24
N THR A 579 -45.36 25.68 -9.35
CA THR A 579 -45.42 26.29 -10.67
C THR A 579 -46.28 25.45 -11.59
N MET A 580 -46.60 26.01 -12.74
CA MET A 580 -47.43 25.34 -13.75
C MET A 580 -46.57 25.03 -14.97
N ALA A 581 -46.50 23.74 -15.32
CA ALA A 581 -45.79 23.29 -16.51
C ALA A 581 -46.78 22.60 -17.44
N PHE A 582 -46.74 22.97 -18.72
CA PHE A 582 -47.65 22.43 -19.70
C PHE A 582 -46.90 21.55 -20.69
N LEU A 583 -47.57 20.50 -21.15
CA LEU A 583 -47.00 19.62 -22.16
C LEU A 583 -47.17 20.25 -23.54
N ARG A 584 -46.09 20.26 -24.31
CA ARG A 584 -46.14 20.86 -25.63
C ARG A 584 -47.15 20.12 -26.52
N ASP A 585 -47.46 20.73 -27.66
CA ASP A 585 -48.44 20.15 -28.56
C ASP A 585 -47.98 18.78 -29.05
N GLU A 586 -48.93 17.88 -29.24
CA GLU A 586 -48.60 16.49 -29.58
C GLU A 586 -47.89 16.42 -30.93
N ALA A 587 -48.36 17.19 -31.91
CA ALA A 587 -47.76 17.15 -33.24
C ALA A 587 -46.34 17.70 -33.26
N ASP A 588 -45.96 18.51 -32.27
CA ASP A 588 -44.63 19.13 -32.29
C ASP A 588 -43.53 18.11 -32.04
N PHE A 589 -43.57 17.45 -30.88
CA PHE A 589 -42.54 16.50 -30.50
C PHE A 589 -42.99 15.08 -30.83
N ARG A 590 -42.10 14.30 -31.42
CA ARG A 590 -42.42 12.93 -31.79
C ARG A 590 -42.08 11.94 -30.68
N ASP A 591 -40.99 12.18 -29.95
CA ASP A 591 -40.61 11.30 -28.84
C ASP A 591 -41.66 11.36 -27.74
N LYS A 592 -42.41 10.29 -27.56
CA LYS A 592 -43.44 10.22 -26.54
C LYS A 592 -43.25 9.00 -25.65
N LEU A 593 -42.02 8.51 -25.56
CA LEU A 593 -41.69 7.36 -24.73
C LEU A 593 -40.59 7.63 -23.73
N SER A 594 -39.61 8.45 -24.07
CA SER A 594 -38.54 8.77 -23.13
C SER A 594 -39.11 9.53 -21.94
N PRO A 595 -38.84 9.08 -20.72
CA PRO A 595 -39.43 9.75 -19.55
C PRO A 595 -38.93 11.19 -19.43
N ILE A 596 -39.81 12.06 -18.95
CA ILE A 596 -39.46 13.45 -18.70
C ILE A 596 -38.77 13.55 -17.35
N VAL A 597 -37.59 14.15 -17.33
CA VAL A 597 -36.78 14.27 -16.13
C VAL A 597 -36.83 15.70 -15.64
N LEU A 598 -37.15 15.88 -14.36
CA LEU A 598 -37.19 17.19 -13.73
C LEU A 598 -36.04 17.29 -12.73
N SER A 599 -35.28 18.38 -12.81
CA SER A 599 -34.12 18.59 -11.96
C SER A 599 -34.30 19.85 -11.13
N LEU A 600 -33.81 19.81 -9.89
CA LEU A 600 -33.77 21.01 -9.01
C LEU A 600 -32.31 21.13 -8.54
N ASN A 601 -31.60 22.20 -8.88
CA ASN A 601 -30.13 22.24 -8.61
C ASN A 601 -29.74 22.81 -7.23
N VAL A 602 -30.29 23.96 -6.80
CA VAL A 602 -30.01 24.59 -5.46
C VAL A 602 -28.51 24.86 -5.20
N SER A 603 -28.17 26.11 -4.85
CA SER A 603 -26.77 26.53 -4.63
C SER A 603 -26.75 27.90 -3.97
N LEU A 604 -25.65 28.23 -3.30
CA LEU A 604 -25.50 29.53 -2.66
C LEU A 604 -25.52 30.64 -3.69
N PRO A 605 -26.07 31.79 -3.35
CA PRO A 605 -26.13 32.91 -4.30
C PRO A 605 -24.74 33.43 -4.60
N PRO A 606 -24.56 34.08 -5.75
CA PRO A 606 -23.26 34.69 -6.06
C PRO A 606 -23.04 36.01 -5.34
N THR A 607 -23.82 36.24 -4.28
CA THR A 607 -23.71 37.49 -3.51
C THR A 607 -22.32 37.61 -2.94
N GLU A 608 -21.53 36.53 -2.98
CA GLU A 608 -20.17 36.55 -2.36
C GLU A 608 -19.40 37.75 -2.94
N ALA A 609 -19.58 38.05 -4.23
CA ALA A 609 -18.90 39.20 -4.85
C ALA A 609 -17.40 39.11 -4.58
N GLY A 610 -16.85 37.89 -4.58
CA GLY A 610 -15.39 37.72 -4.38
C GLY A 610 -15.05 37.33 -2.95
N MET A 611 -15.91 37.68 -1.98
CA MET A 611 -15.59 37.39 -0.57
C MET A 611 -15.90 35.92 -0.25
N ALA A 612 -15.32 35.38 0.83
CA ALA A 612 -15.61 33.99 1.22
C ALA A 612 -17.05 33.90 1.74
N PRO A 613 -17.88 32.97 1.22
CA PRO A 613 -19.24 32.82 1.72
C PRO A 613 -19.19 32.51 3.21
N ALA A 614 -19.95 33.26 4.01
CA ALA A 614 -19.92 33.06 5.48
C ALA A 614 -20.33 31.63 5.83
N VAL A 615 -21.09 30.97 4.95
CA VAL A 615 -21.59 29.64 5.26
C VAL A 615 -21.10 28.66 4.19
N VAL A 616 -21.16 27.38 4.53
CA VAL A 616 -20.81 26.30 3.63
C VAL A 616 -22.07 25.47 3.42
N LEU A 617 -22.55 25.42 2.18
CA LEU A 617 -23.74 24.64 1.87
C LEU A 617 -23.38 23.16 1.80
N HIS A 618 -24.17 22.34 2.50
CA HIS A 618 -23.90 20.90 2.54
C HIS A 618 -25.24 20.17 2.59
N GLY A 619 -25.20 18.91 2.18
CA GLY A 619 -26.40 18.10 2.11
C GLY A 619 -26.84 17.86 0.68
N ASP A 620 -28.01 17.25 0.56
CA ASP A 620 -28.57 16.94 -0.75
C ASP A 620 -29.13 18.19 -1.42
N THR A 621 -28.28 18.89 -2.15
CA THR A 621 -28.70 20.10 -2.85
C THR A 621 -29.24 19.83 -4.24
N HIS A 622 -29.10 18.58 -4.71
CA HIS A 622 -29.55 18.24 -6.08
C HIS A 622 -30.53 17.06 -6.03
N VAL A 623 -31.73 17.26 -6.57
CA VAL A 623 -32.75 16.21 -6.62
C VAL A 623 -33.20 16.07 -8.06
N GLN A 624 -33.79 14.91 -8.35
CA GLN A 624 -34.20 14.60 -9.72
C GLN A 624 -35.40 13.68 -9.67
N GLU A 625 -36.46 14.04 -10.39
CA GLU A 625 -37.69 13.27 -10.43
C GLU A 625 -38.14 13.11 -11.87
N GLN A 626 -38.81 12.00 -12.15
CA GLN A 626 -39.20 11.63 -13.50
C GLN A 626 -40.72 11.64 -13.65
N THR A 627 -41.16 11.97 -14.86
CA THR A 627 -42.56 11.85 -15.24
C THR A 627 -42.61 11.53 -16.72
N ARG A 628 -43.72 10.91 -17.14
CA ARG A 628 -43.80 10.41 -18.51
C ARG A 628 -45.23 10.57 -19.02
N ILE A 629 -45.36 10.67 -20.34
CA ILE A 629 -46.66 10.76 -20.97
C ILE A 629 -47.38 9.43 -20.85
N VAL A 630 -48.67 9.47 -20.55
CA VAL A 630 -49.48 8.26 -20.44
C VAL A 630 -49.52 7.59 -21.82
N LEU A 631 -48.89 6.42 -21.92
CA LEU A 631 -48.75 5.74 -23.20
C LEU A 631 -49.29 4.31 -23.07
N ASP A 632 -50.24 3.98 -23.94
CA ASP A 632 -50.87 2.65 -24.01
C ASP A 632 -51.21 2.09 -22.62
N CYS A 633 -51.80 2.94 -21.80
CA CYS A 633 -52.26 2.53 -20.48
C CYS A 633 -53.70 2.03 -20.48
N GLY A 634 -54.33 1.96 -21.64
CA GLY A 634 -55.69 1.48 -21.74
C GLY A 634 -56.72 2.58 -21.70
N GLU A 635 -57.98 2.16 -21.81
CA GLU A 635 -59.09 3.11 -21.79
C GLU A 635 -59.17 3.84 -20.45
N ASP A 636 -58.71 3.20 -19.37
CA ASP A 636 -58.75 3.83 -18.05
C ASP A 636 -57.74 4.97 -17.93
N ASP A 637 -56.80 5.07 -18.87
CA ASP A 637 -55.78 6.11 -18.86
C ASP A 637 -54.83 5.99 -17.67
N VAL A 638 -54.79 4.82 -17.03
CA VAL A 638 -53.90 4.56 -15.92
C VAL A 638 -53.16 3.25 -16.18
N CYS A 639 -51.84 3.28 -16.05
CA CYS A 639 -51.00 2.10 -16.27
C CYS A 639 -50.91 1.33 -14.95
N VAL A 640 -51.59 0.20 -14.89
CA VAL A 640 -51.59 -0.67 -13.71
C VAL A 640 -50.88 -1.97 -14.08
N PRO A 641 -49.63 -2.15 -13.69
CA PRO A 641 -48.88 -3.36 -14.06
C PRO A 641 -49.10 -4.51 -13.08
N GLN A 642 -48.73 -5.69 -13.55
CA GLN A 642 -48.73 -6.91 -12.74
C GLN A 642 -47.33 -7.51 -12.79
N LEU A 643 -46.73 -7.72 -11.63
CA LEU A 643 -45.34 -8.12 -11.51
C LEU A 643 -45.24 -9.47 -10.82
N GLN A 644 -44.46 -10.37 -11.40
CA GLN A 644 -44.22 -11.70 -10.84
C GLN A 644 -42.72 -11.94 -10.74
N LEU A 645 -42.31 -12.62 -9.67
CA LEU A 645 -40.90 -12.90 -9.42
C LEU A 645 -40.72 -14.35 -9.01
N THR A 646 -39.59 -14.92 -9.38
CA THR A 646 -39.21 -16.27 -8.99
C THR A 646 -37.77 -16.26 -8.48
N ALA A 647 -37.54 -16.93 -7.35
CA ALA A 647 -36.24 -16.94 -6.70
C ALA A 647 -35.66 -18.36 -6.73
N SER A 648 -34.39 -18.45 -7.09
CA SER A 648 -33.69 -19.74 -7.14
C SER A 648 -32.21 -19.49 -6.94
N VAL A 649 -31.64 -20.07 -5.90
CA VAL A 649 -30.24 -19.89 -5.55
C VAL A 649 -29.44 -21.09 -6.00
N THR A 650 -28.21 -20.84 -6.45
CA THR A 650 -27.29 -21.89 -6.87
C THR A 650 -26.11 -21.93 -5.91
N GLY A 651 -25.73 -23.13 -5.50
CA GLY A 651 -24.66 -23.28 -4.53
C GLY A 651 -25.19 -23.34 -3.11
N SER A 652 -26.14 -24.25 -2.87
CA SER A 652 -26.79 -24.36 -1.56
C SER A 652 -25.81 -24.52 -0.40
N PRO A 653 -24.78 -25.36 -0.47
CA PRO A 653 -23.88 -25.49 0.70
C PRO A 653 -23.07 -24.23 0.93
N LEU A 654 -23.39 -23.50 2.00
CA LEU A 654 -22.66 -22.29 2.37
C LEU A 654 -21.68 -22.67 3.48
N LEU A 655 -20.50 -23.12 3.06
CA LEU A 655 -19.48 -23.55 4.01
C LEU A 655 -19.06 -22.39 4.91
N VAL A 656 -19.20 -22.57 6.22
CA VAL A 656 -18.88 -21.51 7.16
C VAL A 656 -17.39 -21.20 7.09
N GLY A 657 -17.06 -19.92 7.08
CA GLY A 657 -15.68 -19.50 6.96
C GLY A 657 -15.12 -19.52 5.56
N ALA A 658 -15.95 -19.78 4.56
CA ALA A 658 -15.52 -19.82 3.18
C ALA A 658 -16.19 -18.70 2.40
N ASP A 659 -15.46 -18.18 1.41
CA ASP A 659 -15.98 -17.09 0.58
C ASP A 659 -17.04 -17.61 -0.38
N ASN A 660 -18.23 -17.90 0.14
CA ASN A 660 -19.29 -18.46 -0.68
C ASN A 660 -19.73 -17.48 -1.75
N VAL A 661 -19.93 -17.98 -2.97
CA VAL A 661 -20.45 -17.20 -4.07
C VAL A 661 -21.73 -17.87 -4.55
N LEU A 662 -22.84 -17.14 -4.50
CA LEU A 662 -24.15 -17.67 -4.85
C LEU A 662 -24.70 -16.95 -6.07
N GLU A 663 -25.26 -17.71 -6.99
CA GLU A 663 -25.90 -17.17 -8.18
C GLU A 663 -27.40 -17.14 -7.94
N LEU A 664 -27.92 -15.97 -7.56
CA LEU A 664 -29.34 -15.80 -7.26
C LEU A 664 -30.11 -15.60 -8.56
N GLN A 665 -30.24 -16.70 -9.30
CA GLN A 665 -30.99 -16.65 -10.56
C GLN A 665 -32.44 -16.29 -10.28
N MET A 666 -32.96 -15.33 -11.04
CA MET A 666 -34.30 -14.81 -10.82
C MET A 666 -34.97 -14.54 -12.16
N ASP A 667 -36.30 -14.52 -12.13
CA ASP A 667 -37.11 -14.23 -13.30
C ASP A 667 -38.15 -13.19 -12.93
N ALA A 668 -38.38 -12.23 -13.84
CA ALA A 668 -39.34 -11.16 -13.63
C ALA A 668 -40.31 -11.11 -14.80
N ALA A 669 -41.60 -10.95 -14.49
CA ALA A 669 -42.63 -10.88 -15.52
C ALA A 669 -43.56 -9.72 -15.21
N ASN A 670 -43.75 -8.85 -16.21
CA ASN A 670 -44.69 -7.74 -16.10
C ASN A 670 -45.97 -8.14 -16.82
N GLU A 671 -46.76 -8.99 -16.16
CA GLU A 671 -47.97 -9.52 -16.77
C GLU A 671 -49.06 -8.47 -16.93
N GLY A 672 -48.95 -7.34 -16.25
CA GLY A 672 -49.91 -6.26 -16.36
C GLY A 672 -49.51 -5.23 -17.40
N GLU A 673 -49.98 -4.01 -17.19
CA GLU A 673 -49.66 -2.91 -18.09
C GLU A 673 -48.23 -2.44 -17.82
N GLY A 674 -47.82 -1.36 -18.48
CA GLY A 674 -46.47 -0.84 -18.35
C GLY A 674 -46.09 -0.44 -16.93
N ALA A 675 -44.89 -0.83 -16.52
CA ALA A 675 -44.38 -0.50 -15.20
C ALA A 675 -43.37 0.63 -15.33
N TYR A 676 -43.51 1.66 -14.51
CA TYR A 676 -42.65 2.84 -14.57
C TYR A 676 -41.52 2.71 -13.55
N GLU A 677 -40.30 2.91 -14.02
CA GLU A 677 -39.12 2.90 -13.16
C GLU A 677 -39.01 1.57 -12.41
N ALA A 678 -39.28 0.47 -13.10
CA ALA A 678 -39.25 -0.84 -12.46
C ALA A 678 -37.85 -1.14 -11.93
N GLU A 679 -37.80 -1.57 -10.67
CA GLU A 679 -36.54 -1.86 -10.01
C GLU A 679 -36.67 -3.18 -9.25
N LEU A 680 -35.61 -3.97 -9.27
CA LEU A 680 -35.57 -5.23 -8.54
C LEU A 680 -34.87 -5.02 -7.22
N ALA A 681 -35.57 -5.30 -6.12
CA ALA A 681 -35.06 -5.07 -4.78
C ALA A 681 -34.62 -6.40 -4.18
N VAL A 682 -33.37 -6.46 -3.73
CA VAL A 682 -32.82 -7.63 -3.05
C VAL A 682 -32.28 -7.19 -1.71
N HIS A 683 -32.77 -7.80 -0.64
CA HIS A 683 -32.32 -7.49 0.71
C HIS A 683 -31.18 -8.45 1.07
N LEU A 684 -29.97 -7.93 1.09
CA LEU A 684 -28.78 -8.74 1.35
C LEU A 684 -28.46 -8.73 2.84
N PRO A 685 -28.14 -9.88 3.43
CA PRO A 685 -27.69 -9.89 4.83
C PRO A 685 -26.37 -9.15 4.97
N GLN A 686 -25.91 -9.05 6.22
CA GLN A 686 -24.64 -8.38 6.48
C GLN A 686 -23.48 -9.11 5.81
N GLY A 687 -23.49 -10.45 5.86
CA GLY A 687 -22.42 -11.21 5.22
C GLY A 687 -22.45 -11.10 3.71
N ALA A 688 -23.64 -11.15 3.12
CA ALA A 688 -23.75 -11.13 1.66
C ALA A 688 -23.38 -9.77 1.10
N HIS A 689 -22.79 -9.77 -0.08
CA HIS A 689 -22.43 -8.54 -0.78
C HIS A 689 -22.62 -8.72 -2.27
N TYR A 690 -23.15 -7.69 -2.92
CA TYR A 690 -23.38 -7.75 -4.36
C TYR A 690 -22.06 -7.71 -5.11
N MET A 691 -21.95 -8.56 -6.14
CA MET A 691 -20.77 -8.57 -7.00
C MET A 691 -21.12 -8.15 -8.43
N ARG A 692 -22.06 -8.83 -9.07
CA ARG A 692 -22.48 -8.46 -10.41
C ARG A 692 -23.84 -9.07 -10.70
N ALA A 693 -24.54 -8.49 -11.67
CA ALA A 693 -25.83 -8.98 -12.11
C ALA A 693 -25.91 -8.90 -13.62
N LEU A 694 -26.26 -10.01 -14.26
CA LEU A 694 -26.35 -10.11 -15.71
C LEU A 694 -27.73 -10.58 -16.11
N SER A 695 -28.34 -9.87 -17.06
CA SER A 695 -29.67 -10.20 -17.56
C SER A 695 -29.56 -11.01 -18.84
N ASN A 696 -30.71 -11.56 -19.26
CA ASN A 696 -30.78 -12.36 -20.48
C ASN A 696 -31.16 -11.55 -21.71
N VAL A 697 -31.32 -10.24 -21.58
CA VAL A 697 -31.61 -9.38 -22.70
C VAL A 697 -30.29 -8.96 -23.35
N GLU A 698 -30.16 -9.19 -24.66
CA GLU A 698 -28.92 -8.87 -25.34
C GLU A 698 -28.63 -7.38 -25.30
N GLY A 699 -29.65 -6.56 -25.54
CA GLY A 699 -29.46 -5.11 -25.50
C GLY A 699 -29.10 -4.58 -24.13
N PHE A 700 -29.66 -5.18 -23.08
CA PHE A 700 -29.49 -4.72 -21.71
C PHE A 700 -28.99 -5.86 -20.83
N GLU A 701 -27.94 -6.53 -21.29
CA GLU A 701 -27.45 -7.72 -20.59
C GLU A 701 -26.96 -7.39 -19.18
N ARG A 702 -26.27 -6.26 -19.01
CA ARG A 702 -25.76 -5.85 -17.72
C ARG A 702 -26.75 -4.87 -17.08
N LEU A 703 -27.15 -5.17 -15.85
CA LEU A 703 -28.11 -4.35 -15.13
C LEU A 703 -27.39 -3.39 -14.19
N ILE A 704 -27.87 -2.16 -14.15
CA ILE A 704 -27.32 -1.15 -13.26
C ILE A 704 -27.85 -1.42 -11.86
N CYS A 705 -27.01 -1.96 -10.99
CA CYS A 705 -27.38 -2.26 -9.61
C CYS A 705 -26.69 -1.27 -8.69
N ASN A 706 -27.48 -0.64 -7.81
CA ASN A 706 -26.98 0.37 -6.88
C ASN A 706 -27.12 -0.18 -5.46
N GLN A 707 -25.99 -0.57 -4.87
CA GLN A 707 -26.00 -1.04 -3.50
C GLN A 707 -26.40 0.09 -2.56
N LYS A 708 -27.28 -0.22 -1.60
CA LYS A 708 -27.72 0.77 -0.64
C LYS A 708 -28.08 0.07 0.66
N LYS A 709 -27.78 0.73 1.79
CA LYS A 709 -28.09 0.19 3.11
C LYS A 709 -29.43 0.74 3.57
N GLU A 710 -30.50 0.10 3.08
CA GLU A 710 -31.88 0.43 3.52
C GLU A 710 -31.97 0.19 5.03
N ASN A 711 -32.94 0.82 5.69
CA ASN A 711 -33.14 0.63 7.16
C ASN A 711 -32.56 -0.72 7.57
N GLU A 712 -31.32 -0.71 8.08
CA GLU A 712 -30.72 -1.81 8.87
C GLU A 712 -30.46 -3.05 7.99
N THR A 713 -30.96 -3.08 6.74
CA THR A 713 -30.56 -4.17 5.87
C THR A 713 -30.10 -3.61 4.54
N ARG A 714 -28.92 -4.04 4.09
CA ARG A 714 -28.40 -3.58 2.81
C ARG A 714 -29.25 -4.16 1.68
N VAL A 715 -29.51 -3.33 0.67
CA VAL A 715 -30.32 -3.73 -0.47
C VAL A 715 -29.61 -3.30 -1.75
N VAL A 716 -29.91 -4.01 -2.83
CA VAL A 716 -29.35 -3.72 -4.15
C VAL A 716 -30.51 -3.42 -5.09
N LEU A 717 -30.44 -2.29 -5.77
CA LEU A 717 -31.48 -1.87 -6.71
C LEU A 717 -30.94 -2.04 -8.13
N CYS A 718 -31.52 -2.97 -8.87
CA CYS A 718 -31.15 -3.21 -10.26
C CYS A 718 -32.32 -2.82 -11.16
N GLU A 719 -32.05 -1.97 -12.14
CA GLU A 719 -33.09 -1.51 -13.05
C GLU A 719 -33.57 -2.65 -13.95
N LEU A 720 -34.86 -2.62 -14.25
CA LEU A 720 -35.48 -3.56 -15.18
C LEU A 720 -36.09 -2.82 -16.38
N GLY A 721 -35.52 -1.67 -16.73
CA GLY A 721 -36.11 -0.83 -17.75
C GLY A 721 -37.13 0.11 -17.16
N ASN A 722 -36.97 1.42 -17.41
CA ASN A 722 -37.87 2.39 -16.79
C ASN A 722 -39.32 2.17 -17.21
N PRO A 723 -39.66 2.16 -18.49
CA PRO A 723 -41.00 1.71 -18.91
C PRO A 723 -41.04 0.22 -19.21
N MET A 724 -41.01 -0.59 -18.16
CA MET A 724 -41.01 -2.05 -18.32
C MET A 724 -42.26 -2.48 -19.08
N LYS A 725 -42.05 -3.00 -20.29
CA LYS A 725 -43.15 -3.21 -21.22
C LYS A 725 -44.06 -4.34 -20.74
N LYS A 726 -45.31 -4.28 -21.20
CA LYS A 726 -46.28 -5.31 -20.87
C LYS A 726 -45.89 -6.64 -21.50
N ASN A 727 -46.15 -7.73 -20.77
CA ASN A 727 -45.83 -9.08 -21.23
C ASN A 727 -44.34 -9.26 -21.44
N ALA A 728 -43.52 -8.53 -20.67
CA ALA A 728 -42.08 -8.59 -20.78
C ALA A 728 -41.53 -9.41 -19.61
N GLN A 729 -40.73 -10.43 -19.92
CA GLN A 729 -40.13 -11.29 -18.92
C GLN A 729 -38.61 -11.15 -18.99
N ILE A 730 -37.99 -10.90 -17.83
CA ILE A 730 -36.55 -10.70 -17.74
C ILE A 730 -36.00 -11.68 -16.72
N GLY A 731 -34.98 -12.44 -17.12
CA GLY A 731 -34.29 -13.34 -16.22
C GLY A 731 -32.96 -12.79 -15.78
N ILE A 732 -32.78 -12.57 -14.48
CA ILE A 732 -31.60 -11.93 -13.93
C ILE A 732 -30.83 -12.95 -13.10
N ALA A 733 -29.54 -13.11 -13.40
CA ALA A 733 -28.66 -14.00 -12.66
C ALA A 733 -27.64 -13.14 -11.93
N MET A 734 -27.76 -13.08 -10.61
CA MET A 734 -26.91 -12.23 -9.77
C MET A 734 -25.97 -13.09 -8.95
N LEU A 735 -24.69 -12.70 -8.93
CA LEU A 735 -23.69 -13.37 -8.11
C LEU A 735 -23.48 -12.54 -6.85
N VAL A 736 -23.67 -13.17 -5.68
CA VAL A 736 -23.57 -12.50 -4.40
C VAL A 736 -22.56 -13.25 -3.55
N SER A 737 -21.63 -12.51 -2.95
CA SER A 737 -20.62 -13.10 -2.07
C SER A 737 -21.16 -13.11 -0.65
N VAL A 738 -21.27 -14.31 -0.07
CA VAL A 738 -21.80 -14.50 1.28
C VAL A 738 -20.65 -14.90 2.18
N GLY A 739 -20.47 -14.16 3.27
CA GLY A 739 -19.41 -14.43 4.23
C GLY A 739 -19.88 -14.16 5.64
N ASN A 740 -18.96 -14.37 6.58
CA ASN A 740 -19.25 -14.13 8.01
C ASN A 740 -20.41 -15.01 8.49
N LEU A 741 -20.52 -16.20 7.91
CA LEU A 741 -21.61 -17.12 8.27
C LEU A 741 -21.43 -17.73 9.65
N GLU A 742 -20.27 -17.53 10.29
CA GLU A 742 -20.06 -18.10 11.61
C GLU A 742 -21.06 -17.54 12.61
N GLU A 743 -21.31 -16.23 12.56
CA GLU A 743 -22.25 -15.57 13.47
C GLU A 743 -23.66 -15.59 12.93
N ALA A 744 -24.15 -16.78 12.58
CA ALA A 744 -25.48 -16.94 12.04
C ALA A 744 -25.99 -18.34 12.40
N GLY A 745 -27.19 -18.67 11.96
CA GLY A 745 -27.82 -19.94 12.22
C GLY A 745 -27.53 -20.96 11.14
N GLU A 746 -28.39 -21.98 11.07
CA GLU A 746 -28.21 -23.04 10.08
C GLU A 746 -28.44 -22.55 8.65
N SER A 747 -29.11 -21.42 8.47
CA SER A 747 -29.45 -20.96 7.12
C SER A 747 -29.52 -19.45 7.10
N VAL A 748 -29.45 -18.89 5.90
CA VAL A 748 -29.59 -17.46 5.66
C VAL A 748 -30.52 -17.26 4.47
N SER A 749 -31.37 -16.24 4.55
CA SER A 749 -32.39 -16.01 3.54
C SER A 749 -32.25 -14.61 2.96
N PHE A 750 -32.84 -14.42 1.78
CA PHE A 750 -32.79 -13.15 1.06
C PHE A 750 -34.21 -12.70 0.73
N GLN A 751 -34.40 -11.39 0.68
CA GLN A 751 -35.68 -10.80 0.30
C GLN A 751 -35.58 -10.30 -1.13
N LEU A 752 -36.52 -10.72 -1.97
CA LEU A 752 -36.58 -10.32 -3.37
C LEU A 752 -37.95 -9.74 -3.67
N GLN A 753 -37.97 -8.56 -4.30
CA GLN A 753 -39.22 -7.91 -4.65
C GLN A 753 -38.98 -6.98 -5.83
N ILE A 754 -40.01 -6.84 -6.66
CA ILE A 754 -39.99 -5.92 -7.80
C ILE A 754 -40.92 -4.77 -7.48
N ARG A 755 -40.36 -3.57 -7.37
CA ARG A 755 -41.12 -2.38 -7.01
C ARG A 755 -41.09 -1.38 -8.15
N SER A 756 -42.24 -0.75 -8.41
CA SER A 756 -42.36 0.21 -9.49
C SER A 756 -42.90 1.54 -8.97
N LYS A 757 -43.23 2.45 -9.88
CA LYS A 757 -43.74 3.76 -9.51
C LYS A 757 -45.15 3.99 -10.06
N ASN A 758 -45.87 2.92 -10.35
CA ASN A 758 -47.25 3.04 -10.81
C ASN A 758 -48.17 3.32 -9.64
N SER A 759 -49.41 3.69 -9.97
CA SER A 759 -50.39 4.02 -8.93
C SER A 759 -50.99 2.76 -8.31
N GLN A 760 -51.64 1.94 -9.13
CA GLN A 760 -52.26 0.71 -8.67
C GLN A 760 -51.34 -0.47 -8.93
N ASN A 761 -51.11 -1.29 -7.91
CA ASN A 761 -50.23 -2.45 -7.98
C ASN A 761 -48.82 -2.03 -8.41
N PRO A 762 -48.13 -1.22 -7.60
CA PRO A 762 -46.78 -0.79 -7.97
C PRO A 762 -45.71 -1.80 -7.67
N ASN A 763 -45.92 -2.69 -6.70
CA ASN A 763 -44.92 -3.65 -6.27
C ASN A 763 -45.40 -5.07 -6.52
N SER A 764 -44.44 -5.98 -6.68
CA SER A 764 -44.72 -7.40 -6.80
C SER A 764 -44.66 -8.07 -5.43
N LYS A 765 -45.25 -9.25 -5.34
CA LYS A 765 -45.24 -9.99 -4.09
C LYS A 765 -43.81 -10.33 -3.70
N ILE A 766 -43.46 -10.10 -2.43
CA ILE A 766 -42.11 -10.36 -1.96
C ILE A 766 -41.86 -11.86 -2.00
N VAL A 767 -40.76 -12.25 -2.64
CA VAL A 767 -40.35 -13.65 -2.73
C VAL A 767 -39.16 -13.83 -1.81
N LEU A 768 -39.28 -14.79 -0.88
CA LEU A 768 -38.24 -15.05 0.11
C LEU A 768 -37.47 -16.30 -0.27
N LEU A 769 -36.14 -16.16 -0.34
CA LEU A 769 -35.26 -17.27 -0.70
C LEU A 769 -34.30 -17.51 0.47
N ASP A 770 -34.32 -18.76 0.93
CA ASP A 770 -33.45 -19.16 2.08
C ASP A 770 -32.37 -20.11 1.57
N VAL A 771 -31.15 -19.98 2.07
CA VAL A 771 -30.03 -20.83 1.69
C VAL A 771 -29.45 -21.44 2.95
N PRO A 772 -29.26 -22.76 3.01
CA PRO A 772 -28.71 -23.37 4.23
C PRO A 772 -27.28 -22.96 4.46
N VAL A 773 -26.89 -22.97 5.74
CA VAL A 773 -25.54 -22.65 6.17
C VAL A 773 -24.93 -23.88 6.82
N ARG A 774 -23.76 -24.29 6.36
CA ARG A 774 -23.10 -25.49 6.85
C ARG A 774 -21.62 -25.22 7.09
N ALA A 775 -21.04 -25.97 8.03
CA ALA A 775 -19.62 -25.88 8.34
C ALA A 775 -18.95 -27.19 7.93
N GLU A 776 -17.91 -27.09 7.13
CA GLU A 776 -17.21 -28.28 6.63
C GLU A 776 -15.74 -27.96 6.48
N ALA A 777 -14.91 -29.01 6.57
CA ALA A 777 -13.47 -28.85 6.43
C ALA A 777 -12.86 -30.18 6.00
N GLN A 778 -11.74 -30.09 5.31
CA GLN A 778 -10.98 -31.25 4.87
C GLN A 778 -9.51 -31.05 5.18
N VAL A 779 -8.83 -32.16 5.44
CA VAL A 779 -7.42 -32.13 5.84
C VAL A 779 -6.63 -33.08 4.94
N GLU A 780 -5.43 -32.66 4.55
CA GLU A 780 -4.55 -33.45 3.72
C GLU A 780 -3.54 -34.19 4.59
N LEU A 781 -3.43 -35.49 4.38
CA LEU A 781 -2.46 -36.33 5.08
C LEU A 781 -1.47 -36.86 4.05
N ARG A 782 -0.28 -36.26 4.00
CA ARG A 782 0.76 -36.66 3.07
C ARG A 782 2.08 -36.83 3.79
N GLY A 783 2.91 -37.73 3.27
CA GLY A 783 4.22 -37.96 3.84
C GLY A 783 5.13 -38.62 2.82
N ASN A 784 6.43 -38.47 3.04
CA ASN A 784 7.41 -39.04 2.13
C ASN A 784 8.67 -39.37 2.92
N SER A 785 9.48 -40.27 2.34
CA SER A 785 10.70 -40.75 2.97
C SER A 785 11.90 -39.97 2.45
N PHE A 786 12.80 -39.61 3.37
CA PHE A 786 14.01 -38.87 3.02
C PHE A 786 15.23 -39.67 3.43
N PRO A 787 15.87 -40.39 2.50
CA PRO A 787 15.52 -40.53 1.09
C PRO A 787 14.35 -41.48 0.89
N ALA A 788 13.67 -41.40 -0.25
CA ALA A 788 12.57 -42.33 -0.52
C ALA A 788 13.07 -43.76 -0.60
N SER A 789 14.21 -43.97 -1.26
CA SER A 789 14.83 -45.28 -1.36
C SER A 789 16.33 -45.14 -1.12
N LEU A 790 16.94 -46.17 -0.54
CA LEU A 790 18.36 -46.16 -0.22
C LEU A 790 18.88 -47.58 -0.35
N VAL A 791 19.46 -47.88 -1.52
CA VAL A 791 20.02 -49.25 -1.76
C VAL A 791 21.02 -49.57 -0.64
N VAL A 792 20.72 -50.60 0.15
CA VAL A 792 21.62 -50.99 1.28
C VAL A 792 22.56 -52.11 0.81
N ALA A 793 23.87 -51.88 0.88
CA ALA A 793 24.85 -52.89 0.46
C ALA A 793 24.67 -54.15 1.31
N ALA A 794 24.38 -53.97 2.60
CA ALA A 794 24.14 -55.12 3.50
C ALA A 794 25.24 -56.17 3.34
N SER A 806 23.07 -50.13 14.70
CA SER A 806 24.11 -49.12 14.83
C SER A 806 24.03 -48.10 13.70
N TRP A 807 25.03 -47.22 13.65
CA TRP A 807 25.04 -46.16 12.64
C TRP A 807 25.15 -46.77 11.24
N GLY A 808 24.49 -46.12 10.28
CA GLY A 808 24.49 -46.57 8.91
C GLY A 808 23.71 -45.62 8.01
N PRO A 809 22.96 -46.18 7.06
CA PRO A 809 22.11 -45.34 6.21
C PRO A 809 21.08 -44.59 7.03
N LYS A 810 20.76 -43.38 6.60
CA LYS A 810 19.82 -42.51 7.28
C LYS A 810 18.48 -42.51 6.54
N VAL A 811 17.42 -42.84 7.27
CA VAL A 811 16.06 -42.84 6.72
C VAL A 811 15.14 -42.15 7.71
N GLU A 812 14.41 -41.15 7.23
CA GLU A 812 13.45 -40.43 8.06
C GLU A 812 12.15 -40.25 7.32
N HIS A 813 11.04 -40.34 8.04
CA HIS A 813 9.71 -40.19 7.48
C HIS A 813 9.08 -38.92 8.05
N THR A 814 8.56 -38.07 7.17
CA THR A 814 7.91 -36.83 7.55
C THR A 814 6.45 -36.87 7.14
N TYR A 815 5.56 -36.61 8.08
CA TYR A 815 4.12 -36.57 7.84
C TYR A 815 3.62 -35.15 8.07
N GLU A 816 2.95 -34.60 7.07
CA GLU A 816 2.42 -33.23 7.13
C GLU A 816 0.91 -33.26 6.95
N LEU A 817 0.21 -32.43 7.71
CA LEU A 817 -1.23 -32.31 7.63
C LEU A 817 -1.59 -30.89 7.23
N HIS A 818 -2.42 -30.75 6.20
CA HIS A 818 -2.87 -29.46 5.71
C HIS A 818 -4.37 -29.33 5.92
N ASN A 819 -4.78 -28.26 6.59
CA ASN A 819 -6.20 -28.00 6.84
C ASN A 819 -6.78 -27.19 5.68
N ASN A 820 -6.91 -27.88 4.54
CA ASN A 820 -7.42 -27.23 3.33
C ASN A 820 -8.89 -26.86 3.45
N GLY A 821 -9.61 -27.44 4.40
CA GLY A 821 -11.02 -27.21 4.54
C GLY A 821 -11.36 -25.75 4.84
N PRO A 822 -12.52 -25.30 4.38
CA PRO A 822 -12.91 -23.90 4.60
C PRO A 822 -13.03 -23.54 6.06
N GLY A 823 -13.41 -24.48 6.92
CA GLY A 823 -13.57 -24.21 8.33
C GLY A 823 -12.41 -24.74 9.16
N THR A 824 -12.24 -24.19 10.37
CA THR A 824 -11.12 -24.61 11.24
C THR A 824 -11.40 -26.00 11.76
N VAL A 825 -10.35 -26.72 12.19
CA VAL A 825 -10.51 -28.12 12.67
C VAL A 825 -10.14 -28.19 14.15
N ASN A 826 -10.87 -29.00 14.93
CA ASN A 826 -10.53 -29.19 16.37
C ASN A 826 -10.51 -30.69 16.67
N GLY A 827 -9.60 -31.12 17.55
CA GLY A 827 -9.47 -32.55 17.87
C GLY A 827 -8.50 -33.24 16.92
N LEU A 828 -7.51 -32.50 16.42
CA LEU A 828 -6.49 -33.09 15.52
C LEU A 828 -5.86 -34.31 16.20
N HIS A 829 -5.94 -35.47 15.55
CA HIS A 829 -5.33 -36.71 16.11
C HIS A 829 -4.56 -37.45 15.01
N LEU A 830 -3.40 -38.01 15.34
CA LEU A 830 -2.57 -38.74 14.35
C LEU A 830 -1.89 -39.93 15.05
N SER A 831 -1.85 -41.08 14.37
CA SER A 831 -1.21 -42.29 14.96
C SER A 831 -0.29 -42.93 13.91
N ILE A 832 1.03 -42.82 14.08
CA ILE A 832 1.94 -43.33 13.07
C ILE A 832 2.43 -44.71 13.50
N HIS A 833 2.32 -45.69 12.61
CA HIS A 833 2.71 -47.06 12.89
C HIS A 833 4.11 -47.29 12.31
N LEU A 834 5.13 -47.28 13.17
CA LEU A 834 6.50 -47.43 12.76
C LEU A 834 7.02 -48.80 13.19
N PRO A 835 7.38 -49.67 12.25
CA PRO A 835 7.95 -50.97 12.64
C PRO A 835 9.27 -50.80 13.38
N GLY A 836 9.49 -51.66 14.36
CA GLY A 836 10.75 -51.66 15.09
C GLY A 836 10.61 -51.56 16.59
N GLN A 837 11.75 -51.42 17.28
CA GLN A 837 11.77 -51.28 18.73
C GLN A 837 12.74 -50.24 19.23
N SER A 838 13.50 -49.58 18.35
CA SER A 838 14.55 -48.64 18.75
C SER A 838 15.64 -49.36 19.54
N GLN A 839 15.87 -50.62 19.24
CA GLN A 839 16.83 -51.46 19.95
C GLN A 839 17.50 -52.44 18.98
N PRO A 840 18.43 -53.26 19.44
CA PRO A 840 19.01 -54.28 18.54
C PRO A 840 17.98 -55.20 17.94
N SER A 841 16.89 -55.49 18.65
CA SER A 841 15.80 -56.24 18.06
C SER A 841 15.20 -55.50 16.86
N ASP A 842 15.18 -54.18 16.93
CA ASP A 842 14.69 -53.36 15.82
C ASP A 842 15.57 -53.56 14.60
N LEU A 843 14.95 -53.70 13.43
CA LEU A 843 15.68 -53.82 12.18
C LEU A 843 16.11 -52.47 11.62
N LEU A 844 15.67 -51.38 12.21
CA LEU A 844 16.02 -50.03 11.75
C LEU A 844 15.91 -49.11 12.95
N TYR A 845 17.07 -48.70 13.48
CA TYR A 845 17.09 -47.88 14.68
C TYR A 845 16.37 -46.57 14.45
N ILE A 846 15.64 -46.12 15.47
CA ILE A 846 14.85 -44.90 15.39
C ILE A 846 15.41 -43.88 16.38
N LEU A 847 15.16 -42.60 16.10
CA LEU A 847 15.62 -41.52 16.95
C LEU A 847 14.45 -40.62 17.34
N ASP A 848 14.76 -39.46 17.92
CA ASP A 848 13.73 -38.56 18.41
C ASP A 848 12.76 -38.15 17.30
N ILE A 849 11.48 -38.10 17.63
CA ILE A 849 10.43 -37.70 16.70
C ILE A 849 10.13 -36.22 16.90
N GLN A 850 10.12 -35.46 15.83
CA GLN A 850 10.00 -34.01 15.90
C GLN A 850 8.63 -33.56 15.42
N PRO A 851 7.74 -33.12 16.32
CA PRO A 851 6.44 -32.56 15.91
C PRO A 851 6.57 -31.10 15.50
N GLN A 852 6.96 -30.89 14.23
CA GLN A 852 7.18 -29.54 13.74
C GLN A 852 5.90 -28.71 13.78
N GLY A 853 4.77 -29.31 13.42
CA GLY A 853 3.52 -28.58 13.48
C GLY A 853 3.15 -28.15 14.89
N GLY A 854 3.42 -29.01 15.87
CA GLY A 854 3.11 -28.70 17.25
C GLY A 854 2.18 -29.71 17.89
N LEU A 855 2.18 -30.94 17.36
CA LEU A 855 1.34 -32.03 17.86
C LEU A 855 2.24 -33.06 18.52
N GLN A 856 2.27 -33.05 19.85
CA GLN A 856 3.13 -33.97 20.60
C GLN A 856 2.59 -35.39 20.51
N CYS A 857 3.49 -36.36 20.60
CA CYS A 857 3.12 -37.77 20.53
C CYS A 857 4.06 -38.58 21.40
N PHE A 858 3.60 -39.77 21.79
CA PHE A 858 4.39 -40.71 22.57
C PHE A 858 4.46 -42.04 21.85
N PRO A 859 5.62 -42.43 21.33
CA PRO A 859 5.73 -43.74 20.68
C PRO A 859 5.53 -44.87 21.69
N GLN A 860 4.98 -45.98 21.20
CA GLN A 860 4.71 -47.11 22.07
C GLN A 860 5.97 -47.64 22.74
N PRO A 861 7.05 -47.95 22.02
CA PRO A 861 8.32 -48.25 22.67
C PRO A 861 9.15 -46.99 22.81
N PRO A 862 9.77 -46.78 23.98
CA PRO A 862 10.59 -45.59 24.16
C PRO A 862 11.71 -45.49 23.12
N VAL A 863 11.61 -44.48 22.25
CA VAL A 863 12.58 -44.34 21.17
C VAL A 863 13.92 -43.87 21.73
N ASN A 864 14.99 -44.19 20.99
CA ASN A 864 16.39 -43.90 21.31
C ASN A 864 16.68 -44.13 22.79
N PRO A 865 16.69 -45.40 23.24
CA PRO A 865 17.02 -45.66 24.66
C PRO A 865 18.37 -45.12 25.06
N LEU A 866 19.35 -45.11 24.15
CA LEU A 866 20.66 -44.52 24.40
C LEU A 866 20.73 -43.14 23.76
N LYS A 867 21.32 -42.19 24.48
CA LYS A 867 21.39 -40.82 23.97
C LYS A 867 22.22 -40.73 22.69
N VAL A 868 23.19 -41.62 22.52
CA VAL A 868 24.03 -41.58 21.33
C VAL A 868 23.20 -41.91 20.10
N ASP A 869 23.56 -41.30 18.97
CA ASP A 869 22.87 -41.55 17.70
C ASP A 869 23.65 -42.60 16.89
N TRP A 870 23.59 -43.83 17.38
CA TRP A 870 24.28 -44.93 16.73
C TRP A 870 23.32 -45.75 15.88
N ASP A 905 12.64 -59.87 -4.49
CA ASP A 905 11.38 -59.20 -4.18
C ASP A 905 11.38 -58.68 -2.74
N PRO A 906 11.22 -57.36 -2.59
CA PRO A 906 11.20 -56.78 -1.24
C PRO A 906 10.02 -57.29 -0.44
N VAL A 907 10.22 -57.37 0.88
CA VAL A 907 9.20 -57.84 1.80
C VAL A 907 8.65 -56.64 2.57
N LEU A 908 7.32 -56.54 2.63
CA LEU A 908 6.68 -55.41 3.30
C LEU A 908 6.97 -55.45 4.79
N VAL A 909 7.87 -54.59 5.25
CA VAL A 909 8.22 -54.53 6.68
C VAL A 909 7.30 -53.49 7.30
N SER A 910 6.10 -53.93 7.65
CA SER A 910 5.17 -53.07 8.37
C SER A 910 5.50 -53.07 9.86
N CYS A 911 4.75 -52.26 10.61
CA CYS A 911 4.97 -52.21 12.06
C CYS A 911 4.49 -53.48 12.76
N ASP A 912 3.79 -54.37 12.05
CA ASP A 912 3.28 -55.59 12.67
C ASP A 912 4.41 -56.50 13.16
N SER A 913 5.49 -56.61 12.38
CA SER A 913 6.54 -57.56 12.72
C SER A 913 7.17 -57.25 14.07
N ALA A 914 7.48 -55.98 14.31
CA ALA A 914 8.09 -55.57 15.57
C ALA A 914 7.03 -54.91 16.44
N PRO A 915 7.35 -54.53 17.68
CA PRO A 915 6.40 -53.75 18.48
C PRO A 915 6.05 -52.46 17.78
N CYS A 916 4.78 -52.33 17.38
CA CYS A 916 4.36 -51.19 16.57
C CYS A 916 4.57 -49.89 17.32
N THR A 917 5.54 -49.10 16.87
CA THR A 917 5.86 -47.83 17.52
C THR A 917 4.87 -46.79 17.04
N VAL A 918 3.82 -46.57 17.83
CA VAL A 918 2.73 -45.65 17.47
C VAL A 918 2.86 -44.41 18.33
N VAL A 919 2.84 -43.25 17.68
CA VAL A 919 2.97 -41.96 18.35
C VAL A 919 1.61 -41.28 18.35
N GLN A 920 1.14 -40.90 19.54
CA GLN A 920 -0.17 -40.28 19.71
C GLN A 920 -0.03 -38.78 19.45
N CYS A 921 0.08 -38.43 18.17
CA CYS A 921 0.25 -37.01 17.79
C CYS A 921 -1.11 -36.29 17.84
N ASP A 922 -1.26 -35.35 18.77
CA ASP A 922 -2.55 -34.62 18.92
C ASP A 922 -2.29 -33.10 18.87
N LEU A 923 -2.96 -32.41 17.93
CA LEU A 923 -2.79 -30.92 17.81
C LEU A 923 -4.10 -30.25 18.25
N GLN A 924 -5.17 -31.04 18.41
CA GLN A 924 -6.48 -30.49 18.82
C GLN A 924 -6.91 -29.41 17.81
N GLU A 925 -6.82 -28.14 18.18
CA GLU A 925 -7.26 -27.03 17.29
C GLU A 925 -6.30 -26.92 16.10
N MET A 926 -6.85 -26.85 14.88
CA MET A 926 -6.02 -26.69 13.65
C MET A 926 -6.56 -25.49 12.86
N ALA A 927 -5.71 -24.49 12.61
CA ALA A 927 -6.18 -23.26 11.91
C ALA A 927 -6.56 -23.57 10.47
N ARG A 928 -7.44 -22.77 9.88
CA ARG A 928 -7.86 -22.98 8.50
C ARG A 928 -6.69 -22.73 7.56
N GLY A 929 -6.34 -23.73 6.76
CA GLY A 929 -5.20 -23.63 5.87
C GLY A 929 -3.87 -23.86 6.51
N GLN A 930 -3.83 -24.12 7.81
CA GLN A 930 -2.58 -24.36 8.52
C GLN A 930 -2.06 -25.77 8.23
N ARG A 931 -0.74 -25.88 8.19
CA ARG A 931 -0.07 -27.16 7.93
C ARG A 931 0.79 -27.54 9.12
N ALA A 932 0.68 -28.78 9.55
CA ALA A 932 1.49 -29.33 10.64
C ALA A 932 2.22 -30.56 10.13
N MET A 933 3.53 -30.64 10.41
CA MET A 933 4.35 -31.73 9.92
C MET A 933 5.06 -32.40 11.09
N VAL A 934 5.01 -33.73 11.11
CA VAL A 934 5.72 -34.53 12.10
C VAL A 934 6.66 -35.47 11.36
N THR A 935 7.91 -35.52 11.78
CA THR A 935 8.93 -36.34 11.15
C THR A 935 9.60 -37.23 12.18
N VAL A 936 10.01 -38.42 11.73
CA VAL A 936 10.67 -39.40 12.59
C VAL A 936 12.08 -39.63 12.07
N LEU A 937 13.05 -39.61 12.99
CA LEU A 937 14.45 -39.82 12.66
C LEU A 937 14.82 -41.26 12.94
N ALA A 938 15.30 -41.96 11.91
CA ALA A 938 15.67 -43.36 12.06
C ALA A 938 16.95 -43.63 11.30
N PHE A 939 17.68 -44.66 11.73
CA PHE A 939 18.89 -45.11 11.08
C PHE A 939 18.85 -46.62 10.98
N LEU A 940 19.31 -47.16 9.84
CA LEU A 940 19.36 -48.60 9.68
C LEU A 940 20.36 -49.21 10.65
N TRP A 941 19.96 -50.29 11.30
CA TRP A 941 20.79 -50.92 12.32
C TRP A 941 21.98 -51.59 11.65
N LEU A 942 23.18 -51.07 11.89
CA LEU A 942 24.37 -51.58 11.25
C LEU A 942 24.59 -53.07 11.51
N PRO A 943 24.54 -53.56 12.75
CA PRO A 943 24.60 -55.01 12.94
C PRO A 943 23.49 -55.77 12.24
N SER A 944 22.29 -55.19 12.19
CA SER A 944 21.18 -55.86 11.51
C SER A 944 21.32 -55.80 10.00
N LEU A 945 21.95 -54.74 9.47
CA LEU A 945 22.17 -54.66 8.03
C LEU A 945 23.08 -55.79 7.57
N TYR A 946 24.14 -56.07 8.32
CA TYR A 946 25.04 -57.15 7.96
C TYR A 946 24.34 -58.50 7.97
N GLN A 947 23.55 -58.76 9.02
CA GLN A 947 22.78 -59.99 9.07
C GLN A 947 21.64 -59.94 8.05
N ARG A 948 21.34 -61.12 7.48
CA ARG A 948 20.25 -61.21 6.47
C ARG A 948 20.50 -60.18 5.35
N PRO A 949 21.62 -60.27 4.60
CA PRO A 949 21.94 -59.30 3.57
C PRO A 949 21.36 -59.72 2.23
N LEU A 950 20.45 -60.70 2.23
CA LEU A 950 19.89 -61.23 0.97
C LEU A 950 18.35 -61.12 1.01
N ASP A 951 17.81 -60.22 1.84
CA ASP A 951 16.34 -60.08 1.97
C ASP A 951 15.95 -58.61 1.75
N GLN A 952 15.35 -58.30 0.59
CA GLN A 952 14.95 -56.93 0.31
C GLN A 952 13.81 -56.50 1.23
N PHE A 953 13.98 -55.35 1.86
CA PHE A 953 12.99 -54.82 2.79
C PHE A 953 12.55 -53.43 2.34
N VAL A 954 11.25 -53.18 2.41
CA VAL A 954 10.67 -51.88 2.12
C VAL A 954 9.97 -51.43 3.40
N LEU A 955 10.68 -50.67 4.23
CA LEU A 955 10.15 -50.23 5.52
C LEU A 955 8.92 -49.37 5.31
N GLN A 956 7.74 -49.89 5.66
CA GLN A 956 6.49 -49.17 5.46
C GLN A 956 6.02 -48.59 6.79
N SER A 957 5.78 -47.28 6.80
CA SER A 957 5.25 -46.59 7.96
C SER A 957 3.84 -46.12 7.62
N HIS A 958 2.88 -46.46 8.48
CA HIS A 958 1.47 -46.16 8.25
C HIS A 958 0.97 -45.20 9.32
N ALA A 959 0.15 -44.23 8.90
CA ALA A 959 -0.41 -43.24 9.86
C ALA A 959 -1.93 -43.14 9.68
N TRP A 960 -2.62 -42.65 10.70
CA TRP A 960 -4.11 -42.51 10.64
C TRP A 960 -4.50 -41.11 11.11
N PHE A 961 -5.38 -40.44 10.37
CA PHE A 961 -5.80 -39.05 10.72
C PHE A 961 -7.15 -39.09 11.44
N ASN A 962 -7.42 -38.10 12.30
CA ASN A 962 -8.67 -38.10 13.10
C ASN A 962 -9.01 -36.67 13.53
N VAL A 963 -10.31 -36.32 13.55
CA VAL A 963 -10.75 -34.97 14.01
C VAL A 963 -11.89 -35.14 15.02
N SER A 964 -11.85 -34.43 16.15
CA SER A 964 -12.95 -34.51 17.14
C SER A 964 -14.21 -33.85 16.56
N SER A 965 -14.12 -32.57 16.18
CA SER A 965 -15.29 -31.83 15.64
C SER A 965 -14.87 -30.42 15.22
N LEU A 966 -15.56 -29.84 14.22
CA LEU A 966 -15.25 -28.47 13.83
C LEU A 966 -15.78 -27.50 14.88
N PRO A 967 -14.95 -26.58 15.37
CA PRO A 967 -15.40 -25.65 16.41
C PRO A 967 -16.38 -24.61 15.87
N TYR A 968 -17.62 -25.03 15.62
CA TYR A 968 -18.66 -24.14 15.14
C TYR A 968 -19.99 -24.54 15.76
N ALA A 969 -21.00 -23.69 15.56
CA ALA A 969 -22.33 -23.98 16.10
C ALA A 969 -22.88 -25.27 15.52
N VAL A 970 -22.76 -25.45 14.22
CA VAL A 970 -23.22 -26.67 13.55
C VAL A 970 -22.10 -27.17 12.63
N PRO A 971 -21.22 -28.05 13.12
CA PRO A 971 -20.21 -28.66 12.25
C PRO A 971 -20.67 -30.01 11.71
N PRO A 972 -21.56 -30.03 10.72
CA PRO A 972 -22.08 -31.31 10.23
C PRO A 972 -21.16 -31.96 9.21
N LEU A 973 -21.62 -33.05 8.59
CA LEU A 973 -20.89 -33.73 7.52
C LEU A 973 -19.66 -34.46 8.04
N SER A 974 -19.81 -35.11 9.19
CA SER A 974 -18.73 -35.91 9.78
C SER A 974 -17.50 -35.05 10.06
N LEU A 975 -16.36 -35.71 10.24
CA LEU A 975 -15.09 -34.99 10.55
C LEU A 975 -14.02 -35.45 9.55
N PRO A 976 -13.01 -34.61 9.22
CA PRO A 976 -11.95 -35.03 8.33
C PRO A 976 -11.18 -36.22 8.89
N ARG A 977 -10.96 -37.25 8.06
CA ARG A 977 -10.14 -38.42 8.49
C ARG A 977 -9.29 -38.89 7.31
N GLY A 978 -8.03 -39.25 7.55
CA GLY A 978 -7.12 -39.64 6.45
C GLY A 978 -6.42 -40.95 6.74
N GLU A 979 -5.92 -41.61 5.70
CA GLU A 979 -5.22 -42.89 5.86
C GLU A 979 -4.08 -42.91 4.85
N ALA A 980 -2.88 -42.55 5.29
CA ALA A 980 -1.72 -42.42 4.42
C ALA A 980 -0.66 -43.45 4.79
N GLN A 981 0.12 -43.86 3.79
CA GLN A 981 1.18 -44.84 3.97
C GLN A 981 2.47 -44.29 3.39
N VAL A 982 3.55 -44.38 4.18
CA VAL A 982 4.88 -43.98 3.75
C VAL A 982 5.82 -45.15 3.96
N TRP A 983 6.58 -45.50 2.92
CA TRP A 983 7.52 -46.60 3.01
C TRP A 983 8.82 -46.24 2.31
N THR A 984 9.91 -46.80 2.83
CA THR A 984 11.25 -46.61 2.27
C THR A 984 11.74 -47.95 1.74
N GLN A 985 12.29 -47.96 0.54
CA GLN A 985 12.76 -49.18 -0.09
C GLN A 985 14.26 -49.34 0.19
N LEU A 986 14.60 -50.31 1.04
CA LEU A 986 16.01 -50.61 1.28
C LEU A 986 16.68 -51.09 0.01
N LEU A 987 16.00 -51.99 -0.72
CA LEU A 987 16.56 -52.56 -1.97
C LEU A 987 17.87 -53.28 -1.62
N ARG A 988 17.79 -54.39 -0.88
CA ARG A 988 19.01 -55.14 -0.49
C ARG A 988 19.91 -55.31 -1.73
N ALA A 989 21.07 -54.65 -1.73
CA ALA A 989 21.99 -54.73 -2.89
C ALA A 989 22.50 -56.16 -3.04
N LEU A 990 22.70 -56.86 -1.92
CA LEU A 990 23.24 -58.25 -1.97
C LEU A 990 22.11 -59.27 -1.84
N GLU A 991 20.85 -58.84 -2.01
CA GLU A 991 19.70 -59.77 -1.94
C GLU A 991 20.07 -61.07 -2.69
N GLY B 27 -18.82 -5.53 -44.44
CA GLY B 27 -18.68 -6.27 -43.20
C GLY B 27 -19.05 -5.46 -41.97
N PRO B 28 -19.67 -6.10 -40.98
CA PRO B 28 -20.07 -5.43 -39.74
C PRO B 28 -18.94 -5.27 -38.74
N ASN B 29 -17.82 -4.71 -39.20
CA ASN B 29 -16.69 -4.46 -38.33
C ASN B 29 -16.90 -3.18 -37.52
N ILE B 30 -16.08 -3.02 -36.48
CA ILE B 30 -16.20 -1.85 -35.62
C ILE B 30 -15.91 -0.56 -36.37
N CYS B 31 -15.04 -0.63 -37.39
CA CYS B 31 -14.68 0.58 -38.13
C CYS B 31 -15.89 1.18 -38.84
N THR B 32 -16.72 0.35 -39.45
CA THR B 32 -17.88 0.87 -40.17
C THR B 32 -19.00 1.30 -39.23
N THR B 33 -19.17 0.60 -38.11
CA THR B 33 -20.25 0.95 -37.19
C THR B 33 -20.03 2.33 -36.57
N ARG B 34 -18.86 2.57 -36.00
CA ARG B 34 -18.54 3.84 -35.39
C ARG B 34 -17.86 4.76 -36.42
N GLY B 35 -17.33 5.87 -35.95
CA GLY B 35 -16.60 6.77 -36.84
C GLY B 35 -17.51 7.34 -37.91
N VAL B 36 -17.14 7.09 -39.17
CA VAL B 36 -17.86 7.51 -40.37
C VAL B 36 -18.29 8.98 -40.27
N SER B 37 -17.45 9.80 -39.66
CA SER B 37 -17.69 11.23 -39.59
C SER B 37 -16.48 12.04 -40.06
N SER B 38 -15.28 11.58 -39.77
CA SER B 38 -14.06 12.26 -40.20
C SER B 38 -12.90 11.30 -40.07
N CYS B 39 -11.82 11.61 -40.78
CA CYS B 39 -10.61 10.79 -40.68
C CYS B 39 -10.06 10.82 -39.27
N GLN B 40 -10.14 11.98 -38.61
CA GLN B 40 -9.62 12.11 -37.25
C GLN B 40 -10.31 11.16 -36.29
N GLN B 41 -11.64 11.03 -36.41
CA GLN B 41 -12.38 10.19 -35.44
C GLN B 41 -12.19 8.70 -35.75
N CYS B 42 -12.09 8.33 -37.03
CA CYS B 42 -12.02 6.92 -37.36
C CYS B 42 -10.67 6.31 -37.01
N LEU B 43 -9.59 7.10 -37.14
CA LEU B 43 -8.28 6.59 -36.76
C LEU B 43 -8.23 6.24 -35.28
N ALA B 44 -9.05 6.92 -34.46
CA ALA B 44 -9.13 6.61 -33.04
C ALA B 44 -10.09 5.48 -32.73
N VAL B 45 -10.86 5.01 -33.71
CA VAL B 45 -11.79 3.91 -33.47
C VAL B 45 -11.03 2.63 -33.11
N SER B 46 -9.98 2.33 -33.86
CA SER B 46 -9.17 1.15 -33.62
C SER B 46 -7.97 1.19 -34.57
N PRO B 47 -6.89 0.50 -34.22
CA PRO B 47 -5.69 0.54 -35.07
C PRO B 47 -5.92 0.02 -36.48
N MET B 48 -6.89 -0.88 -36.67
CA MET B 48 -7.10 -1.51 -37.96
C MET B 48 -7.94 -0.67 -38.91
N CYS B 49 -8.52 0.44 -38.45
CA CYS B 49 -9.43 1.21 -39.28
C CYS B 49 -8.65 2.13 -40.22
N ALA B 50 -9.24 2.40 -41.38
CA ALA B 50 -8.64 3.23 -42.41
C ALA B 50 -9.63 4.33 -42.79
N TRP B 51 -9.30 5.05 -43.87
CA TRP B 51 -10.15 6.14 -44.35
C TRP B 51 -9.87 6.36 -45.83
N CYS B 52 -10.93 6.68 -46.58
CA CYS B 52 -10.82 7.02 -47.99
C CYS B 52 -11.32 8.45 -48.18
N SER B 53 -10.44 9.34 -48.62
CA SER B 53 -10.81 10.72 -48.91
C SER B 53 -11.19 10.93 -50.37
N ASP B 54 -11.16 9.88 -51.18
CA ASP B 54 -11.50 10.02 -52.59
C ASP B 54 -12.97 10.38 -52.76
N GLU B 55 -13.25 11.19 -53.79
CA GLU B 55 -14.61 11.63 -54.07
C GLU B 55 -15.49 10.53 -54.65
N ALA B 56 -14.92 9.39 -55.03
CA ALA B 56 -15.71 8.29 -55.55
C ALA B 56 -16.57 7.70 -54.43
N LEU B 57 -17.43 6.75 -54.82
CA LEU B 57 -18.39 6.14 -53.91
C LEU B 57 -19.27 7.21 -53.23
N PRO B 58 -20.04 7.97 -54.01
CA PRO B 58 -20.86 9.03 -53.41
C PRO B 58 -21.99 8.46 -52.57
N LEU B 59 -21.90 8.64 -51.25
CA LEU B 59 -22.94 8.18 -50.32
C LEU B 59 -23.14 6.67 -50.41
N GLY B 60 -22.04 5.95 -50.69
CA GLY B 60 -22.12 4.51 -50.82
C GLY B 60 -21.51 3.78 -49.64
N SER B 61 -20.40 3.08 -49.89
CA SER B 61 -19.74 2.35 -48.83
C SER B 61 -19.16 3.32 -47.80
N PRO B 62 -19.07 2.89 -46.53
CA PRO B 62 -18.52 3.78 -45.50
C PRO B 62 -17.07 4.14 -45.79
N ARG B 63 -16.70 5.36 -45.40
CA ARG B 63 -15.33 5.81 -45.59
C ARG B 63 -14.36 5.01 -44.72
N CYS B 64 -14.83 4.57 -43.55
CA CYS B 64 -13.98 3.89 -42.58
C CYS B 64 -14.27 2.40 -42.57
N ASP B 65 -13.21 1.61 -42.72
CA ASP B 65 -13.31 0.15 -42.64
C ASP B 65 -11.89 -0.39 -42.75
N LEU B 66 -11.78 -1.72 -42.71
CA LEU B 66 -10.50 -2.37 -42.95
C LEU B 66 -9.99 -1.98 -44.34
N LYS B 67 -8.66 -1.98 -44.49
CA LYS B 67 -8.07 -1.50 -45.74
C LYS B 67 -8.51 -2.34 -46.92
N GLU B 68 -8.56 -3.66 -46.75
CA GLU B 68 -9.00 -4.52 -47.86
C GLU B 68 -10.45 -4.24 -48.23
N ASN B 69 -11.31 -4.02 -47.24
CA ASN B 69 -12.70 -3.67 -47.53
C ASN B 69 -12.78 -2.37 -48.31
N LEU B 70 -12.04 -1.35 -47.87
CA LEU B 70 -12.02 -0.08 -48.60
C LEU B 70 -11.36 -0.26 -49.96
N LEU B 71 -10.24 -0.98 -50.02
CA LEU B 71 -9.58 -1.22 -51.30
C LEU B 71 -10.45 -2.06 -52.23
N LYS B 72 -11.14 -3.06 -51.67
CA LYS B 72 -11.96 -3.95 -52.49
C LYS B 72 -13.04 -3.16 -53.22
N ASP B 73 -13.67 -2.22 -52.55
CA ASP B 73 -14.69 -1.36 -53.17
C ASP B 73 -14.08 -0.12 -53.80
N ASN B 74 -13.05 -0.30 -54.65
CA ASN B 74 -12.36 0.82 -55.27
C ASN B 74 -11.80 1.75 -54.20
N CYS B 75 -12.04 3.05 -54.35
CA CYS B 75 -11.65 4.05 -53.36
C CYS B 75 -10.17 3.95 -52.99
N ALA B 76 -9.33 3.65 -53.99
CA ALA B 76 -7.90 3.50 -53.78
C ALA B 76 -7.10 4.34 -54.78
N PRO B 77 -7.29 5.68 -54.78
CA PRO B 77 -6.41 6.57 -55.53
C PRO B 77 -5.22 7.01 -54.69
N GLU B 78 -4.55 6.04 -54.05
CA GLU B 78 -3.52 6.26 -53.04
C GLU B 78 -3.90 7.36 -52.05
N SER B 79 -5.19 7.46 -51.74
CA SER B 79 -5.71 8.46 -50.82
C SER B 79 -6.13 7.88 -49.48
N ILE B 80 -6.02 6.57 -49.29
CA ILE B 80 -6.39 5.96 -48.02
C ILE B 80 -5.41 6.41 -46.95
N GLU B 81 -5.94 6.88 -45.83
CA GLU B 81 -5.12 7.30 -44.69
C GLU B 81 -5.12 6.17 -43.69
N PHE B 82 -4.09 5.32 -43.75
CA PHE B 82 -3.97 4.15 -42.88
C PHE B 82 -2.59 4.19 -42.24
N PRO B 83 -2.40 5.03 -41.23
CA PRO B 83 -1.11 5.08 -40.54
C PRO B 83 -0.77 3.75 -39.91
N VAL B 84 0.51 3.42 -39.91
CA VAL B 84 1.01 2.16 -39.35
C VAL B 84 2.04 2.50 -38.28
N SER B 85 1.86 1.94 -37.09
CA SER B 85 2.83 2.13 -36.02
C SER B 85 4.16 1.49 -36.40
N GLU B 86 5.25 2.22 -36.17
CA GLU B 86 6.57 1.74 -36.54
C GLU B 86 7.56 2.06 -35.43
N ALA B 87 8.58 1.22 -35.32
CA ALA B 87 9.68 1.42 -34.39
C ALA B 87 10.97 1.45 -35.19
N ARG B 88 11.77 2.50 -35.01
CA ARG B 88 13.04 2.66 -35.71
C ARG B 88 14.15 2.78 -34.68
N VAL B 89 15.28 2.12 -34.97
CA VAL B 89 16.45 2.18 -34.10
C VAL B 89 17.30 3.36 -34.57
N LEU B 90 17.21 4.48 -33.86
CA LEU B 90 17.98 5.66 -34.23
C LEU B 90 19.47 5.40 -34.15
N GLU B 91 19.91 4.72 -33.09
CA GLU B 91 21.31 4.39 -32.92
C GLU B 91 21.43 3.08 -32.15
N ASP B 92 22.22 2.14 -32.67
CA ASP B 92 22.42 0.86 -31.99
C ASP B 92 23.86 0.43 -32.24
N ARG B 93 24.74 0.77 -31.31
CA ARG B 93 26.09 0.24 -31.41
C ARG B 93 26.10 -1.21 -30.97
N PRO B 94 26.94 -2.05 -31.59
CA PRO B 94 27.00 -3.45 -31.17
C PRO B 94 27.50 -3.58 -29.74
N LEU B 95 26.99 -4.60 -29.06
CA LEU B 95 27.40 -4.84 -27.68
C LEU B 95 28.89 -5.14 -27.62
N SER B 96 29.61 -4.37 -26.82
CA SER B 96 31.04 -4.62 -26.63
C SER B 96 31.24 -5.96 -25.93
N ASP B 97 32.21 -6.72 -26.41
CA ASP B 97 32.44 -8.08 -25.92
C ASP B 97 33.54 -8.18 -24.88
N LYS B 98 34.41 -7.18 -24.77
CA LYS B 98 35.58 -7.28 -23.90
C LYS B 98 35.54 -6.38 -22.69
N GLY B 99 34.80 -5.28 -22.73
CA GLY B 99 34.87 -4.41 -21.58
C GLY B 99 36.26 -3.78 -21.48
N SER B 100 36.48 -3.08 -20.36
CA SER B 100 37.74 -2.39 -20.13
C SER B 100 38.10 -1.50 -21.31
N GLY B 101 39.37 -1.53 -21.73
CA GLY B 101 39.83 -0.77 -22.88
C GLY B 101 39.46 0.68 -22.85
N ASP B 102 38.58 1.09 -23.77
CA ASP B 102 38.06 2.45 -23.81
C ASP B 102 36.72 2.49 -23.10
N SER B 103 36.63 3.27 -22.03
CA SER B 103 35.40 3.30 -21.23
C SER B 103 34.22 3.84 -22.03
N SER B 104 34.46 4.87 -22.85
CA SER B 104 33.37 5.49 -23.60
C SER B 104 32.73 4.51 -24.58
N GLN B 105 33.50 3.57 -25.12
CA GLN B 105 33.01 2.66 -26.13
C GLN B 105 32.41 1.39 -25.56
N VAL B 106 32.41 1.21 -24.24
CA VAL B 106 31.87 0.01 -23.63
C VAL B 106 30.35 0.11 -23.68
N THR B 107 29.72 -0.76 -24.47
CA THR B 107 28.27 -0.78 -24.63
C THR B 107 27.71 -2.06 -24.04
N GLN B 108 26.74 -1.91 -23.14
CA GLN B 108 26.11 -3.05 -22.49
C GLN B 108 24.64 -3.21 -22.83
N VAL B 109 24.02 -2.23 -23.48
CA VAL B 109 22.63 -2.31 -23.89
C VAL B 109 22.55 -1.95 -25.37
N SER B 110 21.80 -2.76 -26.13
CA SER B 110 21.64 -2.53 -27.55
C SER B 110 20.20 -2.85 -27.93
N PRO B 111 19.53 -1.99 -28.69
CA PRO B 111 19.98 -0.69 -29.20
C PRO B 111 19.99 0.38 -28.12
N GLN B 112 20.59 1.54 -28.40
CA GLN B 112 20.69 2.60 -27.39
C GLN B 112 19.61 3.66 -27.53
N ARG B 113 19.01 3.81 -28.70
CA ARG B 113 17.94 4.79 -28.89
C ARG B 113 16.98 4.26 -29.95
N ILE B 114 15.69 4.35 -29.66
CA ILE B 114 14.65 3.84 -30.54
C ILE B 114 13.51 4.85 -30.60
N ALA B 115 12.92 5.00 -31.78
CA ALA B 115 11.82 5.93 -31.99
C ALA B 115 10.54 5.16 -32.28
N LEU B 116 9.49 5.45 -31.52
CA LEU B 116 8.20 4.80 -31.66
C LEU B 116 7.17 5.79 -32.20
N ARG B 117 6.45 5.38 -33.23
CA ARG B 117 5.34 6.16 -33.79
C ARG B 117 4.09 5.31 -33.64
N LEU B 118 3.22 5.68 -32.71
CA LEU B 118 2.04 4.90 -32.37
C LEU B 118 0.78 5.66 -32.74
N ARG B 119 -0.08 5.04 -33.53
CA ARG B 119 -1.39 5.62 -33.80
C ARG B 119 -2.25 5.47 -32.55
N PRO B 120 -3.44 6.07 -32.54
CA PRO B 120 -4.26 6.04 -31.32
C PRO B 120 -4.56 4.62 -30.87
N ASP B 121 -4.46 4.41 -29.55
CA ASP B 121 -4.68 3.13 -28.88
C ASP B 121 -4.07 1.96 -29.66
N ASP B 122 -2.81 2.15 -30.07
CA ASP B 122 -2.07 1.13 -30.79
C ASP B 122 -0.82 0.77 -30.01
N SER B 123 -0.26 -0.40 -30.32
CA SER B 123 0.91 -0.92 -29.62
C SER B 123 1.95 -1.37 -30.61
N LYS B 124 3.23 -1.20 -30.25
CA LYS B 124 4.35 -1.64 -31.13
C LYS B 124 5.39 -2.35 -30.27
N ASN B 125 5.88 -3.51 -30.73
CA ASN B 125 6.84 -4.30 -29.93
C ASN B 125 8.28 -3.92 -30.32
N PHE B 126 9.22 -3.98 -29.37
CA PHE B 126 10.64 -3.66 -29.66
C PHE B 126 11.52 -4.53 -28.75
N SER B 127 12.71 -4.90 -29.21
CA SER B 127 13.56 -5.79 -28.43
C SER B 127 14.85 -5.09 -28.05
N ILE B 128 15.39 -5.47 -26.89
CA ILE B 128 16.65 -4.94 -26.40
C ILE B 128 17.50 -6.11 -25.89
N GLN B 129 18.80 -5.88 -25.86
CA GLN B 129 19.75 -6.87 -25.36
C GLN B 129 20.61 -6.26 -24.26
N VAL B 130 20.87 -7.04 -23.23
CA VAL B 130 21.72 -6.62 -22.12
C VAL B 130 22.81 -7.65 -21.94
N ARG B 131 24.06 -7.20 -21.82
CA ARG B 131 25.21 -8.08 -21.67
C ARG B 131 26.00 -7.67 -20.44
N GLN B 132 26.45 -8.67 -19.68
CA GLN B 132 27.38 -8.45 -18.58
C GLN B 132 28.79 -8.59 -19.16
N VAL B 133 29.34 -7.48 -19.65
CA VAL B 133 30.62 -7.54 -20.34
C VAL B 133 31.72 -7.96 -19.38
N GLU B 134 32.63 -8.80 -19.87
CA GLU B 134 33.75 -9.25 -19.06
C GLU B 134 34.71 -8.09 -18.80
N ASP B 135 35.45 -8.19 -17.69
CA ASP B 135 36.51 -7.25 -17.39
C ASP B 135 35.97 -5.82 -17.23
N TYR B 136 34.72 -5.72 -16.82
CA TYR B 136 34.12 -4.41 -16.63
C TYR B 136 34.73 -3.73 -15.42
N PRO B 137 35.12 -2.46 -15.51
CA PRO B 137 35.75 -1.80 -14.37
C PRO B 137 34.81 -1.77 -13.16
N VAL B 138 35.40 -1.94 -11.98
CA VAL B 138 34.67 -1.94 -10.72
C VAL B 138 35.42 -1.09 -9.72
N ASP B 139 34.70 -0.26 -8.98
CA ASP B 139 35.26 0.50 -7.87
C ASP B 139 34.50 0.16 -6.60
N ILE B 140 35.23 -0.23 -5.56
CA ILE B 140 34.65 -0.68 -4.30
C ILE B 140 34.96 0.38 -3.25
N TYR B 141 33.92 0.90 -2.62
CA TYR B 141 34.08 1.86 -1.54
C TYR B 141 33.71 1.18 -0.23
N TYR B 142 34.65 1.17 0.70
CA TYR B 142 34.50 0.45 1.97
C TYR B 142 34.04 1.44 3.03
N LEU B 143 32.87 1.21 3.59
CA LEU B 143 32.26 2.08 4.60
C LEU B 143 32.11 1.24 5.87
N MET B 144 33.06 1.40 6.80
CA MET B 144 33.14 0.55 7.97
C MET B 144 32.67 1.28 9.21
N ASP B 145 31.75 0.66 9.94
CA ASP B 145 31.40 1.14 11.27
C ASP B 145 32.62 1.08 12.17
N LEU B 146 32.87 2.16 12.91
CA LEU B 146 34.02 2.26 13.79
C LEU B 146 33.60 2.48 15.24
N SER B 147 32.58 1.74 15.67
CA SER B 147 32.26 1.70 17.08
C SER B 147 33.40 1.04 17.85
N TYR B 148 33.31 1.09 19.18
CA TYR B 148 34.35 0.45 19.98
C TYR B 148 34.35 -1.06 19.79
N SER B 149 33.20 -1.65 19.46
CA SER B 149 33.14 -3.08 19.22
C SER B 149 33.77 -3.48 17.89
N MET B 150 34.12 -2.51 17.04
CA MET B 150 34.77 -2.78 15.77
C MET B 150 36.29 -2.67 15.86
N LYS B 151 36.83 -2.56 17.07
CA LYS B 151 38.28 -2.49 17.21
C LYS B 151 38.94 -3.77 16.72
N ASP B 152 38.35 -4.92 17.03
CA ASP B 152 38.86 -6.18 16.51
C ASP B 152 38.77 -6.22 14.98
N ASP B 153 37.65 -5.73 14.43
CA ASP B 153 37.47 -5.76 12.98
C ASP B 153 38.54 -4.95 12.28
N LEU B 154 38.86 -3.76 12.81
CA LEU B 154 39.82 -2.89 12.16
C LEU B 154 41.21 -3.50 12.09
N TRP B 155 41.52 -4.48 12.97
CA TRP B 155 42.83 -5.10 12.92
C TRP B 155 42.95 -6.06 11.75
N SER B 156 41.92 -6.87 11.50
CA SER B 156 41.98 -7.84 10.42
C SER B 156 41.91 -7.19 9.04
N ILE B 157 41.37 -5.97 8.95
CA ILE B 157 41.30 -5.25 7.69
C ILE B 157 42.65 -4.68 7.27
N GLN B 158 43.64 -4.74 8.16
CA GLN B 158 44.94 -4.08 8.01
C GLN B 158 45.55 -4.21 6.62
N ASN B 159 45.45 -5.40 6.01
CA ASN B 159 45.99 -5.63 4.68
C ASN B 159 44.91 -6.12 3.73
N LEU B 160 43.69 -5.62 3.90
CA LEU B 160 42.60 -5.99 3.00
C LEU B 160 42.76 -5.39 1.61
N GLY B 161 43.54 -4.32 1.47
CA GLY B 161 43.70 -3.71 0.17
C GLY B 161 44.39 -4.62 -0.82
N THR B 162 45.49 -5.26 -0.39
CA THR B 162 46.21 -6.14 -1.30
C THR B 162 45.48 -7.46 -1.49
N LYS B 163 44.88 -7.99 -0.43
CA LYS B 163 44.11 -9.22 -0.57
C LYS B 163 42.92 -9.02 -1.50
N LEU B 164 42.24 -7.89 -1.38
CA LEU B 164 41.11 -7.61 -2.25
C LEU B 164 41.57 -7.43 -3.69
N ALA B 165 42.72 -6.78 -3.89
CA ALA B 165 43.22 -6.57 -5.25
C ALA B 165 43.53 -7.88 -5.94
N THR B 166 44.16 -8.82 -5.23
CA THR B 166 44.52 -10.08 -5.87
C THR B 166 43.30 -10.88 -6.29
N GLN B 167 42.24 -10.87 -5.48
CA GLN B 167 41.03 -11.60 -5.81
C GLN B 167 40.21 -10.93 -6.89
N MET B 168 40.37 -9.62 -7.10
CA MET B 168 39.62 -8.90 -8.12
C MET B 168 40.35 -8.78 -9.44
N ARG B 169 41.68 -8.83 -9.45
CA ARG B 169 42.41 -8.74 -10.71
C ARG B 169 42.09 -9.89 -11.65
N LYS B 170 41.59 -11.00 -11.13
CA LYS B 170 41.11 -12.09 -11.98
C LYS B 170 39.71 -11.85 -12.50
N LEU B 171 39.03 -10.81 -12.03
CA LEU B 171 37.70 -10.46 -12.50
C LEU B 171 37.62 -9.10 -13.17
N THR B 172 38.58 -8.20 -12.93
CA THR B 172 38.52 -6.86 -13.49
C THR B 172 39.93 -6.29 -13.59
N SER B 173 40.22 -5.66 -14.72
CA SER B 173 41.50 -5.00 -14.88
C SER B 173 41.55 -3.68 -14.13
N ASN B 174 40.45 -2.93 -14.12
CA ASN B 174 40.39 -1.62 -13.48
C ASN B 174 39.64 -1.78 -12.15
N LEU B 175 40.37 -1.80 -11.05
CA LEU B 175 39.80 -1.86 -9.72
C LEU B 175 40.27 -0.65 -8.93
N ARG B 176 39.34 0.01 -8.25
CA ARG B 176 39.66 1.14 -7.39
C ARG B 176 38.89 1.00 -6.09
N ILE B 177 39.56 1.22 -4.97
CA ILE B 177 39.01 0.96 -3.65
C ILE B 177 39.13 2.23 -2.80
N GLY B 178 38.05 2.54 -2.08
CA GLY B 178 38.06 3.66 -1.16
C GLY B 178 37.60 3.23 0.22
N PHE B 179 37.83 4.09 1.19
CA PHE B 179 37.53 3.78 2.58
C PHE B 179 36.79 4.93 3.23
N GLY B 180 35.80 4.59 4.04
CA GLY B 180 35.05 5.58 4.80
C GLY B 180 34.59 4.98 6.11
N ALA B 181 34.40 5.83 7.11
CA ALA B 181 34.07 5.39 8.45
C ALA B 181 32.91 6.21 9.01
N PHE B 182 32.22 5.63 9.98
CA PHE B 182 31.10 6.29 10.62
C PHE B 182 30.92 5.72 12.01
N VAL B 183 30.45 6.55 12.93
CA VAL B 183 30.06 6.08 14.25
C VAL B 183 28.62 6.48 14.54
N ASP B 184 28.37 7.78 14.63
CA ASP B 184 27.04 8.30 14.91
C ASP B 184 27.07 9.83 14.96
N LYS B 185 25.91 10.44 15.12
CA LYS B 185 25.87 11.90 15.22
C LYS B 185 26.56 12.36 16.50
N PRO B 186 27.49 13.31 16.40
CA PRO B 186 28.15 13.85 17.61
C PRO B 186 27.27 14.81 18.39
N VAL B 187 26.16 14.28 18.92
CA VAL B 187 25.17 15.11 19.59
C VAL B 187 25.09 14.68 21.05
N SER B 188 24.27 15.38 21.84
CA SER B 188 24.28 15.16 23.29
C SER B 188 23.94 13.74 23.67
N PRO B 189 22.83 13.14 23.23
CA PRO B 189 22.70 11.69 23.31
C PRO B 189 23.54 11.06 22.20
N TYR B 190 23.74 9.75 22.33
CA TYR B 190 24.59 8.98 21.42
C TYR B 190 26.07 9.28 21.65
N MET B 191 26.37 10.25 22.52
CA MET B 191 27.74 10.68 22.73
C MET B 191 27.92 11.08 24.18
N TYR B 192 29.14 10.88 24.68
CA TYR B 192 29.48 11.26 26.05
C TYR B 192 30.04 12.67 26.05
N ILE B 193 29.34 13.58 26.72
CA ILE B 193 29.73 14.98 26.78
C ILE B 193 30.26 15.38 28.14
N SER B 194 30.48 14.40 29.04
CA SER B 194 30.97 14.70 30.37
C SER B 194 31.76 13.49 30.86
N PRO B 195 32.90 13.71 31.53
CA PRO B 195 33.53 14.99 31.86
C PRO B 195 34.03 15.70 30.60
N PRO B 196 34.68 16.87 30.76
CA PRO B 196 35.26 17.52 29.58
C PRO B 196 36.29 16.66 28.87
N GLU B 197 37.00 15.80 29.61
CA GLU B 197 37.96 14.90 28.98
C GLU B 197 37.28 13.90 28.06
N ALA B 198 36.03 13.53 28.35
CA ALA B 198 35.33 12.56 27.53
C ALA B 198 35.11 13.05 26.12
N LEU B 199 35.07 14.38 25.93
CA LEU B 199 34.89 14.91 24.58
C LEU B 199 36.09 14.62 23.70
N GLU B 200 37.27 14.43 24.29
CA GLU B 200 38.48 14.13 23.55
C GLU B 200 38.83 12.65 23.54
N ASN B 201 38.55 11.94 24.64
CA ASN B 201 38.81 10.51 24.77
C ASN B 201 37.57 9.86 25.32
N PRO B 202 36.60 9.53 24.46
CA PRO B 202 35.31 9.01 24.95
C PRO B 202 35.44 7.74 25.77
N CYS B 203 36.41 6.88 25.46
CA CYS B 203 36.64 5.66 26.21
C CYS B 203 37.57 5.87 27.40
N TYR B 204 37.73 7.11 27.85
CA TYR B 204 38.62 7.38 28.97
C TYR B 204 38.12 6.73 30.25
N ASP B 205 36.79 6.56 30.38
CA ASP B 205 36.24 5.89 31.55
C ASP B 205 36.61 4.41 31.59
N MET B 206 37.02 3.84 30.46
CA MET B 206 37.50 2.46 30.40
C MET B 206 39.02 2.37 30.42
N LYS B 207 39.71 3.49 30.68
CA LYS B 207 41.17 3.50 30.75
C LYS B 207 41.79 3.18 29.38
N THR B 208 41.27 3.81 28.33
CA THR B 208 41.72 3.53 26.97
C THR B 208 41.62 4.82 26.17
N THR B 209 42.33 4.85 25.04
CA THR B 209 42.37 6.00 24.16
C THR B 209 41.60 5.70 22.87
N CYS B 210 40.83 6.67 22.41
CA CYS B 210 40.01 6.54 21.22
C CYS B 210 39.79 7.92 20.63
N LEU B 211 39.39 7.94 19.37
CA LEU B 211 39.12 9.21 18.71
C LEU B 211 37.79 9.80 19.20
N PRO B 212 37.67 11.12 19.19
CA PRO B 212 36.36 11.73 19.47
C PRO B 212 35.34 11.29 18.45
N MET B 213 34.08 11.19 18.89
CA MET B 213 33.04 10.64 18.04
C MET B 213 32.83 11.51 16.80
N PHE B 214 32.53 10.86 15.68
CA PHE B 214 32.30 11.53 14.41
C PHE B 214 31.11 10.90 13.73
N GLY B 215 30.42 11.68 12.90
CA GLY B 215 29.27 11.19 12.18
C GLY B 215 29.64 10.35 10.98
N TYR B 216 30.33 10.97 10.02
CA TYR B 216 30.84 10.26 8.85
C TYR B 216 32.14 10.92 8.45
N LYS B 217 33.14 10.10 8.13
CA LYS B 217 34.48 10.57 7.84
C LYS B 217 35.00 9.87 6.59
N HIS B 218 34.98 10.58 5.46
CA HIS B 218 35.61 10.06 4.25
C HIS B 218 37.10 10.20 4.37
N VAL B 219 37.84 9.10 4.18
CA VAL B 219 39.27 9.07 4.43
C VAL B 219 40.05 8.83 3.15
N LEU B 220 39.60 7.91 2.29
CA LEU B 220 40.33 7.56 1.08
C LEU B 220 39.38 7.57 -0.10
N THR B 221 39.64 8.45 -1.06
CA THR B 221 38.86 8.45 -2.29
C THR B 221 39.23 7.24 -3.14
N LEU B 222 38.28 6.82 -3.98
CA LEU B 222 38.47 5.64 -4.82
C LEU B 222 39.72 5.79 -5.68
N THR B 223 40.71 4.93 -5.43
CA THR B 223 41.97 4.99 -6.15
C THR B 223 42.37 3.58 -6.58
N ASP B 224 43.13 3.51 -7.68
CA ASP B 224 43.64 2.23 -8.15
C ASP B 224 44.81 1.73 -7.32
N GLN B 225 45.52 2.63 -6.65
CA GLN B 225 46.66 2.25 -5.82
C GLN B 225 46.13 1.55 -4.57
N VAL B 226 46.15 0.21 -4.59
CA VAL B 226 45.61 -0.53 -3.46
C VAL B 226 46.46 -0.38 -2.22
N THR B 227 47.75 -0.06 -2.38
CA THR B 227 48.60 0.14 -1.21
C THR B 227 48.12 1.31 -0.36
N ARG B 228 47.45 2.28 -0.98
CA ARG B 228 46.90 3.40 -0.22
C ARG B 228 45.84 2.92 0.78
N PHE B 229 45.05 1.93 0.39
CA PHE B 229 44.02 1.42 1.30
C PHE B 229 44.63 0.84 2.56
N ASN B 230 45.72 0.08 2.41
CA ASN B 230 46.38 -0.48 3.58
C ASN B 230 46.94 0.62 4.47
N GLU B 231 47.53 1.66 3.87
CA GLU B 231 48.11 2.73 4.67
C GLU B 231 47.04 3.48 5.45
N GLU B 232 45.89 3.74 4.82
CA GLU B 232 44.84 4.52 5.47
C GLU B 232 44.19 3.73 6.61
N VAL B 233 43.94 2.45 6.41
CA VAL B 233 43.30 1.66 7.45
C VAL B 233 44.21 1.53 8.67
N LYS B 234 45.53 1.45 8.45
CA LYS B 234 46.45 1.35 9.57
C LYS B 234 46.44 2.59 10.45
N LYS B 235 46.05 3.74 9.91
CA LYS B 235 46.00 4.98 10.67
C LYS B 235 44.62 5.25 11.25
N GLN B 236 43.65 4.39 11.02
CA GLN B 236 42.31 4.59 11.55
C GLN B 236 42.22 4.11 12.99
N SER B 237 41.22 4.62 13.69
CA SER B 237 40.98 4.25 15.08
C SER B 237 39.49 4.28 15.34
N VAL B 238 39.09 3.67 16.44
CA VAL B 238 37.68 3.53 16.77
C VAL B 238 37.27 4.63 17.74
N SER B 239 35.96 4.83 17.88
CA SER B 239 35.40 5.76 18.83
C SER B 239 34.23 5.10 19.52
N ARG B 240 33.83 5.65 20.66
CA ARG B 240 32.80 5.04 21.49
C ARG B 240 31.60 5.96 21.61
N ASN B 241 30.42 5.42 21.37
CA ASN B 241 29.16 6.14 21.54
C ASN B 241 28.34 5.45 22.62
N ARG B 242 27.14 5.97 22.88
CA ARG B 242 26.34 5.50 23.99
C ARG B 242 25.32 4.43 23.60
N ASP B 243 24.44 4.73 22.65
CA ASP B 243 23.36 3.82 22.31
C ASP B 243 23.78 2.83 21.24
N ALA B 244 23.14 1.66 21.25
CA ALA B 244 23.51 0.60 20.32
C ALA B 244 23.36 1.00 18.86
N PRO B 245 22.26 1.58 18.41
CA PRO B 245 22.14 1.95 17.00
C PRO B 245 23.22 2.93 16.57
N GLU B 246 23.68 2.78 15.34
CA GLU B 246 24.71 3.63 14.77
C GLU B 246 24.13 4.47 13.64
N GLY B 247 24.82 5.55 13.31
CA GLY B 247 24.39 6.40 12.23
C GLY B 247 24.88 5.93 10.88
N GLY B 248 24.66 4.66 10.58
CA GLY B 248 25.15 4.10 9.34
C GLY B 248 24.49 4.69 8.11
N PHE B 249 23.16 4.84 8.15
CA PHE B 249 22.43 5.33 6.99
C PHE B 249 22.82 6.76 6.65
N ASP B 250 23.24 7.54 7.64
CA ASP B 250 23.76 8.87 7.35
C ASP B 250 25.02 8.78 6.48
N ALA B 251 25.90 7.83 6.79
CA ALA B 251 27.11 7.67 5.99
C ALA B 251 26.80 7.16 4.59
N ILE B 252 25.82 6.28 4.46
CA ILE B 252 25.46 5.75 3.14
C ILE B 252 24.97 6.87 2.24
N MET B 253 24.14 7.77 2.77
CA MET B 253 23.62 8.86 1.96
C MET B 253 24.73 9.77 1.46
N GLN B 254 25.68 10.09 2.34
CA GLN B 254 26.77 10.98 1.95
C GLN B 254 27.70 10.30 0.94
N ALA B 255 27.95 9.01 1.11
CA ALA B 255 28.78 8.30 0.16
C ALA B 255 28.11 8.20 -1.21
N THR B 256 26.78 8.10 -1.24
CA THR B 256 26.07 7.98 -2.51
C THR B 256 26.02 9.31 -3.25
N VAL B 257 25.76 10.41 -2.54
CA VAL B 257 25.52 11.69 -3.20
C VAL B 257 26.78 12.53 -3.38
N CYS B 258 27.85 12.23 -2.64
CA CYS B 258 29.11 12.95 -2.81
C CYS B 258 29.93 12.27 -3.91
N ASP B 259 29.42 12.41 -5.14
CA ASP B 259 30.06 11.76 -6.28
C ASP B 259 31.48 12.27 -6.49
N GLU B 260 31.67 13.58 -6.45
CA GLU B 260 32.99 14.14 -6.67
C GLU B 260 33.95 13.77 -5.55
N LYS B 261 33.50 13.84 -4.31
CA LYS B 261 34.38 13.56 -3.18
C LYS B 261 34.79 12.09 -3.15
N ILE B 262 33.82 11.18 -3.24
CA ILE B 262 34.11 9.75 -3.15
C ILE B 262 34.95 9.32 -4.35
N GLY B 263 34.60 9.78 -5.54
CA GLY B 263 35.33 9.42 -6.73
C GLY B 263 34.73 8.31 -7.56
N TRP B 264 33.41 8.16 -7.57
CA TRP B 264 32.78 7.12 -8.36
C TRP B 264 33.06 7.36 -9.84
N ARG B 265 33.23 6.27 -10.58
CA ARG B 265 33.35 6.33 -12.03
C ARG B 265 32.01 5.96 -12.65
N ASN B 266 31.57 6.74 -13.63
CA ASN B 266 30.28 6.48 -14.25
C ASN B 266 30.28 5.13 -14.96
N ASP B 267 31.38 4.77 -15.62
CA ASP B 267 31.49 3.50 -16.32
C ASP B 267 32.26 2.51 -15.44
N ALA B 268 31.55 1.96 -14.46
CA ALA B 268 32.12 0.97 -13.56
C ALA B 268 31.01 0.47 -12.64
N SER B 269 31.24 -0.70 -12.05
CA SER B 269 30.31 -1.29 -11.10
C SER B 269 30.56 -0.66 -9.74
N HIS B 270 29.52 -0.05 -9.18
CA HIS B 270 29.64 0.69 -7.93
C HIS B 270 29.23 -0.21 -6.78
N LEU B 271 30.20 -0.64 -5.97
CA LEU B 271 29.94 -1.44 -4.79
C LEU B 271 30.18 -0.57 -3.55
N LEU B 272 29.20 -0.57 -2.65
CA LEU B 272 29.29 0.19 -1.40
C LEU B 272 29.19 -0.82 -0.26
N VAL B 273 30.33 -1.31 0.18
CA VAL B 273 30.38 -2.31 1.25
C VAL B 273 30.11 -1.61 2.57
N PHE B 274 29.01 -1.98 3.21
CA PHE B 274 28.56 -1.34 4.45
C PHE B 274 28.70 -2.37 5.58
N THR B 275 29.78 -2.29 6.32
CA THR B 275 30.07 -3.23 7.40
C THR B 275 29.64 -2.64 8.73
N THR B 276 28.86 -3.41 9.48
CA THR B 276 28.37 -2.97 10.79
C THR B 276 27.98 -4.20 11.59
N ASP B 277 27.82 -3.99 12.90
CA ASP B 277 27.43 -5.07 13.79
C ASP B 277 26.39 -4.61 14.81
N ALA B 278 25.55 -3.65 14.43
CA ALA B 278 24.55 -3.12 15.35
C ALA B 278 23.40 -2.54 14.54
N LYS B 279 22.28 -2.33 15.22
CA LYS B 279 21.12 -1.72 14.59
C LYS B 279 21.47 -0.32 14.11
N THR B 280 20.66 0.19 13.19
CA THR B 280 20.93 1.46 12.54
C THR B 280 19.82 2.45 12.83
N HIS B 281 20.21 3.71 13.08
CA HIS B 281 19.24 4.78 13.23
C HIS B 281 18.55 5.08 11.91
N ILE B 282 17.25 5.32 11.97
CA ILE B 282 16.47 5.64 10.78
C ILE B 282 15.96 7.07 10.89
N ALA B 283 15.24 7.53 9.88
CA ALA B 283 14.72 8.89 9.90
C ALA B 283 13.73 9.05 11.05
N LEU B 284 13.65 10.27 11.57
CA LEU B 284 12.81 10.68 12.69
C LEU B 284 13.44 10.28 14.03
N ASP B 285 14.61 9.65 14.01
CA ASP B 285 15.30 9.33 15.28
C ASP B 285 16.00 10.58 15.82
N GLY B 286 16.19 11.60 14.99
CA GLY B 286 16.90 12.79 15.42
C GLY B 286 16.17 13.61 16.46
N ARG B 287 14.88 13.34 16.69
CA ARG B 287 14.16 14.04 17.75
C ARG B 287 14.81 13.82 19.10
N LEU B 288 15.44 12.67 19.31
CA LEU B 288 16.15 12.43 20.56
C LEU B 288 17.29 13.42 20.74
N ALA B 289 17.99 13.73 19.65
CA ALA B 289 19.06 14.72 19.67
C ALA B 289 18.54 16.14 19.47
N GLY B 290 17.23 16.31 19.30
CA GLY B 290 16.66 17.61 19.00
C GLY B 290 16.69 17.99 17.53
N ILE B 291 17.14 17.09 16.66
CA ILE B 291 17.23 17.38 15.24
C ILE B 291 15.92 17.00 14.58
N VAL B 292 15.27 17.99 13.95
CA VAL B 292 13.98 17.77 13.30
C VAL B 292 14.01 18.05 11.81
N GLN B 293 15.07 18.66 11.29
CA GLN B 293 15.13 18.96 9.87
C GLN B 293 15.25 17.67 9.06
N PRO B 294 14.38 17.44 8.09
CA PRO B 294 14.50 16.23 7.26
C PRO B 294 15.80 16.23 6.48
N ASN B 295 16.34 15.04 6.26
CA ASN B 295 17.59 14.87 5.52
C ASN B 295 17.31 15.04 4.03
N ASP B 296 17.89 16.09 3.44
CA ASP B 296 17.86 16.25 2.00
C ASP B 296 19.03 15.52 1.38
N GLY B 297 18.80 14.89 0.24
CA GLY B 297 19.84 14.10 -0.39
C GLY B 297 20.90 14.96 -1.05
N GLN B 298 21.64 15.72 -0.25
CA GLN B 298 22.68 16.60 -0.73
C GLN B 298 24.02 16.23 -0.11
N CYS B 299 25.09 16.56 -0.82
CA CYS B 299 26.43 16.29 -0.31
C CYS B 299 26.85 17.39 0.65
N HIS B 300 27.11 17.03 1.90
CA HIS B 300 27.56 17.97 2.92
C HIS B 300 28.94 17.62 3.46
N VAL B 301 29.72 16.86 2.71
CA VAL B 301 31.08 16.55 3.10
C VAL B 301 31.98 17.70 2.63
N GLY B 302 32.60 18.38 3.57
CA GLY B 302 33.41 19.56 3.29
C GLY B 302 34.83 19.21 2.92
N SER B 303 35.68 20.24 2.95
CA SER B 303 37.10 20.05 2.63
C SER B 303 37.82 19.23 3.70
N ASP B 304 37.25 19.14 4.90
CA ASP B 304 37.82 18.32 5.97
C ASP B 304 37.38 16.87 5.89
N ASN B 305 36.54 16.52 4.91
CA ASN B 305 36.07 15.15 4.70
C ASN B 305 35.19 14.67 5.85
N HIS B 306 34.50 15.59 6.52
CA HIS B 306 33.57 15.25 7.59
C HIS B 306 32.17 15.67 7.20
N TYR B 307 31.19 14.91 7.68
CA TYR B 307 29.79 15.22 7.44
C TYR B 307 29.44 16.50 8.19
N SER B 308 29.30 17.61 7.45
CA SER B 308 29.05 18.90 8.09
C SER B 308 27.70 18.92 8.78
N ALA B 309 26.66 18.38 8.14
CA ALA B 309 25.30 18.43 8.66
C ALA B 309 24.96 17.24 9.55
N SER B 310 25.98 16.61 10.16
CA SER B 310 25.71 15.45 11.00
C SER B 310 24.88 15.83 12.22
N THR B 311 25.17 16.99 12.81
CA THR B 311 24.52 17.42 14.04
C THR B 311 23.33 18.34 13.80
N THR B 312 22.99 18.64 12.55
CA THR B 312 21.90 19.54 12.26
C THR B 312 20.90 18.99 11.26
N MET B 313 21.01 17.72 10.88
CA MET B 313 20.10 17.13 9.91
C MET B 313 19.71 15.74 10.36
N ASP B 314 18.43 15.42 10.20
CA ASP B 314 17.92 14.13 10.65
C ASP B 314 18.47 13.00 9.78
N TYR B 315 18.29 11.77 10.25
CA TYR B 315 18.76 10.61 9.50
C TYR B 315 17.91 10.45 8.24
N PRO B 316 18.50 9.89 7.18
CA PRO B 316 17.73 9.65 5.96
C PRO B 316 16.72 8.52 6.17
N SER B 317 15.66 8.56 5.38
CA SER B 317 14.67 7.50 5.37
C SER B 317 15.04 6.44 4.35
N LEU B 318 14.40 5.28 4.45
CA LEU B 318 14.66 4.21 3.51
C LEU B 318 14.30 4.61 2.09
N GLY B 319 13.18 5.32 1.92
CA GLY B 319 12.78 5.76 0.60
C GLY B 319 13.79 6.69 -0.03
N LEU B 320 14.32 7.64 0.75
CA LEU B 320 15.29 8.58 0.21
C LEU B 320 16.57 7.89 -0.21
N MET B 321 17.04 6.92 0.59
CA MET B 321 18.26 6.22 0.25
C MET B 321 18.11 5.44 -1.05
N THR B 322 16.97 4.78 -1.23
CA THR B 322 16.76 4.02 -2.46
C THR B 322 16.77 4.92 -3.67
N GLU B 323 16.17 6.11 -3.53
CA GLU B 323 16.15 7.09 -4.65
C GLU B 323 17.59 7.42 -5.04
N LYS B 324 18.44 7.73 -4.06
CA LYS B 324 19.81 8.14 -4.37
C LYS B 324 20.67 6.96 -4.79
N LEU B 325 20.46 5.80 -4.18
CA LEU B 325 21.20 4.61 -4.61
C LEU B 325 20.85 4.24 -6.05
N SER B 326 19.56 4.27 -6.38
CA SER B 326 19.15 3.97 -7.75
C SER B 326 19.66 5.03 -8.72
N GLN B 327 19.60 6.30 -8.32
CA GLN B 327 20.02 7.38 -9.22
C GLN B 327 21.51 7.28 -9.53
N LYS B 328 22.34 6.97 -8.54
CA LYS B 328 23.77 6.93 -8.72
C LYS B 328 24.27 5.57 -9.20
N ASN B 329 23.40 4.59 -9.36
CA ASN B 329 23.79 3.26 -9.86
C ASN B 329 24.77 2.60 -8.90
N ILE B 330 24.43 2.60 -7.62
CA ILE B 330 25.30 2.09 -6.57
C ILE B 330 24.68 0.83 -5.99
N ASN B 331 25.47 -0.23 -5.90
CA ASN B 331 25.03 -1.47 -5.26
C ASN B 331 25.46 -1.45 -3.80
N LEU B 332 24.51 -1.68 -2.91
CA LEU B 332 24.76 -1.64 -1.47
C LEU B 332 24.89 -3.07 -0.95
N ILE B 333 25.95 -3.31 -0.18
CA ILE B 333 26.23 -4.61 0.41
C ILE B 333 26.20 -4.48 1.91
N PHE B 334 25.29 -5.19 2.56
CA PHE B 334 25.19 -5.18 4.02
C PHE B 334 26.08 -6.29 4.56
N ALA B 335 27.33 -5.94 4.85
CA ALA B 335 28.28 -6.88 5.46
C ALA B 335 28.12 -6.79 6.98
N VAL B 336 27.05 -7.38 7.47
CA VAL B 336 26.68 -7.29 8.88
C VAL B 336 26.98 -8.62 9.57
N THR B 337 26.95 -8.60 10.89
CA THR B 337 27.25 -9.77 11.69
C THR B 337 25.99 -10.62 11.88
N GLU B 338 26.14 -11.72 12.62
CA GLU B 338 25.03 -12.65 12.79
C GLU B 338 23.87 -12.02 13.56
N ASN B 339 24.19 -11.22 14.58
CA ASN B 339 23.15 -10.72 15.48
C ASN B 339 22.18 -9.77 14.80
N VAL B 340 22.54 -9.23 13.64
CA VAL B 340 21.66 -8.28 12.96
C VAL B 340 21.48 -8.69 11.50
N VAL B 341 21.75 -9.95 11.18
CA VAL B 341 21.64 -10.40 9.76
C VAL B 341 20.18 -10.26 9.33
N ASN B 342 19.23 -10.70 10.18
CA ASN B 342 17.79 -10.66 9.80
C ASN B 342 17.32 -9.22 9.66
N LEU B 343 17.76 -8.34 10.56
CA LEU B 343 17.31 -6.92 10.53
C LEU B 343 17.67 -6.31 9.17
N TYR B 344 18.91 -6.49 8.73
CA TYR B 344 19.35 -5.86 7.45
C TYR B 344 18.77 -6.65 6.27
N GLN B 345 18.52 -7.93 6.44
CA GLN B 345 17.86 -8.71 5.36
C GLN B 345 16.46 -8.13 5.15
N ASN B 346 15.76 -7.82 6.23
CA ASN B 346 14.39 -7.23 6.12
C ASN B 346 14.50 -5.83 5.53
N TYR B 347 15.57 -5.09 5.87
CA TYR B 347 15.78 -3.75 5.25
C TYR B 347 16.00 -3.94 3.76
N SER B 348 16.83 -4.92 3.40
CA SER B 348 17.13 -5.16 1.98
C SER B 348 15.86 -5.40 1.19
N GLU B 349 14.83 -5.97 1.83
CA GLU B 349 13.55 -6.15 1.15
C GLU B 349 12.95 -4.80 0.76
N LEU B 350 13.04 -3.81 1.65
CA LEU B 350 12.52 -2.48 1.38
C LEU B 350 13.48 -1.62 0.55
N ILE B 351 14.68 -2.12 0.28
CA ILE B 351 15.66 -1.39 -0.53
C ILE B 351 16.08 -2.29 -1.68
N PRO B 352 15.30 -2.37 -2.76
CA PRO B 352 15.65 -3.29 -3.86
C PRO B 352 17.01 -2.97 -4.44
N GLY B 353 17.74 -4.02 -4.79
CA GLY B 353 19.08 -3.88 -5.33
C GLY B 353 20.19 -4.03 -4.32
N THR B 354 19.90 -4.49 -3.10
CA THR B 354 20.89 -4.63 -2.04
C THR B 354 21.05 -6.10 -1.70
N THR B 355 22.29 -6.49 -1.36
CA THR B 355 22.59 -7.83 -0.92
C THR B 355 23.12 -7.80 0.51
N VAL B 356 22.83 -8.85 1.25
CA VAL B 356 23.23 -8.96 2.66
C VAL B 356 24.21 -10.11 2.78
N GLY B 357 25.35 -9.85 3.41
CA GLY B 357 26.34 -10.88 3.66
C GLY B 357 26.70 -10.99 5.12
N VAL B 358 26.77 -12.22 5.64
CA VAL B 358 27.09 -12.43 7.04
C VAL B 358 28.56 -12.12 7.27
N LEU B 359 28.83 -11.30 8.28
CA LEU B 359 30.19 -10.86 8.59
C LEU B 359 30.64 -11.48 9.91
N SER B 360 31.91 -11.90 9.94
CA SER B 360 32.46 -12.42 11.17
C SER B 360 32.64 -11.31 12.20
N MET B 361 32.71 -11.70 13.47
CA MET B 361 32.82 -10.72 14.54
C MET B 361 34.12 -9.93 14.47
N ASP B 362 35.12 -10.42 13.76
CA ASP B 362 36.38 -9.71 13.56
C ASP B 362 36.58 -9.28 12.11
N SER B 363 35.54 -9.37 11.28
CA SER B 363 35.64 -9.00 9.87
C SER B 363 36.73 -9.78 9.16
N SER B 364 36.89 -11.05 9.54
CA SER B 364 37.94 -11.89 8.95
C SER B 364 37.55 -12.46 7.60
N ASN B 365 36.27 -12.42 7.23
CA ASN B 365 35.81 -12.96 5.96
C ASN B 365 35.22 -11.90 5.05
N VAL B 366 35.56 -10.63 5.27
CA VAL B 366 35.00 -9.57 4.45
C VAL B 366 35.49 -9.68 3.01
N LEU B 367 36.74 -10.11 2.82
CA LEU B 367 37.29 -10.24 1.47
C LEU B 367 36.50 -11.24 0.65
N GLN B 368 36.19 -12.40 1.23
CA GLN B 368 35.36 -13.38 0.53
C GLN B 368 33.92 -12.90 0.43
N LEU B 369 33.45 -12.13 1.40
CA LEU B 369 32.09 -11.60 1.34
C LEU B 369 31.92 -10.64 0.18
N ILE B 370 32.93 -9.79 -0.07
CA ILE B 370 32.83 -8.84 -1.17
C ILE B 370 32.86 -9.57 -2.51
N VAL B 371 33.75 -10.54 -2.66
CA VAL B 371 33.86 -11.27 -3.93
C VAL B 371 32.58 -12.02 -4.23
N ASP B 372 32.01 -12.69 -3.22
CA ASP B 372 30.75 -13.37 -3.42
C ASP B 372 29.63 -12.39 -3.73
N ALA B 373 29.61 -11.25 -3.04
CA ALA B 373 28.60 -10.23 -3.32
C ALA B 373 28.72 -9.69 -4.74
N TYR B 374 29.94 -9.41 -5.18
CA TYR B 374 30.14 -8.91 -6.53
C TYR B 374 29.73 -9.93 -7.57
N GLY B 375 30.08 -11.20 -7.37
CA GLY B 375 29.64 -12.23 -8.29
C GLY B 375 28.14 -12.37 -8.33
N LYS B 376 27.48 -12.23 -7.18
CA LYS B 376 26.03 -12.27 -7.15
C LYS B 376 25.42 -11.07 -7.86
N ILE B 377 26.02 -9.89 -7.72
CA ILE B 377 25.49 -8.69 -8.35
C ILE B 377 25.55 -8.81 -9.87
N ARG B 378 26.66 -9.32 -10.40
CA ARG B 378 26.85 -9.42 -11.84
C ARG B 378 26.14 -10.63 -12.44
N SER B 379 25.48 -11.45 -11.63
CA SER B 379 24.79 -12.64 -12.11
C SER B 379 23.32 -12.38 -12.41
N LYS B 380 22.85 -11.14 -12.26
CA LYS B 380 21.44 -10.83 -12.44
C LYS B 380 21.30 -9.57 -13.28
N VAL B 381 20.24 -9.54 -14.09
CA VAL B 381 19.91 -8.37 -14.90
C VAL B 381 18.43 -8.07 -14.69
N GLU B 382 18.14 -6.87 -14.21
CA GLU B 382 16.76 -6.43 -13.99
C GLU B 382 16.56 -5.08 -14.65
N LEU B 383 15.50 -4.96 -15.44
CA LEU B 383 15.21 -3.72 -16.14
C LEU B 383 14.30 -2.84 -15.29
N GLU B 384 14.51 -1.53 -15.38
CA GLU B 384 13.66 -0.55 -14.73
C GLU B 384 13.29 0.53 -15.74
N VAL B 385 12.08 1.05 -15.61
CA VAL B 385 11.56 2.06 -16.52
C VAL B 385 11.53 3.40 -15.78
N ARG B 386 12.01 4.45 -16.44
CA ARG B 386 12.06 5.78 -15.85
C ARG B 386 11.34 6.77 -16.76
N ASP B 387 10.59 7.68 -16.14
CA ASP B 387 9.90 8.74 -16.87
C ASP B 387 8.90 8.18 -17.87
N LEU B 388 8.18 7.14 -17.47
CA LEU B 388 7.18 6.55 -18.35
C LEU B 388 5.93 7.42 -18.39
N PRO B 389 5.52 7.91 -19.56
CA PRO B 389 4.29 8.70 -19.62
C PRO B 389 3.08 7.88 -19.18
N GLU B 390 2.11 8.58 -18.59
CA GLU B 390 0.92 7.91 -18.06
C GLU B 390 0.08 7.28 -19.16
N GLU B 391 0.24 7.72 -20.41
CA GLU B 391 -0.54 7.20 -21.52
C GLU B 391 0.06 5.94 -22.13
N LEU B 392 1.21 5.49 -21.64
CA LEU B 392 1.90 4.34 -22.20
C LEU B 392 2.00 3.23 -21.17
N SER B 393 2.00 1.98 -21.67
CA SER B 393 2.17 0.80 -20.84
C SER B 393 3.15 -0.13 -21.54
N LEU B 394 3.86 -0.95 -20.76
CA LEU B 394 4.91 -1.81 -21.36
C LEU B 394 4.76 -3.25 -20.87
N SER B 395 4.93 -4.23 -21.77
CA SER B 395 4.92 -5.66 -21.36
C SER B 395 6.29 -6.26 -21.67
N PHE B 396 6.98 -6.83 -20.68
CA PHE B 396 8.36 -7.32 -20.90
C PHE B 396 8.42 -8.83 -20.92
N ASN B 397 9.09 -9.41 -21.92
CA ASN B 397 9.30 -10.89 -21.95
C ASN B 397 10.80 -11.16 -21.87
N ALA B 398 11.23 -12.13 -21.06
CA ALA B 398 12.69 -12.34 -20.87
C ALA B 398 13.12 -13.66 -21.51
N THR B 399 14.18 -13.63 -22.32
CA THR B 399 14.72 -14.88 -22.93
C THR B 399 15.70 -15.50 -21.97
N CYS B 400 16.46 -14.67 -21.25
CA CYS B 400 17.42 -15.19 -20.23
C CYS B 400 18.37 -16.22 -20.85
N LEU B 401 18.94 -17.10 -20.03
CA LEU B 401 19.81 -18.14 -20.54
C LEU B 401 19.00 -19.17 -21.33
N ASN B 402 19.70 -19.96 -22.13
CA ASN B 402 19.09 -20.93 -23.03
C ASN B 402 18.22 -20.14 -24.00
N ASN B 403 17.01 -20.58 -24.35
CA ASN B 403 16.16 -19.82 -25.24
C ASN B 403 14.69 -19.87 -24.82
N GLU B 404 14.42 -19.99 -23.52
CA GLU B 404 13.05 -20.00 -23.03
C GLU B 404 12.60 -18.56 -22.80
N VAL B 405 11.50 -18.18 -23.44
CA VAL B 405 11.00 -16.78 -23.33
C VAL B 405 10.00 -16.69 -22.16
N ILE B 406 10.49 -16.71 -20.93
CA ILE B 406 9.59 -16.55 -19.75
C ILE B 406 8.75 -15.29 -19.96
N PRO B 407 7.41 -15.38 -20.04
CA PRO B 407 6.59 -14.20 -20.32
C PRO B 407 6.34 -13.33 -19.10
N GLY B 408 6.21 -12.02 -19.31
CA GLY B 408 5.88 -11.11 -18.20
C GLY B 408 6.99 -10.99 -17.18
N LEU B 409 8.24 -11.24 -17.60
CA LEU B 409 9.40 -11.15 -16.69
C LEU B 409 10.37 -10.08 -17.22
N LYS B 410 10.84 -9.19 -16.34
CA LYS B 410 11.75 -8.10 -16.77
C LYS B 410 13.16 -8.34 -16.21
N SER B 411 13.37 -9.49 -15.54
CA SER B 411 14.67 -9.78 -14.97
C SER B 411 15.09 -11.21 -15.28
N CYS B 412 16.39 -11.41 -15.43
CA CYS B 412 16.98 -12.73 -15.65
C CYS B 412 18.07 -12.94 -14.61
N MET B 413 17.96 -14.03 -13.87
CA MET B 413 18.94 -14.37 -12.85
C MET B 413 19.75 -15.58 -13.28
N GLY B 414 20.78 -15.90 -12.51
CA GLY B 414 21.64 -17.01 -12.80
C GLY B 414 22.68 -16.75 -13.87
N LEU B 415 22.76 -15.54 -14.40
CA LEU B 415 23.71 -15.24 -15.44
C LEU B 415 25.14 -15.26 -14.89
N LYS B 416 26.08 -15.47 -15.79
CA LYS B 416 27.50 -15.30 -15.50
C LYS B 416 28.06 -14.22 -16.40
N ILE B 417 29.29 -13.80 -16.11
CA ILE B 417 29.90 -12.70 -16.85
C ILE B 417 30.03 -13.09 -18.32
N GLY B 418 29.61 -12.18 -19.20
CA GLY B 418 29.62 -12.42 -20.62
C GLY B 418 28.29 -12.88 -21.20
N ASP B 419 27.36 -13.32 -20.37
CA ASP B 419 26.08 -13.79 -20.87
C ASP B 419 25.23 -12.61 -21.34
N THR B 420 24.48 -12.85 -22.42
CA THR B 420 23.60 -11.84 -23.00
C THR B 420 22.16 -12.31 -22.87
N VAL B 421 21.30 -11.42 -22.37
CA VAL B 421 19.85 -11.73 -22.23
C VAL B 421 19.07 -10.74 -23.11
N SER B 422 17.97 -11.18 -23.71
CA SER B 422 17.16 -10.30 -24.59
C SER B 422 15.77 -10.15 -23.99
N PHE B 423 15.25 -8.91 -23.95
CA PHE B 423 13.88 -8.67 -23.44
C PHE B 423 13.04 -8.10 -24.57
N SER B 424 11.86 -8.67 -24.81
CA SER B 424 10.95 -8.10 -25.84
C SER B 424 9.92 -7.21 -25.14
N ILE B 425 9.81 -5.95 -25.55
CA ILE B 425 8.88 -5.00 -24.86
C ILE B 425 7.84 -4.49 -25.86
N GLU B 426 6.56 -4.45 -25.46
CA GLU B 426 5.52 -3.89 -26.35
C GLU B 426 4.95 -2.62 -25.70
N ALA B 427 4.93 -1.51 -26.43
CA ALA B 427 4.45 -0.23 -25.86
C ALA B 427 3.05 0.10 -26.40
N LYS B 428 2.06 0.21 -25.52
CA LYS B 428 0.70 0.52 -25.94
C LYS B 428 0.31 1.87 -25.39
N VAL B 429 -0.38 2.67 -26.21
CA VAL B 429 -0.77 4.02 -25.86
C VAL B 429 -2.25 4.04 -25.51
N ARG B 430 -2.60 4.83 -24.50
CA ARG B 430 -3.99 4.99 -24.07
C ARG B 430 -4.61 6.11 -24.90
N GLY B 431 -5.32 5.73 -25.96
CA GLY B 431 -5.94 6.72 -26.81
C GLY B 431 -4.92 7.54 -27.58
N CYS B 432 -5.23 8.82 -27.77
CA CYS B 432 -4.36 9.75 -28.51
C CYS B 432 -3.96 10.89 -27.59
N PRO B 433 -2.81 10.80 -26.94
CA PRO B 433 -2.32 11.94 -26.16
C PRO B 433 -2.01 13.12 -27.07
N GLN B 434 -2.18 14.32 -26.53
CA GLN B 434 -1.96 15.55 -27.28
C GLN B 434 -0.53 16.05 -27.21
N GLU B 435 0.32 15.45 -26.36
CA GLU B 435 1.70 15.91 -26.26
C GLU B 435 2.47 15.68 -27.55
N LYS B 436 2.27 14.52 -28.18
CA LYS B 436 2.84 14.21 -29.50
C LYS B 436 4.33 13.93 -29.45
N GLU B 437 4.97 14.11 -28.30
CA GLU B 437 6.40 13.87 -28.17
C GLU B 437 6.70 13.50 -26.72
N LYS B 438 6.98 12.22 -26.48
CA LYS B 438 7.35 11.74 -25.16
C LYS B 438 8.52 10.79 -25.29
N SER B 439 9.29 10.68 -24.21
CA SER B 439 10.48 9.82 -24.23
C SER B 439 10.70 9.27 -22.83
N PHE B 440 10.86 7.95 -22.74
CA PHE B 440 11.16 7.27 -21.49
C PHE B 440 12.43 6.45 -21.66
N THR B 441 13.05 6.09 -20.54
CA THR B 441 14.30 5.36 -20.53
C THR B 441 14.10 3.99 -19.91
N ILE B 442 14.57 2.96 -20.59
CA ILE B 442 14.59 1.60 -20.07
C ILE B 442 16.04 1.26 -19.76
N LYS B 443 16.34 1.06 -18.48
CA LYS B 443 17.70 0.89 -18.03
C LYS B 443 17.78 -0.27 -17.04
N PRO B 444 18.70 -1.21 -17.23
CA PRO B 444 18.90 -2.25 -16.22
C PRO B 444 19.41 -1.66 -14.92
N VAL B 445 19.03 -2.28 -13.81
CA VAL B 445 19.41 -1.77 -12.50
C VAL B 445 20.92 -1.88 -12.33
N GLY B 446 21.55 -0.78 -11.93
CA GLY B 446 22.98 -0.74 -11.73
C GLY B 446 23.80 -0.53 -12.97
N PHE B 447 23.17 -0.31 -14.12
CA PHE B 447 23.87 -0.11 -15.39
C PHE B 447 23.79 1.35 -15.78
N LYS B 448 24.94 1.92 -16.17
CA LYS B 448 24.93 3.26 -16.75
C LYS B 448 24.19 3.26 -18.08
N ASP B 449 24.38 2.23 -18.89
CA ASP B 449 23.77 2.16 -20.20
C ASP B 449 22.25 2.03 -20.08
N SER B 450 21.54 2.58 -21.05
CA SER B 450 20.09 2.54 -21.06
C SER B 450 19.60 2.71 -22.49
N LEU B 451 18.33 2.41 -22.69
CA LEU B 451 17.67 2.59 -23.98
C LEU B 451 16.72 3.78 -23.86
N ILE B 452 16.88 4.75 -24.75
CA ILE B 452 16.04 5.94 -24.78
C ILE B 452 14.99 5.74 -25.84
N VAL B 453 13.72 5.67 -25.44
CA VAL B 453 12.61 5.43 -26.34
C VAL B 453 11.90 6.76 -26.56
N GLN B 454 11.86 7.21 -27.81
CA GLN B 454 11.15 8.43 -28.19
C GLN B 454 9.86 8.03 -28.88
N VAL B 455 8.73 8.37 -28.28
CA VAL B 455 7.42 8.00 -28.80
C VAL B 455 6.78 9.25 -29.41
N THR B 456 6.36 9.13 -30.66
CA THR B 456 5.70 10.22 -31.39
C THR B 456 4.32 9.73 -31.82
N PHE B 457 3.28 10.26 -31.18
CA PHE B 457 1.92 9.84 -31.48
C PHE B 457 1.47 10.44 -32.80
N ASP B 458 0.74 9.64 -33.58
CA ASP B 458 0.26 10.03 -34.90
C ASP B 458 -1.24 9.77 -34.96
N CYS B 459 -2.04 10.83 -34.78
CA CYS B 459 -3.49 10.71 -34.76
C CYS B 459 -4.16 11.33 -35.98
N ASP B 460 -3.87 12.60 -36.26
CA ASP B 460 -4.49 13.27 -37.40
C ASP B 460 -3.90 12.74 -38.71
N CYS B 461 -4.65 12.93 -39.79
CA CYS B 461 -4.31 12.40 -41.09
C CYS B 461 -3.77 13.52 -41.99
N ALA B 462 -3.15 13.15 -43.10
CA ALA B 462 -2.58 14.13 -44.03
C ALA B 462 -3.64 14.92 -44.78
N CYS B 463 -4.85 14.37 -44.94
CA CYS B 463 -5.91 15.07 -45.65
C CYS B 463 -6.28 16.37 -44.94
N GLN B 464 -6.07 16.45 -43.63
CA GLN B 464 -6.46 17.64 -42.88
C GLN B 464 -5.71 18.88 -43.35
N ALA B 465 -4.55 18.73 -43.98
CA ALA B 465 -3.83 19.88 -44.50
C ALA B 465 -4.66 20.62 -45.55
N GLN B 466 -5.33 19.87 -46.42
CA GLN B 466 -6.20 20.47 -47.44
C GLN B 466 -7.61 20.57 -46.86
N ALA B 467 -7.76 21.51 -45.93
CA ALA B 467 -9.03 21.72 -45.23
C ALA B 467 -9.66 23.03 -45.70
N GLU B 468 -10.95 22.97 -46.02
CA GLU B 468 -11.69 24.16 -46.43
C GLU B 468 -12.64 24.57 -45.33
N PRO B 469 -12.34 25.66 -44.59
CA PRO B 469 -13.23 26.05 -43.48
C PRO B 469 -14.64 26.37 -43.91
N ASN B 470 -14.85 26.92 -45.11
CA ASN B 470 -16.17 27.25 -45.62
C ASN B 470 -16.20 26.89 -47.11
N SER B 471 -16.66 25.69 -47.40
CA SER B 471 -16.67 25.15 -48.76
C SER B 471 -18.07 25.22 -49.35
N HIS B 472 -18.16 25.60 -50.62
CA HIS B 472 -19.44 25.67 -51.29
C HIS B 472 -20.11 24.30 -51.36
N ARG B 473 -19.32 23.22 -51.32
CA ARG B 473 -19.90 21.88 -51.34
C ARG B 473 -20.74 21.63 -50.10
N CYS B 474 -20.27 22.10 -48.95
CA CYS B 474 -20.98 21.90 -47.68
C CYS B 474 -22.01 23.01 -47.46
N ASN B 475 -23.03 23.02 -48.32
CA ASN B 475 -24.17 23.92 -48.20
C ASN B 475 -23.71 25.38 -48.20
N ASN B 476 -23.15 25.79 -49.34
CA ASN B 476 -22.66 27.16 -49.57
C ASN B 476 -21.80 27.66 -48.41
N GLY B 477 -20.92 26.78 -47.93
CA GLY B 477 -19.95 27.16 -46.91
C GLY B 477 -20.50 27.51 -45.55
N ASN B 478 -21.51 26.79 -45.08
CA ASN B 478 -21.92 26.89 -43.69
C ASN B 478 -21.24 25.86 -42.80
N GLY B 479 -20.37 25.02 -43.37
CA GLY B 479 -19.58 24.06 -42.61
C GLY B 479 -18.24 23.86 -43.28
N THR B 480 -17.33 23.24 -42.53
CA THR B 480 -15.97 23.02 -42.99
C THR B 480 -15.89 21.72 -43.76
N PHE B 481 -15.19 21.75 -44.90
CA PHE B 481 -14.97 20.57 -45.72
C PHE B 481 -13.52 20.14 -45.61
N GLU B 482 -13.30 18.84 -45.44
CA GLU B 482 -11.95 18.31 -45.36
C GLU B 482 -12.01 16.79 -45.42
N CYS B 483 -11.02 16.20 -46.09
CA CYS B 483 -10.87 14.75 -46.16
C CYS B 483 -12.01 14.08 -46.92
N GLY B 484 -12.61 14.79 -47.87
CA GLY B 484 -13.63 14.24 -48.71
C GLY B 484 -15.03 14.21 -48.13
N VAL B 485 -15.23 14.76 -46.94
CA VAL B 485 -16.55 14.84 -46.33
C VAL B 485 -16.73 16.22 -45.71
N CYS B 486 -17.96 16.49 -45.28
CA CYS B 486 -18.32 17.78 -44.69
C CYS B 486 -18.46 17.60 -43.18
N ARG B 487 -17.69 18.38 -42.42
CA ARG B 487 -17.86 18.46 -40.98
C ARG B 487 -18.66 19.72 -40.68
N CYS B 488 -19.98 19.58 -40.57
CA CYS B 488 -20.86 20.73 -40.45
C CYS B 488 -20.64 21.46 -39.14
N GLY B 489 -20.95 22.76 -39.15
CA GLY B 489 -20.87 23.57 -37.95
C GLY B 489 -22.09 23.37 -37.08
N PRO B 490 -22.23 24.20 -36.04
CA PRO B 490 -23.37 24.06 -35.14
C PRO B 490 -24.69 24.29 -35.86
N GLY B 491 -25.71 23.55 -35.44
CA GLY B 491 -27.03 23.69 -35.99
C GLY B 491 -27.26 22.89 -37.26
N TRP B 492 -26.47 23.16 -38.29
CA TRP B 492 -26.66 22.49 -39.58
C TRP B 492 -26.05 21.10 -39.55
N LEU B 493 -26.82 20.10 -39.98
CA LEU B 493 -26.40 18.70 -40.01
C LEU B 493 -26.67 18.13 -41.39
N GLY B 494 -26.30 16.87 -41.56
CA GLY B 494 -26.50 16.17 -42.81
C GLY B 494 -25.20 15.92 -43.55
N SER B 495 -25.31 15.17 -44.65
CA SER B 495 -24.14 14.86 -45.46
C SER B 495 -23.52 16.12 -46.04
N GLN B 496 -24.35 17.04 -46.55
CA GLN B 496 -23.88 18.29 -47.12
C GLN B 496 -24.25 19.49 -46.27
N CYS B 497 -24.62 19.28 -45.01
CA CYS B 497 -24.97 20.38 -44.10
C CYS B 497 -26.15 21.18 -44.62
N GLU B 498 -27.11 20.49 -45.24
CA GLU B 498 -28.27 21.13 -45.83
C GLU B 498 -29.58 20.75 -45.16
N CYS B 499 -29.53 19.98 -44.07
CA CYS B 499 -30.73 19.51 -43.40
C CYS B 499 -31.06 20.28 -42.14
N SER B 500 -30.19 21.19 -41.71
CA SER B 500 -30.44 21.99 -40.50
C SER B 500 -30.52 21.10 -39.27
N GLU B 501 -31.14 21.61 -38.21
CA GLU B 501 -31.24 20.88 -36.95
C GLU B 501 -32.68 20.47 -36.63
N GLU B 502 -33.61 21.42 -36.62
CA GLU B 502 -34.99 21.13 -36.28
C GLU B 502 -35.93 21.18 -37.49
N ASP B 503 -35.45 21.63 -38.64
CA ASP B 503 -36.31 21.75 -39.81
C ASP B 503 -36.81 20.39 -40.29
N TYR B 504 -36.09 19.32 -39.97
CA TYR B 504 -36.45 17.97 -40.39
C TYR B 504 -36.84 17.10 -39.19
N ARG B 505 -37.61 17.69 -38.26
CA ARG B 505 -38.19 16.89 -37.19
C ARG B 505 -39.02 15.73 -37.73
N PRO B 506 -39.92 15.93 -38.68
CA PRO B 506 -40.52 14.78 -39.37
C PRO B 506 -39.49 14.08 -40.24
N SER B 507 -39.67 12.77 -40.41
CA SER B 507 -38.76 11.98 -41.22
C SER B 507 -39.51 10.80 -41.83
N GLN B 508 -38.97 10.30 -42.93
CA GLN B 508 -39.54 9.15 -43.62
C GLN B 508 -38.52 8.08 -44.00
N GLN B 509 -37.24 8.42 -44.13
CA GLN B 509 -36.18 7.45 -44.33
C GLN B 509 -35.25 7.37 -43.12
N ASP B 510 -35.76 7.75 -41.95
CA ASP B 510 -34.94 7.81 -40.74
C ASP B 510 -34.41 6.43 -40.38
N GLU B 511 -33.11 6.37 -40.08
CA GLU B 511 -32.46 5.17 -39.60
C GLU B 511 -32.08 5.28 -38.13
N CYS B 512 -32.86 6.06 -37.37
CA CYS B 512 -32.57 6.26 -35.95
C CYS B 512 -32.66 4.96 -35.17
N SER B 513 -33.68 4.16 -35.43
CA SER B 513 -33.85 2.90 -34.72
C SER B 513 -32.97 1.83 -35.36
N PRO B 514 -32.13 1.15 -34.58
CA PRO B 514 -31.30 0.07 -35.15
C PRO B 514 -32.15 -1.05 -35.76
N ARG B 515 -33.29 -1.34 -35.17
CA ARG B 515 -34.21 -2.33 -35.71
C ARG B 515 -35.63 -1.88 -35.43
N GLU B 516 -36.56 -2.36 -36.23
CA GLU B 516 -37.96 -1.98 -36.08
C GLU B 516 -38.49 -2.37 -34.71
N GLY B 517 -39.20 -1.45 -34.07
CA GLY B 517 -39.76 -1.68 -32.75
C GLY B 517 -38.82 -1.36 -31.60
N GLN B 518 -37.58 -1.04 -31.87
CA GLN B 518 -36.61 -0.69 -30.84
C GLN B 518 -36.65 0.79 -30.53
N PRO B 519 -36.16 1.20 -29.37
CA PRO B 519 -36.18 2.63 -29.02
C PRO B 519 -35.35 3.45 -30.01
N VAL B 520 -35.83 4.64 -30.30
CA VAL B 520 -35.16 5.51 -31.26
C VAL B 520 -33.91 6.09 -30.62
N CYS B 521 -32.76 5.86 -31.26
CA CYS B 521 -31.47 6.35 -30.78
C CYS B 521 -31.12 5.81 -29.40
N SER B 522 -31.70 4.68 -29.02
CA SER B 522 -31.43 4.04 -27.73
C SER B 522 -31.70 4.97 -26.55
N GLN B 523 -32.72 5.82 -26.69
CA GLN B 523 -33.16 6.71 -25.60
C GLN B 523 -32.04 7.63 -25.14
N ARG B 524 -31.11 7.98 -26.05
CA ARG B 524 -30.00 8.83 -25.67
C ARG B 524 -29.68 9.87 -26.75
N GLY B 525 -30.59 10.11 -27.68
CA GLY B 525 -30.31 11.05 -28.75
C GLY B 525 -31.59 11.55 -29.38
N GLU B 526 -31.42 12.46 -30.33
CA GLU B 526 -32.53 13.09 -31.04
C GLU B 526 -32.58 12.56 -32.47
N CYS B 527 -33.75 12.10 -32.90
CA CYS B 527 -33.93 11.53 -34.22
C CYS B 527 -34.26 12.65 -35.22
N LEU B 528 -33.23 13.44 -35.53
CA LEU B 528 -33.36 14.57 -36.44
C LEU B 528 -32.48 14.33 -37.66
N CYS B 529 -33.04 14.54 -38.85
CA CYS B 529 -32.31 14.37 -40.10
C CYS B 529 -31.74 12.97 -40.24
N GLY B 530 -32.49 11.97 -39.81
CA GLY B 530 -32.03 10.57 -39.92
C GLY B 530 -30.98 10.15 -38.92
N GLN B 531 -29.86 10.85 -38.88
CA GLN B 531 -28.80 10.50 -37.95
C GLN B 531 -29.22 10.78 -36.51
N CYS B 532 -28.75 9.96 -35.59
CA CYS B 532 -29.03 10.10 -34.17
C CYS B 532 -27.97 11.01 -33.56
N VAL B 533 -28.39 12.19 -33.12
CA VAL B 533 -27.50 13.11 -32.42
C VAL B 533 -27.56 12.81 -30.93
N CYS B 534 -26.43 12.41 -30.35
CA CYS B 534 -26.41 11.94 -28.99
C CYS B 534 -26.52 13.11 -28.00
N HIS B 535 -26.86 12.77 -26.76
CA HIS B 535 -27.13 13.78 -25.74
C HIS B 535 -25.81 14.43 -25.30
N SER B 536 -25.91 15.30 -24.30
CA SER B 536 -24.72 15.99 -23.79
C SER B 536 -23.69 15.04 -23.22
N SER B 537 -24.10 13.84 -22.80
CA SER B 537 -23.19 12.83 -22.27
C SER B 537 -22.43 13.36 -21.06
N ASP B 538 -23.18 13.63 -20.00
CA ASP B 538 -22.58 14.08 -18.76
C ASP B 538 -21.64 13.01 -18.21
N PHE B 539 -20.54 13.47 -17.62
CA PHE B 539 -19.44 12.63 -17.12
C PHE B 539 -19.13 11.48 -18.08
N GLY B 540 -19.02 11.81 -19.36
CA GLY B 540 -18.74 10.80 -20.36
C GLY B 540 -18.91 11.37 -21.76
N LYS B 541 -19.14 10.48 -22.71
CA LYS B 541 -19.33 10.88 -24.10
C LYS B 541 -20.07 9.76 -24.82
N ILE B 542 -21.27 10.05 -25.30
CA ILE B 542 -22.10 9.06 -25.98
C ILE B 542 -21.81 9.11 -27.47
N THR B 543 -21.45 7.96 -28.04
CA THR B 543 -21.09 7.88 -29.44
C THR B 543 -21.66 6.60 -30.02
N GLY B 544 -21.84 6.59 -31.34
CA GLY B 544 -22.35 5.43 -32.03
C GLY B 544 -23.39 5.80 -33.08
N LYS B 545 -23.67 4.88 -33.99
CA LYS B 545 -24.72 5.13 -34.98
C LYS B 545 -26.06 5.32 -34.32
N TYR B 546 -26.29 4.67 -33.19
CA TYR B 546 -27.54 4.80 -32.43
C TYR B 546 -27.29 5.30 -31.02
N CYS B 547 -26.15 5.93 -30.78
CA CYS B 547 -25.81 6.47 -29.45
C CYS B 547 -25.85 5.39 -28.39
N GLU B 548 -25.38 4.19 -28.73
CA GLU B 548 -25.32 3.10 -27.77
C GLU B 548 -23.98 3.01 -27.07
N CYS B 549 -22.88 3.33 -27.76
CA CYS B 549 -21.57 3.28 -27.14
C CYS B 549 -21.37 4.45 -26.19
N ASP B 550 -20.45 4.27 -25.25
CA ASP B 550 -20.07 5.33 -24.31
C ASP B 550 -18.77 4.92 -23.65
N ASP B 551 -18.27 5.78 -22.76
CA ASP B 551 -17.01 5.55 -22.08
C ASP B 551 -17.15 5.75 -20.58
N PHE B 552 -18.32 5.48 -20.02
CA PHE B 552 -18.54 5.63 -18.59
C PHE B 552 -19.39 4.49 -18.04
N SER B 553 -19.50 3.38 -18.78
CA SER B 553 -20.33 2.26 -18.36
C SER B 553 -19.53 1.00 -18.06
N CYS B 554 -18.21 1.05 -18.17
CA CYS B 554 -17.41 -0.14 -17.93
C CYS B 554 -17.42 -0.52 -16.44
N VAL B 555 -17.21 -1.80 -16.18
CA VAL B 555 -17.27 -2.32 -14.82
C VAL B 555 -16.15 -1.73 -13.99
N ARG B 556 -16.50 -1.26 -12.79
CA ARG B 556 -15.47 -0.68 -11.88
C ARG B 556 -15.09 -1.74 -10.83
N TYR B 557 -13.88 -2.28 -10.92
CA TYR B 557 -13.46 -3.37 -9.99
C TYR B 557 -13.41 -2.84 -8.55
N LYS B 558 -12.65 -1.78 -8.31
CA LYS B 558 -12.50 -1.25 -6.93
C LYS B 558 -12.86 0.23 -6.91
N GLY B 559 -13.94 0.62 -7.57
CA GLY B 559 -14.31 2.01 -7.66
C GLY B 559 -13.68 2.78 -8.80
N GLU B 560 -12.88 2.12 -9.63
CA GLU B 560 -12.26 2.73 -10.79
C GLU B 560 -12.70 1.96 -12.03
N MET B 561 -13.04 2.70 -13.09
CA MET B 561 -13.48 2.06 -14.31
C MET B 561 -12.35 1.24 -14.92
N CYS B 562 -12.60 -0.05 -15.15
CA CYS B 562 -11.56 -0.95 -15.72
C CYS B 562 -10.34 -0.99 -14.78
N SER B 563 -10.55 -0.78 -13.49
CA SER B 563 -9.46 -0.86 -12.48
C SER B 563 -8.42 0.24 -12.71
N GLY B 564 -8.75 1.26 -13.51
CA GLY B 564 -7.77 2.32 -13.83
C GLY B 564 -6.63 1.75 -14.64
N HIS B 565 -6.80 0.54 -15.19
CA HIS B 565 -5.75 -0.12 -16.00
C HIS B 565 -6.32 -0.39 -17.39
N GLY B 566 -7.16 0.52 -17.88
CA GLY B 566 -7.80 0.31 -19.20
C GLY B 566 -8.75 1.44 -19.55
N GLN B 567 -9.08 1.57 -20.85
CA GLN B 567 -9.99 2.59 -21.32
C GLN B 567 -11.29 1.96 -21.78
N CYS B 568 -12.40 2.59 -21.45
CA CYS B 568 -13.71 2.06 -21.79
C CYS B 568 -13.99 2.32 -23.26
N SER B 569 -14.26 1.26 -24.02
CA SER B 569 -14.56 1.35 -25.45
C SER B 569 -15.92 0.70 -25.69
N CYS B 570 -16.96 1.54 -25.81
CA CYS B 570 -18.32 1.06 -26.04
C CYS B 570 -18.75 0.08 -24.96
N GLY B 571 -18.37 0.37 -23.72
CA GLY B 571 -18.72 -0.48 -22.59
C GLY B 571 -17.80 -1.66 -22.36
N ASP B 572 -16.80 -1.86 -23.20
CA ASP B 572 -15.84 -2.95 -23.04
C ASP B 572 -14.52 -2.39 -22.57
N CYS B 573 -13.96 -2.98 -21.51
CA CYS B 573 -12.68 -2.54 -20.98
C CYS B 573 -11.58 -3.04 -21.91
N LEU B 574 -10.99 -2.12 -22.67
CA LEU B 574 -9.84 -2.43 -23.52
C LEU B 574 -8.59 -2.32 -22.67
N CYS B 575 -8.20 -3.42 -22.05
CA CYS B 575 -7.04 -3.41 -21.16
C CYS B 575 -5.78 -3.11 -21.95
N ASP B 576 -4.96 -2.22 -21.40
CA ASP B 576 -3.67 -1.91 -21.99
C ASP B 576 -2.69 -3.04 -21.72
N SER B 577 -1.48 -2.93 -22.25
CA SER B 577 -0.45 -3.90 -21.95
C SER B 577 -0.13 -3.87 -20.47
N ASP B 578 0.44 -4.99 -19.97
CA ASP B 578 0.82 -5.11 -18.54
C ASP B 578 -0.39 -5.54 -17.71
N TRP B 579 -1.60 -5.47 -18.28
CA TRP B 579 -2.82 -5.87 -17.55
C TRP B 579 -3.77 -6.64 -18.48
N THR B 580 -4.66 -7.45 -17.91
CA THR B 580 -5.64 -8.20 -18.73
C THR B 580 -6.84 -8.56 -17.87
N GLY B 581 -7.88 -9.10 -18.48
CA GLY B 581 -9.10 -9.49 -17.72
C GLY B 581 -10.27 -8.59 -18.09
N TYR B 582 -11.50 -9.05 -17.83
CA TYR B 582 -12.71 -8.25 -18.14
C TYR B 582 -12.64 -6.95 -17.33
N TYR B 583 -12.15 -7.04 -16.10
CA TYR B 583 -12.02 -5.84 -15.24
C TYR B 583 -10.60 -5.29 -15.35
N CYS B 584 -9.81 -5.81 -16.30
CA CYS B 584 -8.41 -5.34 -16.49
C CYS B 584 -7.72 -5.26 -15.13
N ASN B 585 -7.82 -6.30 -14.32
CA ASN B 585 -7.24 -6.28 -12.95
C ASN B 585 -6.24 -7.43 -12.82
N CYS B 586 -6.21 -8.35 -13.79
CA CYS B 586 -5.22 -9.46 -13.77
C CYS B 586 -3.93 -8.98 -14.43
N THR B 587 -2.83 -8.92 -13.66
CA THR B 587 -1.57 -8.38 -14.22
C THR B 587 -0.90 -9.45 -15.05
N THR B 588 -0.15 -9.02 -16.08
CA THR B 588 0.60 -9.99 -16.91
C THR B 588 2.00 -10.10 -16.34
N ARG B 589 2.33 -9.31 -15.32
CA ARG B 589 3.66 -9.39 -14.68
C ARG B 589 3.81 -10.74 -13.97
N THR B 590 4.94 -11.44 -14.19
CA THR B 590 5.17 -12.74 -13.54
C THR B 590 6.41 -12.65 -12.68
N ASP B 591 6.84 -11.42 -12.38
CA ASP B 591 8.08 -11.24 -11.57
C ASP B 591 7.88 -11.86 -10.19
N THR B 592 6.66 -11.78 -9.66
CA THR B 592 6.36 -12.36 -8.33
C THR B 592 6.62 -13.85 -8.34
N CYS B 593 6.17 -14.55 -9.39
CA CYS B 593 6.39 -16.01 -9.51
C CYS B 593 7.89 -16.32 -9.41
N MET B 594 8.71 -15.59 -10.16
CA MET B 594 10.16 -15.92 -10.20
C MET B 594 10.63 -16.24 -8.78
N SER B 595 11.10 -17.47 -8.57
CA SER B 595 11.55 -17.91 -7.22
C SER B 595 13.08 -18.02 -7.20
N SER B 596 13.68 -18.00 -6.01
CA SER B 596 15.14 -18.18 -5.90
C SER B 596 15.58 -19.35 -6.79
N ASN B 597 14.69 -20.33 -6.98
CA ASN B 597 15.06 -21.50 -7.76
C ASN B 597 15.36 -21.13 -9.21
N GLY B 598 14.76 -20.04 -9.69
CA GLY B 598 15.00 -19.59 -11.07
C GLY B 598 13.90 -20.05 -12.00
N LEU B 599 12.89 -20.73 -11.47
CA LEU B 599 11.74 -21.18 -12.29
C LEU B 599 10.47 -20.45 -11.79
N LEU B 600 9.56 -20.13 -12.72
CA LEU B 600 8.33 -19.39 -12.34
C LEU B 600 7.60 -20.18 -11.24
N CYS B 601 7.41 -19.57 -10.08
CA CYS B 601 6.65 -20.22 -8.97
C CYS B 601 7.28 -21.60 -8.67
N SER B 602 8.61 -21.70 -8.72
CA SER B 602 9.36 -22.95 -8.35
C SER B 602 8.89 -24.20 -9.12
N GLY B 603 8.55 -24.07 -10.40
CA GLY B 603 8.17 -25.22 -11.19
C GLY B 603 7.08 -26.07 -10.60
N ARG B 604 6.54 -25.70 -9.44
CA ARG B 604 5.50 -26.46 -8.77
C ARG B 604 4.11 -25.90 -9.02
N GLY B 605 3.98 -24.91 -9.90
CA GLY B 605 2.68 -24.34 -10.19
C GLY B 605 2.80 -23.26 -11.24
N LYS B 606 1.65 -22.78 -11.70
CA LYS B 606 1.65 -21.74 -12.76
C LYS B 606 1.52 -20.36 -12.11
N CYS B 607 1.40 -19.31 -12.91
CA CYS B 607 1.22 -17.95 -12.35
C CYS B 607 -0.14 -17.39 -12.78
N GLU B 608 -1.01 -17.09 -11.82
CA GLU B 608 -2.30 -16.47 -12.15
C GLU B 608 -2.30 -15.03 -11.62
N CYS B 609 -2.18 -14.05 -12.52
CA CYS B 609 -2.21 -12.62 -12.10
C CYS B 609 -1.18 -12.41 -10.98
N GLY B 610 0.07 -12.78 -11.20
CA GLY B 610 1.13 -12.59 -10.19
C GLY B 610 1.14 -13.72 -9.17
N SER B 611 0.00 -14.00 -8.55
CA SER B 611 -0.07 -15.04 -7.49
C SER B 611 0.32 -16.41 -8.06
N CYS B 612 0.94 -17.27 -7.25
CA CYS B 612 1.33 -18.62 -7.70
C CYS B 612 0.22 -19.63 -7.36
N VAL B 613 -0.16 -20.48 -8.31
CA VAL B 613 -1.15 -21.56 -8.00
C VAL B 613 -0.35 -22.85 -7.81
N CYS B 614 -0.14 -23.28 -6.55
CA CYS B 614 0.72 -24.43 -6.33
C CYS B 614 -0.03 -25.69 -6.74
N ILE B 615 0.06 -26.03 -8.02
CA ILE B 615 -0.56 -27.26 -8.50
C ILE B 615 0.16 -28.50 -7.96
N GLN B 616 1.46 -28.39 -7.70
CA GLN B 616 2.20 -29.52 -7.15
C GLN B 616 1.62 -29.90 -5.79
N PRO B 617 1.26 -31.17 -5.59
CA PRO B 617 0.71 -31.59 -4.28
C PRO B 617 1.74 -31.41 -3.18
N GLY B 618 1.27 -30.91 -2.03
CA GLY B 618 2.13 -30.73 -0.89
C GLY B 618 3.01 -29.50 -0.92
N SER B 619 2.91 -28.69 -1.98
CA SER B 619 3.73 -27.49 -2.10
C SER B 619 2.90 -26.25 -1.81
N TYR B 620 3.51 -25.31 -1.10
CA TYR B 620 2.82 -24.09 -0.71
C TYR B 620 3.85 -22.98 -0.52
N GLY B 621 3.36 -21.81 -0.14
CA GLY B 621 4.19 -20.63 0.01
C GLY B 621 3.82 -19.55 -1.00
N ASP B 622 4.49 -18.41 -0.89
CA ASP B 622 4.21 -17.27 -1.82
C ASP B 622 4.62 -17.69 -3.24
N THR B 623 5.70 -18.46 -3.36
CA THR B 623 6.19 -18.88 -4.68
C THR B 623 6.25 -20.39 -4.73
N CYS B 624 5.33 -21.05 -4.02
CA CYS B 624 5.28 -22.54 -4.02
C CYS B 624 6.70 -23.09 -3.95
N GLU B 625 7.55 -22.49 -3.10
CA GLU B 625 8.93 -22.93 -2.98
C GLU B 625 9.15 -23.91 -1.83
N LYS B 626 8.33 -23.84 -0.79
CA LYS B 626 8.50 -24.69 0.39
C LYS B 626 7.53 -25.87 0.30
N CYS B 627 8.07 -27.08 0.27
CA CYS B 627 7.29 -28.29 0.37
C CYS B 627 8.05 -29.35 1.14
N PRO B 628 7.51 -29.85 2.25
CA PRO B 628 8.19 -30.91 3.02
C PRO B 628 7.76 -32.34 2.70
N THR B 629 6.80 -32.55 1.78
CA THR B 629 6.27 -33.89 1.53
C THR B 629 6.35 -34.24 0.05
N CYS B 630 7.29 -33.66 -0.67
CA CYS B 630 7.53 -33.93 -2.07
C CYS B 630 8.65 -34.95 -2.23
N PRO B 631 8.88 -35.45 -3.45
CA PRO B 631 10.00 -36.36 -3.67
C PRO B 631 11.32 -35.68 -3.31
N ASP B 632 12.22 -36.47 -2.71
CA ASP B 632 13.50 -35.93 -2.28
C ASP B 632 14.35 -35.57 -3.49
N ALA B 633 15.38 -34.76 -3.24
CA ALA B 633 16.29 -34.33 -4.34
C ALA B 633 16.74 -35.57 -5.13
N CYS B 634 17.24 -36.58 -4.43
CA CYS B 634 17.74 -37.80 -5.10
C CYS B 634 16.70 -38.26 -6.14
N THR B 635 15.43 -38.35 -5.74
CA THR B 635 14.37 -38.86 -6.66
C THR B 635 14.58 -38.30 -8.05
N PHE B 636 14.91 -37.01 -8.16
CA PHE B 636 15.02 -36.38 -9.51
C PHE B 636 16.50 -36.11 -9.85
N LYS B 637 17.29 -35.72 -8.84
CA LYS B 637 18.72 -35.39 -9.08
C LYS B 637 19.44 -36.65 -9.62
N LYS B 638 18.87 -37.83 -9.41
CA LYS B 638 19.47 -39.07 -9.97
C LYS B 638 19.52 -38.93 -11.51
N GLU B 639 18.44 -38.42 -12.11
CA GLU B 639 18.41 -38.26 -13.59
C GLU B 639 19.29 -37.05 -13.96
N CYS B 640 19.43 -36.08 -13.05
CA CYS B 640 20.32 -34.93 -13.32
C CYS B 640 21.75 -35.44 -13.55
N VAL B 641 22.22 -36.36 -12.70
CA VAL B 641 23.58 -36.94 -12.90
C VAL B 641 23.55 -37.85 -14.14
N GLU B 642 22.48 -38.63 -14.31
CA GLU B 642 22.36 -39.52 -15.50
C GLU B 642 22.35 -38.66 -16.76
N CYS B 643 21.90 -37.40 -16.65
CA CYS B 643 21.81 -36.49 -17.82
C CYS B 643 23.21 -36.01 -18.23
N LYS B 644 24.09 -35.76 -17.26
CA LYS B 644 25.42 -35.21 -17.56
C LYS B 644 26.53 -36.20 -17.20
N LYS B 645 26.52 -36.68 -15.96
CA LYS B 645 27.57 -37.60 -15.50
C LYS B 645 27.59 -38.87 -16.34
N PHE B 646 26.43 -39.31 -16.79
CA PHE B 646 26.32 -40.50 -17.62
C PHE B 646 25.96 -40.19 -19.07
N ASP B 647 25.13 -39.17 -19.31
CA ASP B 647 24.71 -38.80 -20.67
C ASP B 647 23.99 -39.96 -21.36
N ARG B 648 23.30 -40.79 -20.59
CA ARG B 648 22.71 -42.02 -21.12
C ARG B 648 21.29 -42.16 -20.59
N GLY B 649 20.54 -43.07 -21.20
CA GLY B 649 19.18 -43.35 -20.79
C GLY B 649 18.16 -42.43 -21.42
N ALA B 650 18.14 -41.17 -20.98
CA ALA B 650 17.22 -40.19 -21.61
C ALA B 650 17.54 -38.78 -21.12
N LEU B 651 16.70 -37.81 -21.50
CA LEU B 651 16.86 -36.42 -21.01
C LEU B 651 18.18 -35.79 -21.52
N HIS B 652 19.12 -36.60 -22.00
CA HIS B 652 20.33 -36.00 -22.54
C HIS B 652 20.06 -35.36 -23.90
N ASP B 653 19.09 -35.88 -24.64
CA ASP B 653 18.63 -35.26 -25.87
C ASP B 653 17.46 -34.31 -25.65
N GLU B 654 16.97 -34.21 -24.42
CA GLU B 654 15.85 -33.32 -24.09
C GLU B 654 16.29 -31.96 -23.60
N ASN B 655 17.60 -31.70 -23.57
CA ASN B 655 18.20 -30.45 -23.12
C ASN B 655 18.04 -30.24 -21.60
N THR B 656 17.58 -31.25 -20.87
CA THR B 656 17.44 -31.11 -19.43
C THR B 656 18.78 -30.98 -18.72
N CYS B 657 19.84 -31.58 -19.28
CA CYS B 657 21.15 -31.51 -18.65
C CYS B 657 21.67 -30.09 -18.52
N ASN B 658 21.21 -29.18 -19.38
CA ASN B 658 21.57 -27.77 -19.31
C ASN B 658 20.39 -26.89 -18.96
N ARG B 659 19.24 -27.09 -19.59
CA ARG B 659 18.07 -26.28 -19.28
C ARG B 659 17.60 -26.51 -17.84
N TYR B 660 17.58 -27.76 -17.40
CA TYR B 660 17.08 -28.13 -16.08
C TYR B 660 18.19 -28.43 -15.09
N CYS B 661 19.27 -29.06 -15.52
CA CYS B 661 20.32 -29.52 -14.62
C CYS B 661 21.39 -28.45 -14.52
N ARG B 662 21.28 -27.62 -13.47
CA ARG B 662 22.28 -26.60 -13.16
C ARG B 662 23.33 -27.10 -12.19
N ASP B 663 23.26 -28.38 -11.80
CA ASP B 663 24.25 -28.96 -10.90
C ASP B 663 25.54 -29.22 -11.67
N GLU B 664 26.51 -29.86 -11.00
CA GLU B 664 27.79 -30.19 -11.60
C GLU B 664 27.82 -31.64 -12.04
N ILE B 665 28.78 -31.96 -12.93
CA ILE B 665 28.89 -33.35 -13.46
C ILE B 665 29.62 -34.23 -12.43
N GLU B 666 29.96 -35.47 -12.80
CA GLU B 666 30.65 -36.39 -11.86
C GLU B 666 31.94 -35.73 -11.36
N SER B 667 32.13 -35.72 -10.03
CA SER B 667 33.36 -35.12 -9.45
C SER B 667 34.01 -36.14 -8.50
N VAL B 668 33.58 -36.17 -7.24
CA VAL B 668 34.13 -37.13 -6.24
C VAL B 668 33.01 -37.46 -5.23
N LYS B 669 33.32 -38.25 -4.20
CA LYS B 669 32.32 -38.55 -3.15
C LYS B 669 32.94 -38.22 -1.77
N GLU B 670 33.34 -36.96 -1.58
CA GLU B 670 33.95 -36.54 -0.29
C GLU B 670 33.22 -37.23 0.88
N LEU B 671 31.89 -37.33 0.80
CA LEU B 671 31.08 -37.97 1.87
C LEU B 671 31.44 -37.34 3.22
N LYS B 672 31.73 -36.03 3.23
CA LYS B 672 32.03 -35.32 4.50
C LYS B 672 31.49 -33.89 4.40
N ASP B 673 30.96 -33.52 3.23
CA ASP B 673 30.45 -32.13 3.02
C ASP B 673 29.02 -32.02 3.54
N THR B 674 28.86 -32.06 4.87
CA THR B 674 27.51 -32.00 5.48
C THR B 674 27.29 -30.61 6.04
N GLY B 675 28.17 -29.66 5.73
CA GLY B 675 28.06 -28.30 6.30
C GLY B 675 26.69 -27.72 6.03
N LYS B 676 26.24 -27.76 4.78
CA LYS B 676 24.89 -27.26 4.42
C LYS B 676 24.39 -27.99 3.17
N ASP B 677 23.16 -28.49 3.18
CA ASP B 677 22.61 -29.25 2.02
C ASP B 677 23.41 -30.53 1.84
N ALA B 678 23.12 -31.55 2.65
CA ALA B 678 23.81 -32.86 2.51
C ALA B 678 22.80 -33.93 2.12
N VAL B 679 22.50 -34.02 0.81
CA VAL B 679 21.48 -35.01 0.33
C VAL B 679 22.21 -36.29 -0.11
N ASN B 680 22.31 -37.27 0.78
CA ASN B 680 23.00 -38.55 0.46
C ASN B 680 22.10 -39.39 -0.47
N CYS B 681 22.60 -39.70 -1.66
CA CYS B 681 21.79 -40.47 -2.64
C CYS B 681 22.60 -41.67 -3.16
N THR B 682 22.08 -42.89 -3.00
CA THR B 682 22.77 -44.09 -3.52
C THR B 682 22.03 -44.57 -4.75
N TYR B 683 21.75 -43.65 -5.69
CA TYR B 683 21.03 -44.02 -6.91
C TYR B 683 21.67 -45.24 -7.57
N LYS B 684 20.81 -46.15 -8.03
CA LYS B 684 21.25 -47.36 -8.71
C LYS B 684 21.12 -47.14 -10.22
N ASN B 685 22.24 -47.28 -10.93
CA ASN B 685 22.26 -47.04 -12.36
C ASN B 685 21.89 -48.31 -13.12
N GLU B 686 21.80 -48.18 -14.45
CA GLU B 686 21.52 -49.33 -15.30
C GLU B 686 22.66 -50.35 -15.28
N ASP B 687 23.86 -49.93 -14.91
CA ASP B 687 25.00 -50.83 -14.82
C ASP B 687 25.05 -51.60 -13.51
N ASP B 688 24.12 -51.32 -12.59
CA ASP B 688 24.00 -51.90 -11.25
C ASP B 688 24.97 -51.25 -10.27
N CYS B 689 25.83 -50.33 -10.71
CA CYS B 689 26.70 -49.62 -9.78
C CYS B 689 25.88 -48.76 -8.83
N VAL B 690 26.33 -48.67 -7.59
CA VAL B 690 25.66 -47.85 -6.57
C VAL B 690 26.23 -46.45 -6.72
N VAL B 691 25.59 -45.65 -7.58
CA VAL B 691 26.03 -44.23 -7.79
C VAL B 691 25.78 -43.45 -6.51
N ARG B 692 26.83 -43.24 -5.70
CA ARG B 692 26.68 -42.43 -4.47
C ARG B 692 26.96 -40.96 -4.82
N PHE B 693 25.91 -40.16 -5.05
CA PHE B 693 26.08 -38.73 -5.40
C PHE B 693 25.50 -37.88 -4.27
N GLN B 694 26.11 -36.72 -4.02
CA GLN B 694 25.65 -35.82 -2.92
C GLN B 694 25.24 -34.47 -3.51
N TYR B 695 24.01 -34.04 -3.20
CA TYR B 695 23.55 -32.69 -3.66
C TYR B 695 24.02 -31.68 -2.61
N TYR B 696 24.43 -30.49 -3.06
CA TYR B 696 24.94 -29.45 -2.13
C TYR B 696 24.60 -28.09 -2.68
N GLY B 701 23.35 -19.95 -2.50
CA GLY B 701 22.99 -21.38 -2.48
C GLY B 701 23.15 -22.00 -3.86
N LYS B 702 24.29 -21.77 -4.51
CA LYS B 702 24.52 -22.29 -5.88
C LYS B 702 24.38 -23.82 -5.87
N SER B 703 23.49 -24.36 -6.69
CA SER B 703 23.27 -25.83 -6.73
C SER B 703 24.54 -26.53 -7.22
N ILE B 704 25.14 -27.40 -6.39
CA ILE B 704 26.34 -28.17 -6.81
C ILE B 704 26.11 -29.65 -6.52
N LEU B 705 26.44 -30.53 -7.48
CA LEU B 705 26.21 -31.99 -7.29
C LEU B 705 27.56 -32.70 -7.12
N TYR B 706 27.85 -33.19 -5.93
CA TYR B 706 29.09 -33.98 -5.71
C TYR B 706 28.87 -35.39 -6.23
N VAL B 707 28.79 -35.55 -7.54
CA VAL B 707 28.53 -36.89 -8.14
C VAL B 707 29.80 -37.74 -7.99
N VAL B 708 29.64 -39.02 -7.63
CA VAL B 708 30.81 -39.93 -7.49
C VAL B 708 31.57 -39.96 -8.83
N GLU B 709 32.90 -39.99 -8.77
CA GLU B 709 33.71 -40.08 -10.02
C GLU B 709 33.28 -41.35 -10.79
N GLU B 710 33.26 -42.50 -10.11
CA GLU B 710 32.87 -43.79 -10.75
C GLU B 710 32.13 -44.66 -9.72
N PRO B 711 30.85 -45.04 -9.97
CA PRO B 711 30.08 -45.84 -9.02
C PRO B 711 30.58 -47.28 -8.99
N GLU B 712 30.28 -47.97 -7.88
CA GLU B 712 30.76 -49.36 -7.73
C GLU B 712 29.62 -50.34 -8.05
N CYS B 713 29.82 -51.21 -9.06
CA CYS B 713 28.79 -52.22 -9.40
C CYS B 713 29.03 -53.47 -8.52
N GLY C 1 26.18 -4.11 29.47
CA GLY C 1 24.94 -4.87 29.25
C GLY C 1 24.16 -4.30 28.09
N ARG C 2 24.00 -2.97 28.03
CA ARG C 2 23.27 -2.28 26.94
C ARG C 2 24.17 -1.19 26.34
N GLY C 3 24.08 -0.95 25.04
CA GLY C 3 24.83 0.14 24.37
C GLY C 3 25.93 -0.33 23.46
N ASP C 4 26.83 0.57 23.04
CA ASP C 4 27.98 0.24 22.16
C ASP C 4 29.17 -0.20 23.01
#